data_7QDW
#
_entry.id   7QDW
#
loop_
_entity.id
_entity.type
_entity.pdbx_description
1 polymer 'Zinc finger protein, putative'
2 polymer 'NUFIP1 domain-containing protein'
#
loop_
_entity_poly.entity_id
_entity_poly.type
_entity_poly.pdbx_seq_one_letter_code
_entity_poly.pdbx_strand_id
1 'polypeptide(L)' GPHMDYDMLTEEQKKKLKEDHTLKILLKNNYVREVFKQFTLSNDKIGYLSHYINDPTIVQVIDHIMKTIDDT A
2 'polypeptide(L)' DIYTYEKKLIKSIEYITKNKFFDDS B
#
# COMPACT_ATOMS: atom_id res chain seq x y z
N GLY A 1 -3.40 -18.18 26.26
CA GLY A 1 -3.74 -16.78 26.62
C GLY A 1 -3.89 -15.89 25.39
N PRO A 2 -3.80 -14.55 25.55
CA PRO A 2 -3.90 -13.58 24.47
C PRO A 2 -2.81 -13.72 23.38
N HIS A 3 -3.11 -13.24 22.18
CA HIS A 3 -2.21 -13.23 21.01
C HIS A 3 -2.43 -11.98 20.14
N MET A 4 -1.41 -11.57 19.38
CA MET A 4 -1.46 -10.45 18.42
C MET A 4 -2.36 -10.76 17.22
N ASP A 5 -2.98 -9.72 16.63
CA ASP A 5 -3.85 -9.79 15.45
C ASP A 5 -3.58 -8.62 14.45
N TYR A 6 -2.37 -8.03 14.53
CA TYR A 6 -1.97 -6.79 13.87
C TYR A 6 -1.64 -6.87 12.36
N ASP A 7 -2.11 -7.91 11.66
CA ASP A 7 -1.99 -8.10 10.19
C ASP A 7 -3.21 -7.57 9.41
N MET A 8 -3.87 -6.54 9.95
CA MET A 8 -4.99 -5.80 9.37
C MET A 8 -4.77 -4.29 9.56
N LEU A 9 -5.10 -3.49 8.54
CA LEU A 9 -4.96 -2.02 8.58
C LEU A 9 -6.00 -1.41 9.53
N THR A 10 -5.54 -0.63 10.53
CA THR A 10 -6.41 -0.02 11.56
C THR A 10 -7.11 1.25 11.08
N GLU A 11 -8.13 1.70 11.81
CA GLU A 11 -8.82 2.97 11.52
C GLU A 11 -7.90 4.20 11.61
N GLU A 12 -6.93 4.19 12.51
CA GLU A 12 -5.92 5.24 12.66
C GLU A 12 -4.92 5.25 11.50
N GLN A 13 -4.50 4.07 11.02
CA GLN A 13 -3.64 3.93 9.84
C GLN A 13 -4.38 4.33 8.55
N LYS A 14 -5.65 3.93 8.39
CA LYS A 14 -6.56 4.39 7.30
C LYS A 14 -6.69 5.92 7.26
N LYS A 15 -6.96 6.55 8.41
CA LYS A 15 -7.03 8.00 8.57
C LYS A 15 -5.73 8.70 8.18
N LYS A 16 -4.57 8.19 8.62
CA LYS A 16 -3.26 8.75 8.29
C LYS A 16 -2.88 8.61 6.82
N LEU A 17 -3.30 7.53 6.14
CA LEU A 17 -3.16 7.43 4.69
C LEU A 17 -4.04 8.46 3.94
N LYS A 18 -5.35 8.54 4.24
CA LYS A 18 -6.29 9.38 3.47
C LYS A 18 -6.14 10.89 3.68
N GLU A 19 -5.71 11.31 4.87
CA GLU A 19 -5.48 12.73 5.22
C GLU A 19 -4.08 13.25 4.86
N ASP A 20 -3.10 12.36 4.62
CA ASP A 20 -1.79 12.75 4.12
C ASP A 20 -1.86 13.02 2.60
N HIS A 21 -1.56 14.26 2.19
CA HIS A 21 -1.65 14.70 0.80
C HIS A 21 -0.34 14.51 0.01
N THR A 22 0.81 14.39 0.68
CA THR A 22 2.10 14.04 0.05
C THR A 22 2.06 12.64 -0.58
N LEU A 23 1.37 11.69 0.06
CA LEU A 23 1.09 10.36 -0.50
C LEU A 23 0.32 10.43 -1.82
N LYS A 24 -0.68 11.31 -1.91
CA LYS A 24 -1.51 11.47 -3.11
C LYS A 24 -0.70 11.94 -4.32
N ILE A 25 0.34 12.76 -4.12
CA ILE A 25 1.26 13.18 -5.19
C ILE A 25 1.97 11.97 -5.83
N LEU A 26 2.39 11.00 -5.01
CA LEU A 26 3.03 9.76 -5.46
C LEU A 26 2.06 8.82 -6.17
N LEU A 27 0.82 8.71 -5.67
CA LEU A 27 -0.23 7.87 -6.26
C LEU A 27 -0.79 8.44 -7.56
N LYS A 28 -0.75 9.77 -7.75
CA LYS A 28 -1.13 10.46 -9.00
C LYS A 28 -0.24 10.10 -10.19
N ASN A 29 0.94 9.52 -9.98
CA ASN A 29 1.72 8.91 -11.06
C ASN A 29 0.91 7.80 -11.75
N ASN A 30 0.70 7.90 -13.06
CA ASN A 30 -0.12 6.93 -13.82
C ASN A 30 0.50 5.51 -13.80
N TYR A 31 1.83 5.41 -13.64
CA TYR A 31 2.54 4.15 -13.51
C TYR A 31 2.31 3.48 -12.15
N VAL A 32 2.03 4.24 -11.09
CA VAL A 32 1.70 3.72 -9.75
C VAL A 32 0.26 3.24 -9.71
N ARG A 33 -0.69 4.03 -10.20
CA ARG A 33 -2.12 3.66 -10.11
C ARG A 33 -2.45 2.39 -10.91
N GLU A 34 -1.79 2.16 -12.04
CA GLU A 34 -1.98 0.93 -12.83
C GLU A 34 -1.44 -0.31 -12.11
N VAL A 35 -0.26 -0.22 -11.46
CA VAL A 35 0.34 -1.39 -10.77
C VAL A 35 -0.41 -1.69 -9.46
N PHE A 36 -0.87 -0.66 -8.73
CA PHE A 36 -1.71 -0.82 -7.54
C PHE A 36 -3.06 -1.48 -7.87
N LYS A 37 -3.70 -1.07 -8.98
CA LYS A 37 -4.98 -1.64 -9.44
C LYS A 37 -4.84 -3.08 -9.94
N GLN A 38 -3.76 -3.43 -10.65
CA GLN A 38 -3.50 -4.81 -11.06
C GLN A 38 -3.15 -5.73 -9.88
N PHE A 39 -2.51 -5.20 -8.83
CA PHE A 39 -2.09 -5.95 -7.66
C PHE A 39 -3.25 -6.65 -6.94
N THR A 40 -4.37 -5.94 -6.75
CA THR A 40 -5.52 -6.49 -5.97
C THR A 40 -6.31 -7.56 -6.73
N LEU A 41 -6.20 -7.58 -8.06
CA LEU A 41 -6.86 -8.55 -8.95
C LEU A 41 -6.00 -9.81 -9.18
N SER A 42 -4.70 -9.74 -8.90
CA SER A 42 -3.78 -10.89 -8.90
C SER A 42 -4.19 -11.96 -7.86
N ASN A 43 -3.90 -13.22 -8.17
CA ASN A 43 -4.13 -14.37 -7.28
C ASN A 43 -2.93 -14.68 -6.35
N ASP A 44 -1.77 -14.07 -6.60
CA ASP A 44 -0.52 -14.29 -5.84
C ASP A 44 0.12 -12.95 -5.45
N LYS A 45 -0.42 -12.32 -4.41
CA LYS A 45 -0.03 -10.99 -3.90
C LYS A 45 1.47 -10.90 -3.58
N ILE A 46 2.01 -11.93 -2.92
CA ILE A 46 3.44 -12.03 -2.54
C ILE A 46 4.33 -12.15 -3.79
N GLY A 47 3.90 -12.91 -4.80
CA GLY A 47 4.59 -13.04 -6.09
C GLY A 47 4.59 -11.74 -6.90
N TYR A 48 3.49 -10.99 -6.86
CA TYR A 48 3.39 -9.66 -7.45
C TYR A 48 4.30 -8.62 -6.77
N LEU A 49 4.32 -8.58 -5.43
CA LEU A 49 5.18 -7.65 -4.67
C LEU A 49 6.67 -7.93 -4.97
N SER A 50 7.05 -9.20 -5.13
CA SER A 50 8.43 -9.62 -5.47
C SER A 50 8.91 -9.15 -6.86
N HIS A 51 8.01 -8.72 -7.76
CA HIS A 51 8.37 -8.05 -9.03
C HIS A 51 8.57 -6.54 -8.85
N TYR A 52 8.00 -5.93 -7.80
CA TYR A 52 8.02 -4.48 -7.55
C TYR A 52 9.05 -4.02 -6.50
N ILE A 53 9.58 -4.91 -5.66
CA ILE A 53 10.77 -4.61 -4.80
C ILE A 53 12.02 -4.23 -5.63
N ASN A 54 12.03 -4.60 -6.91
CA ASN A 54 13.09 -4.30 -7.88
C ASN A 54 12.84 -3.01 -8.70
N ASP A 55 11.69 -2.33 -8.54
CA ASP A 55 11.32 -1.16 -9.35
C ASP A 55 11.54 0.17 -8.60
N PRO A 56 12.32 1.14 -9.13
CA PRO A 56 12.70 2.35 -8.38
C PRO A 56 11.56 3.36 -8.19
N THR A 57 10.53 3.32 -9.02
CA THR A 57 9.32 4.15 -8.87
C THR A 57 8.38 3.53 -7.83
N ILE A 58 8.11 2.23 -7.91
CA ILE A 58 7.17 1.56 -6.99
C ILE A 58 7.74 1.42 -5.58
N VAL A 59 9.06 1.23 -5.44
CA VAL A 59 9.74 1.22 -4.12
C VAL A 59 9.58 2.55 -3.38
N GLN A 60 9.58 3.69 -4.07
CA GLN A 60 9.57 5.02 -3.44
C GLN A 60 8.19 5.39 -2.87
N VAL A 61 7.13 5.01 -3.57
CA VAL A 61 5.74 5.17 -3.10
C VAL A 61 5.40 4.19 -1.98
N ILE A 62 5.83 2.92 -2.09
CA ILE A 62 5.70 1.93 -1.02
C ILE A 62 6.40 2.41 0.24
N ASP A 63 7.62 2.95 0.13
CA ASP A 63 8.38 3.43 1.29
C ASP A 63 7.64 4.56 2.04
N HIS A 64 6.95 5.45 1.32
CA HIS A 64 6.15 6.54 1.90
C HIS A 64 4.86 6.03 2.57
N ILE A 65 4.17 5.05 1.97
CA ILE A 65 3.00 4.37 2.55
C ILE A 65 3.39 3.65 3.85
N MET A 66 4.46 2.85 3.78
CA MET A 66 4.98 2.08 4.92
C MET A 66 5.50 2.98 6.05
N LYS A 67 6.03 4.18 5.76
CA LYS A 67 6.34 5.20 6.76
C LYS A 67 5.07 5.75 7.40
N THR A 68 4.07 6.12 6.59
CA THR A 68 2.80 6.72 7.07
C THR A 68 2.04 5.83 8.06
N ILE A 69 1.99 4.51 7.83
CA ILE A 69 1.33 3.55 8.74
C ILE A 69 2.18 3.15 9.96
N ASP A 70 3.51 3.30 9.90
CA ASP A 70 4.42 3.09 11.04
C ASP A 70 4.47 4.32 11.98
N ASP A 71 4.16 5.50 11.44
CA ASP A 71 4.15 6.81 12.12
C ASP A 71 2.80 7.10 12.79
N THR A 72 2.18 6.07 13.39
CA THR A 72 0.95 6.12 14.20
C THR A 72 1.13 6.87 15.52
N ASP B 1 12.57 -8.84 8.38
CA ASP B 1 12.11 -9.86 7.40
C ASP B 1 11.04 -9.28 6.47
N ILE B 2 10.94 -9.81 5.24
CA ILE B 2 10.02 -9.28 4.21
C ILE B 2 8.56 -9.69 4.47
N TYR B 3 8.31 -10.90 4.96
CA TYR B 3 6.96 -11.47 5.07
C TYR B 3 6.08 -10.79 6.13
N THR B 4 6.68 -10.25 7.20
CA THR B 4 5.97 -9.44 8.21
C THR B 4 5.70 -8.01 7.74
N TYR B 5 6.59 -7.47 6.90
CA TYR B 5 6.46 -6.13 6.29
C TYR B 5 5.35 -6.11 5.21
N GLU B 6 5.29 -7.15 4.37
CA GLU B 6 4.30 -7.27 3.28
C GLU B 6 2.85 -7.31 3.78
N LYS B 7 2.57 -7.89 4.95
CA LYS B 7 1.19 -8.00 5.47
C LYS B 7 0.57 -6.64 5.80
N LYS B 8 1.37 -5.65 6.20
CA LYS B 8 0.92 -4.26 6.44
C LYS B 8 0.80 -3.48 5.13
N LEU B 9 1.75 -3.72 4.22
CA LEU B 9 1.85 -3.14 2.88
C LEU B 9 0.63 -3.47 2.01
N ILE B 10 0.26 -4.75 1.93
CA ILE B 10 -0.80 -5.24 1.05
C ILE B 10 -2.19 -4.76 1.51
N LYS B 11 -2.42 -4.67 2.83
CA LYS B 11 -3.65 -4.07 3.37
C LYS B 11 -3.72 -2.54 3.19
N SER B 12 -2.59 -1.87 2.98
CA SER B 12 -2.55 -0.48 2.50
C SER B 12 -2.91 -0.38 1.02
N ILE B 13 -2.36 -1.24 0.14
CA ILE B 13 -2.74 -1.31 -1.29
C ILE B 13 -4.27 -1.51 -1.42
N GLU B 14 -4.82 -2.51 -0.72
CA GLU B 14 -6.23 -2.89 -0.78
C GLU B 14 -7.17 -1.82 -0.19
N TYR B 15 -6.69 -0.92 0.67
CA TYR B 15 -7.43 0.26 1.13
C TYR B 15 -7.35 1.44 0.14
N ILE B 16 -6.14 1.77 -0.34
CA ILE B 16 -5.87 2.89 -1.26
C ILE B 16 -6.63 2.71 -2.59
N THR B 17 -6.65 1.48 -3.12
CA THR B 17 -7.36 1.11 -4.36
C THR B 17 -8.88 1.17 -4.20
N LYS B 18 -9.43 0.66 -3.09
CA LYS B 18 -10.88 0.63 -2.82
C LYS B 18 -11.48 2.03 -2.67
N ASN B 19 -10.70 2.96 -2.10
CA ASN B 19 -11.08 4.37 -1.92
C ASN B 19 -10.62 5.27 -3.09
N LYS B 20 -9.90 4.72 -4.08
CA LYS B 20 -9.46 5.36 -5.34
C LYS B 20 -8.77 6.72 -5.10
N PHE B 21 -7.74 6.75 -4.25
CA PHE B 21 -7.05 7.97 -3.79
C PHE B 21 -6.59 8.90 -4.94
N PHE B 22 -6.22 8.32 -6.08
CA PHE B 22 -5.69 8.98 -7.28
C PHE B 22 -6.77 9.52 -8.25
N ASP B 23 -8.06 9.19 -8.07
CA ASP B 23 -9.14 9.49 -9.01
C ASP B 23 -10.12 10.52 -8.41
N ASP B 24 -10.15 11.71 -9.01
CA ASP B 24 -10.98 12.85 -8.56
C ASP B 24 -12.45 12.80 -9.07
N SER B 25 -12.73 12.04 -10.14
CA SER B 25 -14.05 11.96 -10.81
C SER B 25 -15.10 11.19 -10.00
N GLY A 1 -11.91 -14.18 22.35
CA GLY A 1 -10.95 -13.06 22.19
C GLY A 1 -9.71 -13.52 21.40
N PRO A 2 -9.44 -12.94 20.21
CA PRO A 2 -8.29 -13.31 19.38
C PRO A 2 -6.92 -13.13 20.05
N HIS A 3 -5.93 -13.92 19.63
CA HIS A 3 -4.55 -13.90 20.12
C HIS A 3 -3.57 -13.05 19.27
N MET A 4 -4.04 -12.48 18.15
CA MET A 4 -3.21 -11.74 17.18
C MET A 4 -2.69 -10.40 17.75
N ASP A 5 -1.46 -10.03 17.38
CA ASP A 5 -0.72 -8.85 17.86
C ASP A 5 -0.93 -7.60 16.97
N TYR A 6 -2.19 -7.37 16.55
CA TYR A 6 -2.65 -6.22 15.76
C TYR A 6 -1.78 -5.87 14.54
N ASP A 7 -1.22 -6.90 13.87
CA ASP A 7 -0.26 -6.80 12.76
C ASP A 7 -0.90 -6.47 11.38
N MET A 8 -1.95 -5.64 11.39
CA MET A 8 -2.70 -5.17 10.22
C MET A 8 -2.93 -3.64 10.24
N LEU A 9 -3.49 -3.09 9.16
CA LEU A 9 -3.81 -1.65 9.06
C LEU A 9 -4.96 -1.27 10.00
N THR A 10 -4.71 -0.36 10.95
CA THR A 10 -5.71 0.07 11.96
C THR A 10 -6.66 1.14 11.44
N GLU A 11 -7.77 1.37 12.16
CA GLU A 11 -8.75 2.42 11.84
C GLU A 11 -8.15 3.83 11.83
N GLU A 12 -7.12 4.08 12.65
CA GLU A 12 -6.42 5.37 12.70
C GLU A 12 -5.34 5.49 11.61
N GLN A 13 -4.69 4.39 11.22
CA GLN A 13 -3.76 4.35 10.08
C GLN A 13 -4.49 4.55 8.74
N LYS A 14 -5.71 4.00 8.59
CA LYS A 14 -6.63 4.26 7.46
C LYS A 14 -6.96 5.75 7.29
N LYS A 15 -7.22 6.46 8.40
CA LYS A 15 -7.43 7.92 8.39
C LYS A 15 -6.18 8.69 7.97
N LYS A 16 -4.99 8.27 8.41
CA LYS A 16 -3.71 8.93 8.08
C LYS A 16 -3.33 8.75 6.60
N LEU A 17 -3.64 7.59 6.01
CA LEU A 17 -3.50 7.32 4.57
C LEU A 17 -4.31 8.32 3.71
N LYS A 18 -5.58 8.57 4.05
CA LYS A 18 -6.46 9.46 3.25
C LYS A 18 -6.25 10.95 3.50
N GLU A 19 -5.96 11.34 4.75
CA GLU A 19 -5.75 12.74 5.13
C GLU A 19 -4.37 13.27 4.71
N ASP A 20 -3.34 12.41 4.61
CA ASP A 20 -2.01 12.84 4.16
C ASP A 20 -2.01 13.15 2.64
N HIS A 21 -1.68 14.40 2.29
CA HIS A 21 -1.67 14.88 0.91
C HIS A 21 -0.39 14.52 0.15
N THR A 22 0.76 14.39 0.82
CA THR A 22 2.05 14.03 0.19
C THR A 22 2.02 12.63 -0.43
N LEU A 23 1.31 11.68 0.18
CA LEU A 23 1.03 10.36 -0.41
C LEU A 23 0.31 10.50 -1.76
N LYS A 24 -0.75 11.31 -1.84
CA LYS A 24 -1.49 11.53 -3.08
C LYS A 24 -0.65 12.17 -4.20
N ILE A 25 0.41 12.93 -3.88
CA ILE A 25 1.37 13.46 -4.88
C ILE A 25 2.14 12.31 -5.57
N LEU A 26 2.53 11.27 -4.82
CA LEU A 26 3.18 10.08 -5.37
C LEU A 26 2.20 9.22 -6.20
N LEU A 27 0.93 9.19 -5.78
CA LEU A 27 -0.17 8.53 -6.51
C LEU A 27 -0.63 9.30 -7.77
N LYS A 28 -0.13 10.52 -8.03
CA LYS A 28 -0.30 11.23 -9.33
C LYS A 28 0.36 10.48 -10.50
N ASN A 29 1.33 9.61 -10.22
CA ASN A 29 2.04 8.81 -11.23
C ASN A 29 1.10 7.76 -11.84
N ASN A 30 0.95 7.79 -13.17
CA ASN A 30 0.17 6.82 -13.94
C ASN A 30 0.73 5.39 -13.82
N TYR A 31 2.05 5.27 -13.62
CA TYR A 31 2.75 4.00 -13.46
C TYR A 31 2.48 3.35 -12.09
N VAL A 32 2.17 4.15 -11.07
CA VAL A 32 1.81 3.64 -9.72
C VAL A 32 0.35 3.19 -9.70
N ARG A 33 -0.58 4.00 -10.23
CA ARG A 33 -2.02 3.68 -10.18
C ARG A 33 -2.37 2.43 -10.98
N GLU A 34 -1.66 2.14 -12.07
CA GLU A 34 -1.86 0.89 -12.82
C GLU A 34 -1.38 -0.34 -12.05
N VAL A 35 -0.21 -0.29 -11.41
CA VAL A 35 0.37 -1.45 -10.70
C VAL A 35 -0.37 -1.73 -9.39
N PHE A 36 -0.81 -0.70 -8.66
CA PHE A 36 -1.58 -0.84 -7.41
C PHE A 36 -2.96 -1.48 -7.64
N LYS A 37 -3.62 -1.18 -8.77
CA LYS A 37 -4.93 -1.77 -9.12
C LYS A 37 -4.81 -3.21 -9.61
N GLN A 38 -3.90 -3.48 -10.54
CA GLN A 38 -3.61 -4.85 -11.03
C GLN A 38 -3.16 -5.80 -9.91
N PHE A 39 -2.50 -5.28 -8.86
CA PHE A 39 -2.09 -6.05 -7.68
C PHE A 39 -3.25 -6.78 -7.00
N THR A 40 -4.40 -6.12 -6.83
CA THR A 40 -5.57 -6.70 -6.14
C THR A 40 -6.29 -7.77 -6.97
N LEU A 41 -6.14 -7.75 -8.29
CA LEU A 41 -6.75 -8.71 -9.23
C LEU A 41 -5.92 -9.98 -9.41
N SER A 42 -4.63 -9.94 -9.06
CA SER A 42 -3.72 -11.09 -9.09
C SER A 42 -4.18 -12.23 -8.15
N ASN A 43 -3.93 -13.48 -8.54
CA ASN A 43 -4.17 -14.66 -7.69
C ASN A 43 -3.06 -14.90 -6.64
N ASP A 44 -1.87 -14.30 -6.82
CA ASP A 44 -0.72 -14.42 -5.92
C ASP A 44 -0.11 -13.05 -5.64
N LYS A 45 -0.61 -12.38 -4.59
CA LYS A 45 -0.18 -11.04 -4.17
C LYS A 45 1.31 -10.99 -3.81
N ILE A 46 1.83 -12.01 -3.12
CA ILE A 46 3.24 -12.10 -2.71
C ILE A 46 4.14 -12.18 -3.95
N GLY A 47 3.81 -13.05 -4.91
CA GLY A 47 4.52 -13.16 -6.19
C GLY A 47 4.46 -11.89 -7.04
N TYR A 48 3.36 -11.14 -6.97
CA TYR A 48 3.20 -9.86 -7.67
C TYR A 48 4.08 -8.76 -7.07
N LEU A 49 4.15 -8.63 -5.74
CA LEU A 49 4.97 -7.61 -5.07
C LEU A 49 6.46 -7.88 -5.27
N SER A 50 6.87 -9.15 -5.39
CA SER A 50 8.27 -9.52 -5.68
C SER A 50 8.80 -8.93 -6.99
N HIS A 51 7.92 -8.58 -7.95
CA HIS A 51 8.28 -7.88 -9.20
C HIS A 51 8.37 -6.34 -9.04
N TYR A 52 7.89 -5.78 -7.92
CA TYR A 52 7.83 -4.34 -7.64
C TYR A 52 8.73 -3.88 -6.49
N ILE A 53 9.13 -4.75 -5.55
CA ILE A 53 10.23 -4.47 -4.59
C ILE A 53 11.59 -4.26 -5.29
N ASN A 54 11.69 -4.73 -6.54
CA ASN A 54 12.84 -4.54 -7.44
C ASN A 54 12.67 -3.35 -8.41
N ASP A 55 11.59 -2.57 -8.34
CA ASP A 55 11.31 -1.41 -9.21
C ASP A 55 11.56 -0.07 -8.49
N PRO A 56 12.40 0.85 -9.02
CA PRO A 56 12.80 2.08 -8.30
C PRO A 56 11.68 3.12 -8.16
N THR A 57 10.68 3.10 -9.03
CA THR A 57 9.49 3.99 -8.95
C THR A 57 8.50 3.46 -7.91
N ILE A 58 8.21 2.14 -7.92
CA ILE A 58 7.24 1.55 -6.98
C ILE A 58 7.80 1.46 -5.57
N VAL A 59 9.11 1.23 -5.40
CA VAL A 59 9.79 1.26 -4.08
C VAL A 59 9.67 2.64 -3.41
N GLN A 60 9.69 3.73 -4.17
CA GLN A 60 9.70 5.10 -3.64
C GLN A 60 8.36 5.48 -3.01
N VAL A 61 7.26 5.06 -3.63
CA VAL A 61 5.89 5.25 -3.12
C VAL A 61 5.54 4.27 -1.99
N ILE A 62 5.98 3.01 -2.08
CA ILE A 62 5.88 2.00 -1.01
C ILE A 62 6.54 2.53 0.27
N ASP A 63 7.73 3.11 0.16
CA ASP A 63 8.47 3.64 1.31
C ASP A 63 7.67 4.74 2.05
N HIS A 64 6.98 5.61 1.32
CA HIS A 64 6.16 6.68 1.88
C HIS A 64 4.85 6.16 2.52
N ILE A 65 4.19 5.17 1.92
CA ILE A 65 3.02 4.49 2.50
C ILE A 65 3.39 3.83 3.83
N MET A 66 4.46 3.04 3.81
CA MET A 66 4.94 2.32 5.01
C MET A 66 5.49 3.28 6.10
N LYS A 67 5.99 4.47 5.72
CA LYS A 67 6.32 5.55 6.66
C LYS A 67 5.06 6.15 7.28
N THR A 68 4.02 6.42 6.50
CA THR A 68 2.75 7.04 6.98
C THR A 68 2.08 6.19 8.07
N ILE A 69 2.07 4.87 7.93
CA ILE A 69 1.43 3.95 8.89
C ILE A 69 2.31 3.63 10.11
N ASP A 70 3.63 3.76 9.99
CA ASP A 70 4.58 3.60 11.10
C ASP A 70 4.71 4.87 11.95
N ASP A 71 4.61 6.04 11.33
CA ASP A 71 4.60 7.38 11.95
C ASP A 71 3.20 7.77 12.46
N THR A 72 2.44 6.77 12.97
CA THR A 72 1.09 6.90 13.54
C THR A 72 1.12 7.53 14.95
N ASP B 1 13.20 -10.92 7.77
CA ASP B 1 12.04 -11.59 7.15
C ASP B 1 11.37 -10.69 6.11
N ILE B 2 10.83 -11.28 5.04
CA ILE B 2 10.02 -10.59 4.01
C ILE B 2 8.52 -10.62 4.30
N TYR B 3 7.96 -11.72 4.79
CA TYR B 3 6.51 -11.92 4.86
C TYR B 3 5.80 -11.00 5.87
N THR B 4 6.47 -10.62 6.96
CA THR B 4 5.99 -9.56 7.87
C THR B 4 5.86 -8.19 7.17
N TYR B 5 6.81 -7.86 6.27
CA TYR B 5 6.85 -6.60 5.54
C TYR B 5 5.79 -6.55 4.43
N GLU B 6 5.55 -7.70 3.77
CA GLU B 6 4.49 -7.88 2.77
C GLU B 6 3.10 -7.61 3.34
N LYS B 7 2.72 -8.26 4.46
CA LYS B 7 1.34 -8.25 4.97
C LYS B 7 0.85 -6.84 5.35
N LYS B 8 1.67 -6.05 6.05
CA LYS B 8 1.35 -4.65 6.43
C LYS B 8 1.21 -3.73 5.21
N LEU B 9 2.02 -3.94 4.18
CA LEU B 9 1.94 -3.20 2.92
C LEU B 9 0.71 -3.59 2.10
N ILE B 10 0.35 -4.88 2.03
CA ILE B 10 -0.79 -5.38 1.24
C ILE B 10 -2.13 -4.87 1.79
N LYS B 11 -2.30 -4.81 3.12
CA LYS B 11 -3.46 -4.16 3.76
C LYS B 11 -3.57 -2.67 3.40
N SER B 12 -2.43 -1.99 3.19
CA SER B 12 -2.38 -0.60 2.74
C SER B 12 -2.75 -0.48 1.25
N ILE B 13 -2.20 -1.32 0.37
CA ILE B 13 -2.52 -1.35 -1.08
C ILE B 13 -4.04 -1.53 -1.27
N GLU B 14 -4.62 -2.54 -0.60
CA GLU B 14 -6.06 -2.85 -0.65
C GLU B 14 -6.96 -1.73 -0.11
N TYR B 15 -6.46 -0.86 0.77
CA TYR B 15 -7.21 0.31 1.26
C TYR B 15 -7.12 1.51 0.29
N ILE B 16 -5.93 1.75 -0.27
CA ILE B 16 -5.68 2.81 -1.27
C ILE B 16 -6.53 2.58 -2.54
N THR B 17 -6.66 1.33 -3.00
CA THR B 17 -7.51 0.96 -4.15
C THR B 17 -9.01 1.07 -3.83
N LYS B 18 -9.47 0.61 -2.67
CA LYS B 18 -10.88 0.67 -2.23
C LYS B 18 -11.41 2.10 -2.15
N ASN B 19 -10.57 3.03 -1.70
CA ASN B 19 -10.89 4.47 -1.57
C ASN B 19 -10.45 5.30 -2.80
N LYS B 20 -9.89 4.65 -3.85
CA LYS B 20 -9.53 5.24 -5.16
C LYS B 20 -8.70 6.53 -5.06
N PHE B 21 -7.65 6.55 -4.24
CA PHE B 21 -6.86 7.76 -3.95
C PHE B 21 -6.24 8.41 -5.22
N PHE B 22 -5.96 7.60 -6.25
CA PHE B 22 -5.35 8.01 -7.52
C PHE B 22 -6.33 8.56 -8.57
N ASP B 23 -7.66 8.41 -8.41
CA ASP B 23 -8.63 8.79 -9.44
C ASP B 23 -8.93 10.31 -9.51
N ASP B 24 -7.89 11.07 -9.88
CA ASP B 24 -7.94 12.51 -10.19
C ASP B 24 -8.40 12.83 -11.64
N SER B 25 -8.38 11.82 -12.53
CA SER B 25 -8.73 11.90 -13.95
C SER B 25 -10.15 12.40 -14.23
N GLY A 1 -12.93 -3.61 27.35
CA GLY A 1 -13.55 -4.08 26.09
C GLY A 1 -12.50 -4.40 25.03
N PRO A 2 -12.88 -4.39 23.73
CA PRO A 2 -11.99 -4.67 22.60
C PRO A 2 -10.82 -3.67 22.44
N HIS A 3 -9.79 -4.08 21.69
CA HIS A 3 -8.61 -3.29 21.35
C HIS A 3 -8.14 -3.51 19.89
N MET A 4 -7.21 -2.67 19.42
CA MET A 4 -6.61 -2.79 18.08
C MET A 4 -5.72 -4.03 17.95
N ASP A 5 -5.53 -4.49 16.71
CA ASP A 5 -4.60 -5.56 16.32
C ASP A 5 -3.80 -5.13 15.09
N TYR A 6 -2.48 -4.96 15.25
CA TYR A 6 -1.60 -4.29 14.27
C TYR A 6 -1.02 -5.21 13.18
N ASP A 7 -1.56 -6.43 13.05
CA ASP A 7 -1.22 -7.38 11.98
C ASP A 7 -1.90 -7.04 10.64
N MET A 8 -2.84 -6.09 10.68
CA MET A 8 -3.55 -5.48 9.56
C MET A 8 -3.67 -3.96 9.75
N LEU A 9 -4.09 -3.24 8.70
CA LEU A 9 -4.25 -1.78 8.71
C LEU A 9 -5.39 -1.35 9.65
N THR A 10 -5.09 -0.53 10.66
CA THR A 10 -6.05 -0.04 11.66
C THR A 10 -6.85 1.18 11.17
N GLU A 11 -7.94 1.54 11.85
CA GLU A 11 -8.73 2.73 11.55
C GLU A 11 -7.91 4.03 11.65
N GLU A 12 -6.95 4.10 12.57
CA GLU A 12 -6.05 5.25 12.73
C GLU A 12 -5.04 5.34 11.58
N GLN A 13 -4.53 4.19 11.12
CA GLN A 13 -3.62 4.12 9.96
C GLN A 13 -4.36 4.42 8.63
N LYS A 14 -5.62 3.97 8.48
CA LYS A 14 -6.53 4.36 7.37
C LYS A 14 -6.73 5.87 7.29
N LYS A 15 -7.02 6.52 8.43
CA LYS A 15 -7.14 7.98 8.53
C LYS A 15 -5.85 8.70 8.10
N LYS A 16 -4.69 8.22 8.55
CA LYS A 16 -3.38 8.79 8.20
C LYS A 16 -3.07 8.68 6.70
N LEU A 17 -3.43 7.58 6.02
CA LEU A 17 -3.26 7.44 4.58
C LEU A 17 -4.19 8.39 3.80
N LYS A 18 -5.48 8.46 4.14
CA LYS A 18 -6.44 9.27 3.37
C LYS A 18 -6.24 10.77 3.57
N GLU A 19 -5.92 11.22 4.78
CA GLU A 19 -5.71 12.63 5.10
C GLU A 19 -4.36 13.18 4.60
N ASP A 20 -3.32 12.34 4.49
CA ASP A 20 -1.99 12.80 4.02
C ASP A 20 -2.00 13.13 2.51
N HIS A 21 -1.65 14.37 2.16
CA HIS A 21 -1.68 14.86 0.78
C HIS A 21 -0.38 14.57 0.01
N THR A 22 0.78 14.49 0.68
CA THR A 22 2.08 14.13 0.07
C THR A 22 2.05 12.73 -0.56
N LEU A 23 1.33 11.79 0.05
CA LEU A 23 1.05 10.47 -0.54
C LEU A 23 0.39 10.58 -1.92
N LYS A 24 -0.63 11.43 -2.07
CA LYS A 24 -1.34 11.61 -3.34
C LYS A 24 -0.44 12.15 -4.47
N ILE A 25 0.62 12.92 -4.16
CA ILE A 25 1.60 13.41 -5.15
C ILE A 25 2.37 12.23 -5.79
N LEU A 26 2.66 11.19 -5.02
CA LEU A 26 3.28 9.95 -5.49
C LEU A 26 2.30 9.07 -6.29
N LEU A 27 1.01 9.09 -5.91
CA LEU A 27 -0.08 8.39 -6.61
C LEU A 27 -0.51 9.10 -7.93
N LYS A 28 -0.08 10.34 -8.21
CA LYS A 28 -0.28 11.02 -9.51
C LYS A 28 0.48 10.36 -10.67
N ASN A 29 1.48 9.52 -10.39
CA ASN A 29 2.12 8.68 -11.39
C ASN A 29 1.10 7.68 -11.98
N ASN A 30 0.94 7.68 -13.30
CA ASN A 30 0.03 6.77 -14.02
C ASN A 30 0.51 5.31 -13.99
N TYR A 31 1.81 5.08 -13.73
CA TYR A 31 2.35 3.75 -13.51
C TYR A 31 1.94 3.19 -12.14
N VAL A 32 2.01 3.99 -11.08
CA VAL A 32 1.64 3.55 -9.72
C VAL A 32 0.19 3.12 -9.64
N ARG A 33 -0.73 3.92 -10.21
CA ARG A 33 -2.17 3.61 -10.18
C ARG A 33 -2.53 2.33 -10.94
N GLU A 34 -1.88 2.07 -12.09
CA GLU A 34 -2.10 0.81 -12.81
C GLU A 34 -1.55 -0.41 -12.05
N VAL A 35 -0.35 -0.33 -11.46
CA VAL A 35 0.25 -1.48 -10.75
C VAL A 35 -0.46 -1.77 -9.43
N PHE A 36 -0.92 -0.74 -8.70
CA PHE A 36 -1.74 -0.93 -7.49
C PHE A 36 -3.12 -1.54 -7.82
N LYS A 37 -3.79 -1.09 -8.88
CA LYS A 37 -5.09 -1.61 -9.30
C LYS A 37 -5.04 -3.04 -9.88
N GLN A 38 -3.94 -3.40 -10.56
CA GLN A 38 -3.71 -4.78 -11.02
C GLN A 38 -3.30 -5.73 -9.89
N PHE A 39 -2.62 -5.22 -8.85
CA PHE A 39 -2.16 -6.03 -7.71
C PHE A 39 -3.30 -6.74 -6.98
N THR A 40 -4.41 -6.05 -6.70
CA THR A 40 -5.55 -6.60 -5.97
C THR A 40 -6.31 -7.69 -6.74
N LEU A 41 -6.20 -7.69 -8.08
CA LEU A 41 -6.84 -8.65 -8.97
C LEU A 41 -5.95 -9.87 -9.27
N SER A 42 -4.64 -9.78 -8.98
CA SER A 42 -3.66 -10.85 -9.19
C SER A 42 -3.96 -12.11 -8.34
N ASN A 43 -3.64 -13.28 -8.89
CA ASN A 43 -3.83 -14.58 -8.24
C ASN A 43 -2.84 -14.85 -7.08
N ASP A 44 -1.66 -14.22 -7.11
CA ASP A 44 -0.62 -14.34 -6.07
C ASP A 44 -0.06 -12.96 -5.71
N LYS A 45 -0.43 -12.45 -4.51
CA LYS A 45 -0.05 -11.12 -4.03
C LYS A 45 1.44 -11.01 -3.74
N ILE A 46 2.00 -11.98 -3.00
CA ILE A 46 3.44 -12.03 -2.68
C ILE A 46 4.29 -12.17 -3.97
N GLY A 47 3.83 -13.03 -4.90
CA GLY A 47 4.46 -13.25 -6.20
C GLY A 47 4.41 -12.04 -7.15
N TYR A 48 3.49 -11.09 -6.93
CA TYR A 48 3.49 -9.78 -7.60
C TYR A 48 4.40 -8.77 -6.89
N LEU A 49 4.33 -8.67 -5.56
CA LEU A 49 5.11 -7.69 -4.77
C LEU A 49 6.61 -7.88 -4.94
N SER A 50 7.07 -9.12 -5.08
CA SER A 50 8.50 -9.45 -5.32
C SER A 50 9.08 -8.84 -6.62
N HIS A 51 8.25 -8.48 -7.61
CA HIS A 51 8.67 -7.74 -8.81
C HIS A 51 8.69 -6.21 -8.60
N TYR A 52 7.98 -5.70 -7.59
CA TYR A 52 7.81 -4.27 -7.31
C TYR A 52 8.74 -3.74 -6.20
N ILE A 53 9.18 -4.60 -5.27
CA ILE A 53 10.31 -4.29 -4.35
C ILE A 53 11.65 -4.07 -5.09
N ASN A 54 11.72 -4.52 -6.34
CA ASN A 54 12.85 -4.36 -7.26
C ASN A 54 12.65 -3.19 -8.27
N ASP A 55 11.58 -2.40 -8.18
CA ASP A 55 11.31 -1.25 -9.06
C ASP A 55 11.54 0.10 -8.35
N PRO A 56 12.38 1.01 -8.89
CA PRO A 56 12.76 2.24 -8.18
C PRO A 56 11.63 3.27 -8.01
N THR A 57 10.61 3.25 -8.87
CA THR A 57 9.43 4.13 -8.72
C THR A 57 8.44 3.53 -7.72
N ILE A 58 8.15 2.23 -7.81
CA ILE A 58 7.18 1.58 -6.90
C ILE A 58 7.73 1.47 -5.47
N VAL A 59 9.03 1.26 -5.29
CA VAL A 59 9.70 1.34 -3.96
C VAL A 59 9.56 2.73 -3.34
N GLN A 60 9.57 3.81 -4.14
CA GLN A 60 9.57 5.19 -3.64
C GLN A 60 8.22 5.57 -3.02
N VAL A 61 7.13 5.10 -3.62
CA VAL A 61 5.76 5.29 -3.13
C VAL A 61 5.42 4.33 -1.99
N ILE A 62 5.85 3.06 -2.07
CA ILE A 62 5.72 2.08 -0.98
C ILE A 62 6.43 2.57 0.29
N ASP A 63 7.63 3.13 0.17
CA ASP A 63 8.39 3.61 1.32
C ASP A 63 7.65 4.73 2.08
N HIS A 64 6.95 5.61 1.36
CA HIS A 64 6.14 6.68 1.95
C HIS A 64 4.86 6.18 2.61
N ILE A 65 4.18 5.20 1.99
CA ILE A 65 3.01 4.50 2.56
C ILE A 65 3.38 3.80 3.86
N MET A 66 4.43 2.97 3.79
CA MET A 66 4.92 2.20 4.93
C MET A 66 5.45 3.09 6.07
N LYS A 67 6.04 4.25 5.76
CA LYS A 67 6.40 5.28 6.76
C LYS A 67 5.17 5.90 7.42
N THR A 68 4.12 6.23 6.63
CA THR A 68 2.88 6.85 7.13
C THR A 68 2.17 5.98 8.17
N ILE A 69 2.12 4.67 7.96
CA ILE A 69 1.47 3.73 8.88
C ILE A 69 2.36 3.30 10.07
N ASP A 70 3.68 3.37 9.92
CA ASP A 70 4.65 3.03 10.99
C ASP A 70 4.84 4.20 11.99
N ASP A 71 4.80 5.44 11.50
CA ASP A 71 4.90 6.67 12.30
C ASP A 71 3.51 7.14 12.81
N THR A 72 2.68 6.18 13.20
CA THR A 72 1.30 6.38 13.70
C THR A 72 1.26 6.90 15.14
N ASP B 1 14.63 -11.49 6.33
CA ASP B 1 13.16 -11.54 6.59
C ASP B 1 12.40 -10.68 5.59
N ILE B 2 11.13 -11.02 5.33
CA ILE B 2 10.25 -10.28 4.40
C ILE B 2 8.76 -10.35 4.80
N TYR B 3 8.21 -11.53 5.13
CA TYR B 3 6.77 -11.79 5.15
C TYR B 3 5.96 -10.93 6.14
N THR B 4 6.55 -10.51 7.26
CA THR B 4 5.93 -9.62 8.25
C THR B 4 5.71 -8.20 7.72
N TYR B 5 6.57 -7.74 6.79
CA TYR B 5 6.48 -6.43 6.13
C TYR B 5 5.41 -6.42 5.02
N GLU B 6 5.26 -7.54 4.31
CA GLU B 6 4.31 -7.68 3.18
C GLU B 6 2.85 -7.50 3.62
N LYS B 7 2.45 -8.03 4.78
CA LYS B 7 1.04 -8.00 5.24
C LYS B 7 0.52 -6.57 5.40
N LYS B 8 1.25 -5.74 6.14
CA LYS B 8 0.93 -4.31 6.39
C LYS B 8 0.89 -3.51 5.08
N LEU B 9 1.80 -3.82 4.16
CA LEU B 9 1.91 -3.21 2.82
C LEU B 9 0.68 -3.56 1.97
N ILE B 10 0.27 -4.83 1.91
CA ILE B 10 -0.86 -5.31 1.09
C ILE B 10 -2.20 -4.78 1.61
N LYS B 11 -2.40 -4.71 2.94
CA LYS B 11 -3.58 -4.02 3.51
C LYS B 11 -3.64 -2.54 3.14
N SER B 12 -2.49 -1.88 2.99
CA SER B 12 -2.42 -0.48 2.50
C SER B 12 -2.74 -0.37 1.00
N ILE B 13 -2.22 -1.26 0.15
CA ILE B 13 -2.58 -1.32 -1.28
C ILE B 13 -4.11 -1.42 -1.43
N GLU B 14 -4.73 -2.39 -0.76
CA GLU B 14 -6.18 -2.63 -0.78
C GLU B 14 -7.01 -1.42 -0.31
N TYR B 15 -6.53 -0.64 0.68
CA TYR B 15 -7.24 0.54 1.16
C TYR B 15 -7.15 1.72 0.18
N ILE B 16 -5.96 1.94 -0.41
CA ILE B 16 -5.70 2.98 -1.42
C ILE B 16 -6.53 2.74 -2.69
N THR B 17 -6.65 1.48 -3.15
CA THR B 17 -7.48 1.12 -4.30
C THR B 17 -8.99 1.21 -4.01
N LYS B 18 -9.47 0.70 -2.87
CA LYS B 18 -10.90 0.65 -2.51
C LYS B 18 -11.56 2.02 -2.39
N ASN B 19 -10.79 2.99 -1.88
CA ASN B 19 -11.23 4.39 -1.70
C ASN B 19 -10.87 5.30 -2.88
N LYS B 20 -10.36 4.75 -3.99
CA LYS B 20 -9.98 5.45 -5.23
C LYS B 20 -9.12 6.70 -5.00
N PHE B 21 -8.00 6.55 -4.29
CA PHE B 21 -7.06 7.66 -4.04
C PHE B 21 -6.52 8.30 -5.34
N PHE B 22 -6.54 7.55 -6.45
CA PHE B 22 -6.09 7.96 -7.77
C PHE B 22 -6.99 9.00 -8.46
N ASP B 23 -8.30 9.00 -8.16
CA ASP B 23 -9.34 9.74 -8.89
C ASP B 23 -10.58 9.99 -8.01
N ASP B 24 -10.98 11.26 -7.84
CA ASP B 24 -12.13 11.67 -7.02
C ASP B 24 -13.51 11.19 -7.54
N SER B 25 -13.56 10.62 -8.75
CA SER B 25 -14.70 9.90 -9.36
C SER B 25 -16.02 10.72 -9.40
N GLY A 1 0.04 -10.70 24.31
CA GLY A 1 0.87 -9.50 24.56
C GLY A 1 0.59 -8.39 23.55
N PRO A 2 0.98 -7.14 23.84
CA PRO A 2 0.79 -5.99 22.94
C PRO A 2 1.64 -6.09 21.68
N HIS A 3 1.15 -5.47 20.59
CA HIS A 3 1.80 -5.45 19.26
C HIS A 3 2.07 -6.85 18.64
N MET A 4 1.24 -7.84 19.00
CA MET A 4 1.28 -9.22 18.48
C MET A 4 0.05 -9.51 17.60
N ASP A 5 0.22 -10.32 16.55
CA ASP A 5 -0.79 -10.71 15.55
C ASP A 5 -1.59 -9.55 14.92
N TYR A 6 -1.02 -8.34 14.93
CA TYR A 6 -1.63 -7.08 14.52
C TYR A 6 -1.38 -6.69 13.04
N ASP A 7 -1.14 -7.69 12.18
CA ASP A 7 -0.53 -7.56 10.84
C ASP A 7 -1.41 -6.92 9.73
N MET A 8 -2.45 -6.18 10.09
CA MET A 8 -3.45 -5.59 9.18
C MET A 8 -3.49 -4.05 9.33
N LEU A 9 -4.11 -3.37 8.35
CA LEU A 9 -4.33 -1.92 8.37
C LEU A 9 -5.46 -1.54 9.35
N THR A 10 -5.16 -0.65 10.30
CA THR A 10 -6.10 -0.15 11.34
C THR A 10 -6.84 1.11 10.91
N GLU A 11 -7.89 1.50 11.64
CA GLU A 11 -8.61 2.75 11.43
C GLU A 11 -7.73 4.01 11.59
N GLU A 12 -6.74 3.96 12.49
CA GLU A 12 -5.77 5.04 12.69
C GLU A 12 -4.77 5.13 11.53
N GLN A 13 -4.33 3.98 11.01
CA GLN A 13 -3.46 3.92 9.83
C GLN A 13 -4.21 4.37 8.55
N LYS A 14 -5.49 4.00 8.38
CA LYS A 14 -6.36 4.51 7.30
C LYS A 14 -6.48 6.03 7.30
N LYS A 15 -6.70 6.63 8.47
CA LYS A 15 -6.74 8.09 8.66
C LYS A 15 -5.42 8.75 8.26
N LYS A 16 -4.28 8.21 8.71
CA LYS A 16 -2.95 8.74 8.36
C LYS A 16 -2.63 8.65 6.86
N LEU A 17 -3.08 7.61 6.17
CA LEU A 17 -2.96 7.50 4.70
C LEU A 17 -3.83 8.54 3.98
N LYS A 18 -5.14 8.57 4.25
CA LYS A 18 -6.11 9.37 3.47
C LYS A 18 -6.03 10.88 3.66
N GLU A 19 -5.67 11.32 4.87
CA GLU A 19 -5.54 12.74 5.24
C GLU A 19 -4.20 13.34 4.77
N ASP A 20 -3.17 12.52 4.55
CA ASP A 20 -1.85 12.99 4.10
C ASP A 20 -1.84 13.40 2.62
N HIS A 21 -1.34 14.60 2.33
CA HIS A 21 -1.34 15.17 0.98
C HIS A 21 -0.13 14.74 0.13
N THR A 22 1.04 14.54 0.75
CA THR A 22 2.29 14.11 0.09
C THR A 22 2.16 12.72 -0.56
N LEU A 23 1.43 11.79 0.06
CA LEU A 23 1.10 10.49 -0.51
C LEU A 23 0.30 10.63 -1.82
N LYS A 24 -0.69 11.51 -1.86
CA LYS A 24 -1.50 11.74 -3.06
C LYS A 24 -0.67 12.26 -4.24
N ILE A 25 0.43 12.99 -4.02
CA ILE A 25 1.36 13.41 -5.08
C ILE A 25 2.04 12.19 -5.75
N LEU A 26 2.37 11.15 -4.97
CA LEU A 26 2.95 9.89 -5.48
C LEU A 26 1.89 9.04 -6.20
N LEU A 27 0.65 9.03 -5.69
CA LEU A 27 -0.49 8.30 -6.29
C LEU A 27 -1.09 9.02 -7.53
N LYS A 28 -0.73 10.29 -7.76
CA LYS A 28 -0.99 11.04 -9.02
C LYS A 28 -0.13 10.55 -10.20
N ASN A 29 0.89 9.72 -9.97
CA ASN A 29 1.65 9.07 -11.04
C ASN A 29 0.77 8.00 -11.72
N ASN A 30 0.72 7.99 -13.05
CA ASN A 30 -0.03 6.99 -13.83
C ASN A 30 0.61 5.60 -13.76
N TYR A 31 1.93 5.52 -13.54
CA TYR A 31 2.69 4.28 -13.41
C TYR A 31 2.43 3.57 -12.07
N VAL A 32 2.08 4.32 -11.03
CA VAL A 32 1.73 3.76 -9.70
C VAL A 32 0.29 3.23 -9.69
N ARG A 33 -0.67 4.01 -10.19
CA ARG A 33 -2.10 3.60 -10.17
C ARG A 33 -2.36 2.34 -10.98
N GLU A 34 -1.64 2.14 -12.10
CA GLU A 34 -1.76 0.91 -12.88
C GLU A 34 -1.24 -0.33 -12.13
N VAL A 35 -0.10 -0.23 -11.43
CA VAL A 35 0.48 -1.37 -10.71
C VAL A 35 -0.30 -1.70 -9.43
N PHE A 36 -0.83 -0.68 -8.73
CA PHE A 36 -1.69 -0.87 -7.56
C PHE A 36 -3.04 -1.50 -7.94
N LYS A 37 -3.67 -1.06 -9.04
CA LYS A 37 -4.97 -1.58 -9.49
C LYS A 37 -4.88 -3.00 -10.08
N GLN A 38 -3.78 -3.38 -10.72
CA GLN A 38 -3.53 -4.75 -11.16
C GLN A 38 -3.21 -5.71 -9.99
N PHE A 39 -2.62 -5.21 -8.90
CA PHE A 39 -2.26 -6.01 -7.72
C PHE A 39 -3.45 -6.71 -7.07
N THR A 40 -4.58 -6.00 -6.91
CA THR A 40 -5.81 -6.56 -6.30
C THR A 40 -6.47 -7.64 -7.15
N LEU A 41 -6.23 -7.66 -8.46
CA LEU A 41 -6.74 -8.66 -9.41
C LEU A 41 -5.82 -9.89 -9.55
N SER A 42 -4.55 -9.77 -9.16
CA SER A 42 -3.54 -10.84 -9.25
C SER A 42 -3.80 -12.00 -8.28
N ASN A 43 -3.32 -13.20 -8.62
CA ASN A 43 -3.66 -14.46 -7.93
C ASN A 43 -2.74 -14.79 -6.73
N ASP A 44 -1.52 -14.23 -6.68
CA ASP A 44 -0.53 -14.45 -5.62
C ASP A 44 0.08 -13.11 -5.20
N LYS A 45 -0.36 -12.55 -4.07
CA LYS A 45 0.03 -11.20 -3.62
C LYS A 45 1.51 -11.08 -3.29
N ILE A 46 2.07 -12.07 -2.59
CA ILE A 46 3.49 -12.11 -2.22
C ILE A 46 4.36 -12.27 -3.47
N GLY A 47 3.94 -13.12 -4.41
CA GLY A 47 4.62 -13.30 -5.70
C GLY A 47 4.60 -12.04 -6.57
N TYR A 48 3.48 -11.31 -6.60
CA TYR A 48 3.33 -10.09 -7.38
C TYR A 48 4.09 -8.88 -6.78
N LEU A 49 4.15 -8.77 -5.45
CA LEU A 49 4.97 -7.76 -4.76
C LEU A 49 6.47 -7.98 -5.00
N SER A 50 6.90 -9.25 -5.08
CA SER A 50 8.28 -9.63 -5.41
C SER A 50 8.76 -9.20 -6.80
N HIS A 51 7.85 -8.78 -7.69
CA HIS A 51 8.19 -8.15 -8.98
C HIS A 51 8.45 -6.63 -8.88
N TYR A 52 7.96 -5.96 -7.83
CA TYR A 52 7.95 -4.50 -7.67
C TYR A 52 8.99 -3.97 -6.66
N ILE A 53 9.51 -4.82 -5.76
CA ILE A 53 10.64 -4.49 -4.86
C ILE A 53 11.92 -4.04 -5.57
N ASN A 54 12.02 -4.33 -6.88
CA ASN A 54 13.16 -3.95 -7.72
C ASN A 54 12.86 -2.79 -8.71
N ASP A 55 11.63 -2.27 -8.75
CA ASP A 55 11.22 -1.12 -9.56
C ASP A 55 11.27 0.18 -8.73
N PRO A 56 12.20 1.11 -8.98
CA PRO A 56 12.51 2.21 -8.05
C PRO A 56 11.33 3.15 -7.81
N THR A 57 10.52 3.45 -8.85
CA THR A 57 9.31 4.29 -8.74
C THR A 57 8.28 3.70 -7.77
N ILE A 58 8.08 2.38 -7.80
CA ILE A 58 7.15 1.67 -6.91
C ILE A 58 7.71 1.55 -5.49
N VAL A 59 9.03 1.40 -5.36
CA VAL A 59 9.72 1.42 -4.06
C VAL A 59 9.58 2.77 -3.35
N GLN A 60 9.52 3.91 -4.06
CA GLN A 60 9.41 5.23 -3.40
C GLN A 60 8.04 5.40 -2.72
N VAL A 61 6.98 5.02 -3.43
CA VAL A 61 5.60 5.14 -2.97
C VAL A 61 5.26 4.10 -1.90
N ILE A 62 5.71 2.84 -2.05
CA ILE A 62 5.61 1.81 -1.01
C ILE A 62 6.32 2.29 0.26
N ASP A 63 7.53 2.83 0.15
CA ASP A 63 8.25 3.34 1.33
C ASP A 63 7.45 4.47 2.01
N HIS A 64 6.90 5.41 1.25
CA HIS A 64 6.11 6.53 1.79
C HIS A 64 4.82 6.05 2.50
N ILE A 65 4.10 5.09 1.93
CA ILE A 65 2.93 4.42 2.55
C ILE A 65 3.34 3.75 3.87
N MET A 66 4.39 2.91 3.81
CA MET A 66 4.87 2.13 4.98
C MET A 66 5.42 3.01 6.11
N LYS A 67 6.00 4.17 5.78
CA LYS A 67 6.44 5.20 6.73
C LYS A 67 5.29 6.03 7.31
N THR A 68 4.22 6.23 6.52
CA THR A 68 2.99 6.93 6.97
C THR A 68 2.22 6.11 8.00
N ILE A 69 2.13 4.78 7.83
CA ILE A 69 1.47 3.89 8.81
C ILE A 69 2.33 3.62 10.06
N ASP A 70 3.66 3.72 9.95
CA ASP A 70 4.60 3.56 11.08
C ASP A 70 4.48 4.70 12.11
N ASP A 71 3.95 5.84 11.69
CA ASP A 71 3.68 7.03 12.53
C ASP A 71 2.46 6.88 13.48
N THR A 72 1.80 5.71 13.47
CA THR A 72 0.67 5.36 14.37
C THR A 72 1.06 5.39 15.86
N ASP B 1 13.56 -10.26 7.94
CA ASP B 1 12.68 -11.13 7.10
C ASP B 1 11.67 -10.28 6.32
N ILE B 2 11.21 -10.78 5.16
CA ILE B 2 10.26 -10.08 4.28
C ILE B 2 8.80 -10.21 4.75
N TYR B 3 8.35 -11.40 5.18
CA TYR B 3 6.92 -11.73 5.33
C TYR B 3 6.17 -10.91 6.40
N THR B 4 6.89 -10.40 7.41
CA THR B 4 6.36 -9.49 8.44
C THR B 4 6.03 -8.09 7.90
N TYR B 5 6.71 -7.65 6.84
CA TYR B 5 6.53 -6.35 6.20
C TYR B 5 5.38 -6.35 5.16
N GLU B 6 5.17 -7.47 4.48
CA GLU B 6 4.20 -7.59 3.37
C GLU B 6 2.73 -7.37 3.78
N LYS B 7 2.34 -7.76 5.00
CA LYS B 7 0.92 -7.92 5.36
C LYS B 7 0.20 -6.57 5.51
N LYS B 8 0.79 -5.62 6.25
CA LYS B 8 0.30 -4.23 6.34
C LYS B 8 0.43 -3.47 5.01
N LEU B 9 1.47 -3.78 4.22
CA LEU B 9 1.69 -3.22 2.87
C LEU B 9 0.52 -3.58 1.94
N ILE B 10 0.15 -4.86 1.88
CA ILE B 10 -0.93 -5.36 1.03
C ILE B 10 -2.31 -4.87 1.50
N LYS B 11 -2.57 -4.79 2.81
CA LYS B 11 -3.79 -4.15 3.33
C LYS B 11 -3.84 -2.65 3.01
N SER B 12 -2.69 -1.97 2.92
CA SER B 12 -2.61 -0.59 2.42
C SER B 12 -2.94 -0.49 0.92
N ILE B 13 -2.41 -1.38 0.07
CA ILE B 13 -2.76 -1.45 -1.37
C ILE B 13 -4.28 -1.60 -1.53
N GLU B 14 -4.87 -2.61 -0.90
CA GLU B 14 -6.31 -2.92 -0.96
C GLU B 14 -7.21 -1.77 -0.45
N TYR B 15 -6.75 -0.96 0.49
CA TYR B 15 -7.48 0.23 0.99
C TYR B 15 -7.37 1.41 0.02
N ILE B 16 -6.18 1.71 -0.49
CA ILE B 16 -5.89 2.81 -1.42
C ILE B 16 -6.65 2.64 -2.75
N THR B 17 -6.70 1.42 -3.28
CA THR B 17 -7.46 1.10 -4.51
C THR B 17 -8.97 1.22 -4.32
N LYS B 18 -9.54 0.62 -3.26
CA LYS B 18 -10.98 0.54 -3.01
C LYS B 18 -11.62 1.91 -2.77
N ASN B 19 -10.88 2.82 -2.12
CA ASN B 19 -11.28 4.21 -1.87
C ASN B 19 -10.81 5.18 -2.97
N LYS B 20 -10.19 4.68 -4.04
CA LYS B 20 -9.77 5.40 -5.24
C LYS B 20 -9.02 6.72 -4.94
N PHE B 21 -7.95 6.64 -4.14
CA PHE B 21 -7.06 7.77 -3.82
C PHE B 21 -6.52 8.49 -5.09
N PHE B 22 -6.46 7.76 -6.21
CA PHE B 22 -6.03 8.21 -7.54
C PHE B 22 -6.85 9.40 -8.09
N ASP B 23 -8.08 9.59 -7.62
CA ASP B 23 -8.95 10.73 -7.96
C ASP B 23 -9.55 11.35 -6.69
N ASP B 24 -9.14 12.58 -6.36
CA ASP B 24 -9.47 13.24 -5.08
C ASP B 24 -10.91 13.83 -5.03
N SER B 25 -11.58 13.98 -6.18
CA SER B 25 -12.95 14.53 -6.32
C SER B 25 -14.04 13.57 -5.81
N GLY A 1 -3.23 -15.64 16.25
CA GLY A 1 -1.89 -15.07 15.98
C GLY A 1 -1.12 -14.80 17.28
N PRO A 2 0.23 -14.76 17.22
CA PRO A 2 1.09 -14.57 18.39
C PRO A 2 0.92 -13.16 19.01
N HIS A 3 0.85 -13.11 20.35
CA HIS A 3 0.58 -11.94 21.20
C HIS A 3 -0.79 -11.26 21.00
N MET A 4 -1.16 -10.90 19.77
CA MET A 4 -2.41 -10.23 19.40
C MET A 4 -2.81 -10.52 17.94
N ASP A 5 -4.11 -10.50 17.63
CA ASP A 5 -4.69 -10.76 16.31
C ASP A 5 -4.81 -9.51 15.40
N TYR A 6 -3.94 -8.51 15.62
CA TYR A 6 -3.93 -7.19 14.96
C TYR A 6 -3.35 -7.18 13.52
N ASP A 7 -3.55 -8.26 12.76
CA ASP A 7 -3.14 -8.41 11.35
C ASP A 7 -4.15 -7.74 10.39
N MET A 8 -4.51 -6.49 10.69
CA MET A 8 -5.35 -5.61 9.86
C MET A 8 -4.90 -4.15 9.89
N LEU A 9 -5.25 -3.41 8.85
CA LEU A 9 -5.11 -1.95 8.80
C LEU A 9 -6.12 -1.27 9.78
N THR A 10 -5.61 -0.47 10.73
CA THR A 10 -6.45 0.17 11.77
C THR A 10 -7.16 1.42 11.26
N GLU A 11 -8.18 1.89 11.99
CA GLU A 11 -8.89 3.14 11.68
C GLU A 11 -7.98 4.37 11.70
N GLU A 12 -6.98 4.39 12.59
CA GLU A 12 -5.96 5.44 12.65
C GLU A 12 -5.03 5.40 11.43
N GLN A 13 -4.60 4.21 11.00
CA GLN A 13 -3.79 4.04 9.79
C GLN A 13 -4.57 4.40 8.52
N LYS A 14 -5.86 4.03 8.42
CA LYS A 14 -6.79 4.45 7.36
C LYS A 14 -6.94 5.97 7.27
N LYS A 15 -7.05 6.66 8.41
CA LYS A 15 -7.08 8.14 8.49
C LYS A 15 -5.76 8.76 8.02
N LYS A 16 -4.61 8.26 8.49
CA LYS A 16 -3.27 8.78 8.11
C LYS A 16 -2.98 8.64 6.62
N LEU A 17 -3.43 7.56 5.98
CA LEU A 17 -3.28 7.35 4.53
C LEU A 17 -4.14 8.32 3.69
N LYS A 18 -5.41 8.57 4.07
CA LYS A 18 -6.28 9.51 3.33
C LYS A 18 -5.93 10.98 3.54
N GLU A 19 -5.53 11.36 4.76
CA GLU A 19 -5.29 12.76 5.15
C GLU A 19 -3.93 13.32 4.70
N ASP A 20 -2.92 12.48 4.43
CA ASP A 20 -1.61 12.93 3.95
C ASP A 20 -1.62 13.15 2.43
N HIS A 21 -1.45 14.41 2.01
CA HIS A 21 -1.46 14.77 0.58
C HIS A 21 -0.17 14.38 -0.16
N THR A 22 0.97 14.22 0.51
CA THR A 22 2.24 13.83 -0.13
C THR A 22 2.16 12.41 -0.70
N LEU A 23 1.44 11.49 -0.03
CA LEU A 23 1.13 10.16 -0.56
C LEU A 23 0.31 10.24 -1.86
N LYS A 24 -0.69 11.13 -1.89
CA LYS A 24 -1.57 11.31 -3.04
C LYS A 24 -0.83 11.87 -4.27
N ILE A 25 0.23 12.67 -4.09
CA ILE A 25 1.14 13.06 -5.20
C ILE A 25 1.85 11.83 -5.81
N LEU A 26 2.34 10.91 -4.97
CA LEU A 26 3.04 9.69 -5.40
C LEU A 26 2.10 8.70 -6.09
N LEU A 27 0.86 8.55 -5.59
CA LEU A 27 -0.18 7.73 -6.22
C LEU A 27 -0.71 8.31 -7.54
N LYS A 28 -0.69 9.64 -7.71
CA LYS A 28 -1.07 10.32 -8.96
C LYS A 28 -0.09 10.09 -10.11
N ASN A 29 1.06 9.42 -9.93
CA ASN A 29 1.79 8.82 -11.04
C ASN A 29 0.90 7.79 -11.77
N ASN A 30 0.75 7.91 -13.09
CA ASN A 30 -0.09 7.00 -13.89
C ASN A 30 0.42 5.55 -13.89
N TYR A 31 1.72 5.35 -13.66
CA TYR A 31 2.31 4.02 -13.49
C TYR A 31 1.99 3.42 -12.11
N VAL A 32 1.90 4.22 -11.05
CA VAL A 32 1.58 3.73 -9.69
C VAL A 32 0.10 3.34 -9.57
N ARG A 33 -0.82 4.14 -10.14
CA ARG A 33 -2.25 3.82 -10.08
C ARG A 33 -2.60 2.53 -10.84
N GLU A 34 -1.95 2.27 -11.98
CA GLU A 34 -2.21 1.03 -12.75
C GLU A 34 -1.67 -0.22 -12.05
N VAL A 35 -0.46 -0.18 -11.48
CA VAL A 35 0.18 -1.36 -10.83
C VAL A 35 -0.49 -1.67 -9.50
N PHE A 36 -0.93 -0.66 -8.74
CA PHE A 36 -1.71 -0.85 -7.52
C PHE A 36 -3.10 -1.45 -7.84
N LYS A 37 -3.78 -0.99 -8.89
CA LYS A 37 -5.10 -1.50 -9.30
C LYS A 37 -5.03 -2.92 -9.90
N GLN A 38 -3.94 -3.27 -10.58
CA GLN A 38 -3.68 -4.64 -11.05
C GLN A 38 -3.32 -5.59 -9.90
N PHE A 39 -2.61 -5.11 -8.87
CA PHE A 39 -2.17 -5.92 -7.72
C PHE A 39 -3.32 -6.65 -7.02
N THR A 40 -4.42 -5.96 -6.75
CA THR A 40 -5.59 -6.52 -6.03
C THR A 40 -6.31 -7.61 -6.81
N LEU A 41 -6.19 -7.61 -8.15
CA LEU A 41 -6.82 -8.56 -9.07
C LEU A 41 -5.93 -9.77 -9.38
N SER A 42 -4.62 -9.65 -9.14
CA SER A 42 -3.65 -10.74 -9.26
C SER A 42 -3.85 -11.82 -8.19
N ASN A 43 -3.48 -13.08 -8.47
CA ASN A 43 -3.77 -14.22 -7.59
C ASN A 43 -2.75 -14.36 -6.44
N ASP A 44 -1.45 -14.43 -6.75
CA ASP A 44 -0.36 -14.66 -5.80
C ASP A 44 0.26 -13.32 -5.37
N LYS A 45 -0.35 -12.67 -4.36
CA LYS A 45 -0.02 -11.30 -3.95
C LYS A 45 1.44 -11.09 -3.59
N ILE A 46 2.02 -12.01 -2.80
CA ILE A 46 3.43 -11.99 -2.39
C ILE A 46 4.37 -12.10 -3.59
N GLY A 47 4.09 -13.03 -4.51
CA GLY A 47 4.86 -13.23 -5.75
C GLY A 47 4.78 -12.04 -6.72
N TYR A 48 3.61 -11.38 -6.79
CA TYR A 48 3.40 -10.17 -7.59
C TYR A 48 4.14 -8.95 -7.01
N LEU A 49 4.14 -8.77 -5.68
CA LEU A 49 4.92 -7.71 -5.00
C LEU A 49 6.42 -7.91 -5.20
N SER A 50 6.88 -9.16 -5.16
CA SER A 50 8.28 -9.56 -5.38
C SER A 50 8.84 -9.20 -6.77
N HIS A 51 7.97 -8.80 -7.73
CA HIS A 51 8.40 -8.21 -9.01
C HIS A 51 8.71 -6.70 -8.88
N TYR A 52 7.97 -5.96 -8.04
CA TYR A 52 8.00 -4.50 -7.98
C TYR A 52 9.00 -3.92 -6.97
N ILE A 53 9.52 -4.75 -6.05
CA ILE A 53 10.67 -4.42 -5.18
C ILE A 53 11.93 -4.03 -5.97
N ASN A 54 11.96 -4.37 -7.25
CA ASN A 54 13.04 -4.10 -8.20
C ASN A 54 12.93 -2.72 -8.90
N ASP A 55 11.78 -2.03 -8.80
CA ASP A 55 11.50 -0.77 -9.51
C ASP A 55 11.68 0.49 -8.63
N PRO A 56 12.44 1.52 -9.07
CA PRO A 56 12.77 2.69 -8.24
C PRO A 56 11.60 3.65 -7.97
N THR A 57 10.55 3.63 -8.79
CA THR A 57 9.31 4.38 -8.51
C THR A 57 8.46 3.64 -7.48
N ILE A 58 8.27 2.32 -7.64
CA ILE A 58 7.41 1.54 -6.74
C ILE A 58 8.04 1.39 -5.35
N VAL A 59 9.36 1.26 -5.24
CA VAL A 59 10.08 1.22 -3.96
C VAL A 59 9.90 2.52 -3.15
N GLN A 60 9.80 3.68 -3.81
CA GLN A 60 9.73 4.99 -3.14
C GLN A 60 8.33 5.30 -2.63
N VAL A 61 7.29 4.97 -3.41
CA VAL A 61 5.89 5.11 -2.97
C VAL A 61 5.55 4.11 -1.87
N ILE A 62 6.02 2.86 -1.95
CA ILE A 62 5.90 1.86 -0.88
C ILE A 62 6.58 2.34 0.40
N ASP A 63 7.80 2.89 0.30
CA ASP A 63 8.52 3.38 1.47
C ASP A 63 7.73 4.49 2.19
N HIS A 64 7.08 5.38 1.43
CA HIS A 64 6.23 6.45 1.95
C HIS A 64 4.92 5.93 2.57
N ILE A 65 4.24 4.95 1.94
CA ILE A 65 3.05 4.28 2.49
C ILE A 65 3.38 3.60 3.83
N MET A 66 4.45 2.81 3.84
CA MET A 66 4.88 2.06 5.02
C MET A 66 5.28 3.00 6.16
N LYS A 67 5.92 4.15 5.86
CA LYS A 67 6.21 5.20 6.85
C LYS A 67 4.97 5.95 7.36
N THR A 68 3.96 6.13 6.50
CA THR A 68 2.68 6.75 6.88
C THR A 68 1.95 5.93 7.97
N ILE A 69 1.97 4.59 7.87
CA ILE A 69 1.38 3.70 8.89
C ILE A 69 2.32 3.43 10.08
N ASP A 70 3.64 3.57 9.89
CA ASP A 70 4.65 3.50 10.97
C ASP A 70 4.52 4.68 11.94
N ASP A 71 4.20 5.87 11.41
CA ASP A 71 3.97 7.11 12.17
C ASP A 71 5.17 7.58 13.05
N THR A 72 6.35 6.98 12.85
CA THR A 72 7.61 7.31 13.54
C THR A 72 8.09 8.75 13.29
N ASP B 1 14.66 -11.37 6.33
CA ASP B 1 13.22 -11.71 6.37
C ASP B 1 12.40 -10.79 5.45
N ILE B 2 11.23 -11.26 5.01
CA ILE B 2 10.33 -10.51 4.10
C ILE B 2 8.84 -10.70 4.43
N TYR B 3 8.39 -11.93 4.71
CA TYR B 3 6.97 -12.33 4.71
C TYR B 3 6.09 -11.63 5.76
N THR B 4 6.67 -11.12 6.85
CA THR B 4 5.98 -10.28 7.86
C THR B 4 5.76 -8.83 7.41
N TYR B 5 6.66 -8.29 6.58
CA TYR B 5 6.63 -6.89 6.13
C TYR B 5 5.59 -6.67 5.02
N GLU B 6 5.41 -7.65 4.13
CA GLU B 6 4.49 -7.57 2.98
C GLU B 6 3.01 -7.48 3.43
N LYS B 7 2.65 -8.03 4.60
CA LYS B 7 1.24 -8.10 5.04
C LYS B 7 0.62 -6.71 5.24
N LYS B 8 1.24 -5.86 6.06
CA LYS B 8 0.76 -4.49 6.35
C LYS B 8 0.75 -3.59 5.09
N LEU B 9 1.71 -3.83 4.20
CA LEU B 9 1.82 -3.21 2.87
C LEU B 9 0.60 -3.57 2.00
N ILE B 10 0.23 -4.85 1.94
CA ILE B 10 -0.91 -5.36 1.15
C ILE B 10 -2.26 -4.87 1.72
N LYS B 11 -2.44 -4.84 3.06
CA LYS B 11 -3.65 -4.23 3.66
C LYS B 11 -3.78 -2.74 3.30
N SER B 12 -2.66 -2.03 3.13
CA SER B 12 -2.65 -0.64 2.65
C SER B 12 -3.01 -0.54 1.17
N ILE B 13 -2.45 -1.39 0.28
CA ILE B 13 -2.83 -1.43 -1.15
C ILE B 13 -4.34 -1.61 -1.31
N GLU B 14 -4.90 -2.63 -0.65
CA GLU B 14 -6.33 -2.97 -0.69
C GLU B 14 -7.25 -1.83 -0.20
N TYR B 15 -6.78 -0.97 0.71
CA TYR B 15 -7.53 0.20 1.17
C TYR B 15 -7.38 1.42 0.24
N ILE B 16 -6.17 1.70 -0.24
CA ILE B 16 -5.88 2.82 -1.17
C ILE B 16 -6.65 2.65 -2.49
N THR B 17 -6.70 1.43 -3.02
CA THR B 17 -7.41 1.10 -4.27
C THR B 17 -8.93 1.19 -4.13
N LYS B 18 -9.50 0.68 -3.02
CA LYS B 18 -10.95 0.69 -2.73
C LYS B 18 -11.53 2.10 -2.63
N ASN B 19 -10.76 3.03 -2.04
CA ASN B 19 -11.14 4.43 -1.83
C ASN B 19 -10.62 5.37 -2.94
N LYS B 20 -9.97 4.84 -3.99
CA LYS B 20 -9.50 5.54 -5.19
C LYS B 20 -8.71 6.83 -4.90
N PHE B 21 -7.62 6.74 -4.13
CA PHE B 21 -6.80 7.92 -3.80
C PHE B 21 -6.12 8.59 -5.01
N PHE B 22 -6.07 7.87 -6.14
CA PHE B 22 -5.53 8.30 -7.43
C PHE B 22 -6.59 8.71 -8.48
N ASP B 23 -7.88 8.45 -8.25
CA ASP B 23 -8.96 8.65 -9.24
C ASP B 23 -10.21 9.30 -8.59
N ASP B 24 -10.53 10.53 -9.01
CA ASP B 24 -11.58 11.37 -8.43
C ASP B 24 -13.03 10.99 -8.83
N SER B 25 -13.20 10.02 -9.76
CA SER B 25 -14.51 9.53 -10.25
C SER B 25 -15.09 8.39 -9.40
N GLY A 1 -6.62 -14.92 24.79
CA GLY A 1 -5.29 -15.16 25.39
C GLY A 1 -4.46 -13.88 25.48
N PRO A 2 -3.25 -13.95 26.06
CA PRO A 2 -2.38 -12.78 26.30
C PRO A 2 -1.63 -12.30 25.05
N HIS A 3 -1.49 -13.15 24.03
CA HIS A 3 -0.76 -12.86 22.79
C HIS A 3 -1.55 -11.94 21.85
N MET A 4 -0.83 -11.25 20.94
CA MET A 4 -1.38 -10.30 19.97
C MET A 4 -0.85 -10.52 18.55
N ASP A 5 -1.65 -10.16 17.55
CA ASP A 5 -1.27 -10.15 16.12
C ASP A 5 -1.98 -8.99 15.40
N TYR A 6 -1.20 -8.07 14.82
CA TYR A 6 -1.65 -6.77 14.29
C TYR A 6 -1.05 -6.44 12.91
N ASP A 7 -0.81 -7.45 12.06
CA ASP A 7 -0.15 -7.31 10.74
C ASP A 7 -1.05 -6.74 9.60
N MET A 8 -2.20 -6.15 9.94
CA MET A 8 -3.16 -5.50 9.03
C MET A 8 -3.18 -3.97 9.19
N LEU A 9 -3.95 -3.31 8.33
CA LEU A 9 -4.17 -1.85 8.38
C LEU A 9 -5.28 -1.50 9.39
N THR A 10 -4.95 -0.74 10.43
CA THR A 10 -5.90 -0.30 11.49
C THR A 10 -6.70 0.94 11.08
N GLU A 11 -7.75 1.29 11.83
CA GLU A 11 -8.52 2.52 11.62
C GLU A 11 -7.68 3.81 11.74
N GLU A 12 -6.67 3.81 12.62
CA GLU A 12 -5.74 4.93 12.78
C GLU A 12 -4.77 5.04 11.59
N GLN A 13 -4.31 3.90 11.06
CA GLN A 13 -3.48 3.86 9.85
C GLN A 13 -4.27 4.23 8.59
N LYS A 14 -5.54 3.80 8.46
CA LYS A 14 -6.49 4.23 7.41
C LYS A 14 -6.69 5.75 7.40
N LYS A 15 -6.89 6.36 8.56
CA LYS A 15 -7.01 7.82 8.73
C LYS A 15 -5.76 8.56 8.22
N LYS A 16 -4.56 8.07 8.55
CA LYS A 16 -3.29 8.64 8.06
C LYS A 16 -3.13 8.49 6.55
N LEU A 17 -3.54 7.37 5.96
CA LEU A 17 -3.53 7.15 4.50
C LEU A 17 -4.43 8.15 3.75
N LYS A 18 -5.67 8.34 4.20
CA LYS A 18 -6.66 9.20 3.51
C LYS A 18 -6.46 10.70 3.72
N GLU A 19 -6.01 11.11 4.90
CA GLU A 19 -5.79 12.54 5.24
C GLU A 19 -4.46 13.09 4.74
N ASP A 20 -3.41 12.26 4.59
CA ASP A 20 -2.09 12.73 4.15
C ASP A 20 -2.07 13.09 2.65
N HIS A 21 -1.68 14.32 2.33
CA HIS A 21 -1.64 14.84 0.96
C HIS A 21 -0.32 14.56 0.21
N THR A 22 0.81 14.40 0.92
CA THR A 22 2.12 14.08 0.31
C THR A 22 2.11 12.70 -0.37
N LEU A 23 1.42 11.73 0.23
CA LEU A 23 1.17 10.42 -0.37
C LEU A 23 0.47 10.54 -1.73
N LYS A 24 -0.57 11.37 -1.83
CA LYS A 24 -1.37 11.56 -3.04
C LYS A 24 -0.56 12.12 -4.21
N ILE A 25 0.50 12.91 -3.95
CA ILE A 25 1.44 13.41 -4.97
C ILE A 25 2.21 12.26 -5.64
N LEU A 26 2.61 11.23 -4.88
CA LEU A 26 3.27 10.03 -5.42
C LEU A 26 2.29 9.15 -6.21
N LEU A 27 1.01 9.16 -5.82
CA LEU A 27 -0.09 8.50 -6.52
C LEU A 27 -0.53 9.24 -7.81
N LYS A 28 -0.02 10.45 -8.12
CA LYS A 28 -0.27 11.14 -9.40
C LYS A 28 0.38 10.43 -10.61
N ASN A 29 1.38 9.59 -10.38
CA ASN A 29 2.00 8.75 -11.43
C ASN A 29 0.95 7.80 -12.04
N ASN A 30 0.85 7.79 -13.37
CA ASN A 30 -0.03 6.87 -14.11
C ASN A 30 0.45 5.42 -14.03
N TYR A 31 1.73 5.21 -13.76
CA TYR A 31 2.33 3.89 -13.54
C TYR A 31 1.92 3.31 -12.17
N VAL A 32 1.92 4.13 -11.12
CA VAL A 32 1.51 3.69 -9.78
C VAL A 32 0.02 3.34 -9.71
N ARG A 33 -0.86 4.12 -10.36
CA ARG A 33 -2.30 3.82 -10.35
C ARG A 33 -2.67 2.59 -11.16
N GLU A 34 -1.93 2.26 -12.22
CA GLU A 34 -2.16 0.98 -12.94
C GLU A 34 -1.64 -0.24 -12.17
N VAL A 35 -0.43 -0.18 -11.60
CA VAL A 35 0.19 -1.36 -10.93
C VAL A 35 -0.47 -1.67 -9.60
N PHE A 36 -0.90 -0.67 -8.83
CA PHE A 36 -1.64 -0.88 -7.57
C PHE A 36 -3.01 -1.52 -7.81
N LYS A 37 -3.70 -1.18 -8.91
CA LYS A 37 -4.98 -1.82 -9.30
C LYS A 37 -4.77 -3.26 -9.75
N GLN A 38 -3.84 -3.48 -10.67
CA GLN A 38 -3.48 -4.82 -11.17
C GLN A 38 -3.05 -5.78 -10.05
N PHE A 39 -2.38 -5.27 -9.02
CA PHE A 39 -2.02 -6.03 -7.82
C PHE A 39 -3.22 -6.68 -7.12
N THR A 40 -4.34 -5.97 -6.99
CA THR A 40 -5.55 -6.48 -6.31
C THR A 40 -6.30 -7.56 -7.11
N LEU A 41 -6.14 -7.56 -8.44
CA LEU A 41 -6.76 -8.54 -9.35
C LEU A 41 -5.97 -9.86 -9.41
N SER A 42 -4.68 -9.83 -9.06
CA SER A 42 -3.82 -11.02 -8.97
C SER A 42 -4.26 -11.99 -7.87
N ASN A 43 -4.12 -13.30 -8.10
CA ASN A 43 -4.35 -14.36 -7.11
C ASN A 43 -3.10 -14.65 -6.25
N ASP A 44 -1.93 -14.11 -6.61
CA ASP A 44 -0.62 -14.34 -5.98
C ASP A 44 0.04 -13.02 -5.53
N LYS A 45 -0.53 -12.39 -4.48
CA LYS A 45 -0.11 -11.08 -3.96
C LYS A 45 1.38 -11.02 -3.61
N ILE A 46 1.90 -12.06 -2.94
CA ILE A 46 3.33 -12.17 -2.56
C ILE A 46 4.22 -12.31 -3.81
N GLY A 47 3.79 -13.12 -4.78
CA GLY A 47 4.47 -13.30 -6.07
C GLY A 47 4.45 -12.05 -6.98
N TYR A 48 3.52 -11.14 -6.76
CA TYR A 48 3.48 -9.81 -7.38
C TYR A 48 4.40 -8.82 -6.66
N LEU A 49 4.33 -8.73 -5.32
CA LEU A 49 5.11 -7.75 -4.56
C LEU A 49 6.60 -8.03 -4.66
N SER A 50 7.02 -9.30 -4.76
CA SER A 50 8.42 -9.69 -4.99
C SER A 50 9.00 -9.21 -6.34
N HIS A 51 8.17 -8.76 -7.28
CA HIS A 51 8.62 -8.01 -8.46
C HIS A 51 8.80 -6.51 -8.12
N TYR A 52 7.86 -5.92 -7.39
CA TYR A 52 7.73 -4.49 -7.16
C TYR A 52 8.72 -3.95 -6.12
N ILE A 53 9.31 -4.82 -5.29
CA ILE A 53 10.46 -4.49 -4.44
C ILE A 53 11.74 -4.12 -5.24
N ASN A 54 11.80 -4.53 -6.53
CA ASN A 54 12.91 -4.23 -7.44
C ASN A 54 12.67 -3.00 -8.34
N ASP A 55 11.43 -2.52 -8.51
CA ASP A 55 11.06 -1.42 -9.40
C ASP A 55 11.14 -0.04 -8.70
N PRO A 56 12.02 0.89 -9.12
CA PRO A 56 12.45 2.01 -8.27
C PRO A 56 11.36 3.06 -7.99
N THR A 57 10.50 3.38 -8.97
CA THR A 57 9.35 4.28 -8.74
C THR A 57 8.37 3.66 -7.74
N ILE A 58 8.17 2.34 -7.83
CA ILE A 58 7.26 1.60 -6.94
C ILE A 58 7.84 1.49 -5.53
N VAL A 59 9.15 1.30 -5.39
CA VAL A 59 9.85 1.33 -4.09
C VAL A 59 9.73 2.69 -3.40
N GLN A 60 9.71 3.80 -4.14
CA GLN A 60 9.67 5.16 -3.57
C GLN A 60 8.30 5.51 -2.98
N VAL A 61 7.22 5.13 -3.67
CA VAL A 61 5.85 5.28 -3.19
C VAL A 61 5.53 4.31 -2.05
N ILE A 62 5.97 3.05 -2.14
CA ILE A 62 5.90 2.06 -1.05
C ILE A 62 6.58 2.60 0.22
N ASP A 63 7.77 3.18 0.09
CA ASP A 63 8.50 3.71 1.24
C ASP A 63 7.70 4.79 1.98
N HIS A 64 7.03 5.69 1.23
CA HIS A 64 6.21 6.74 1.82
C HIS A 64 4.91 6.23 2.45
N ILE A 65 4.23 5.25 1.83
CA ILE A 65 3.07 4.54 2.40
C ILE A 65 3.45 3.90 3.72
N MET A 66 4.56 3.15 3.74
CA MET A 66 5.02 2.42 4.92
C MET A 66 5.50 3.35 6.04
N LYS A 67 6.04 4.54 5.71
CA LYS A 67 6.31 5.62 6.68
C LYS A 67 5.04 6.29 7.22
N THR A 68 3.98 6.37 6.42
CA THR A 68 2.67 6.93 6.82
C THR A 68 1.98 6.05 7.87
N ILE A 69 2.01 4.72 7.72
CA ILE A 69 1.44 3.77 8.70
C ILE A 69 2.33 3.58 9.94
N ASP A 70 3.64 3.82 9.83
CA ASP A 70 4.58 3.74 10.95
C ASP A 70 4.39 4.89 11.97
N ASP A 71 3.80 5.99 11.52
CA ASP A 71 3.49 7.18 12.34
C ASP A 71 2.28 7.01 13.29
N THR A 72 1.66 5.82 13.32
CA THR A 72 0.55 5.45 14.22
C THR A 72 0.96 5.36 15.70
N ASP B 1 13.26 -9.81 8.17
CA ASP B 1 12.17 -10.60 7.54
C ASP B 1 11.40 -9.76 6.51
N ILE B 2 10.95 -10.39 5.42
CA ILE B 2 10.12 -9.75 4.38
C ILE B 2 8.61 -9.95 4.62
N TYR B 3 8.17 -11.10 5.12
CA TYR B 3 6.75 -11.45 5.22
C TYR B 3 5.97 -10.57 6.22
N THR B 4 6.59 -10.23 7.35
CA THR B 4 6.04 -9.25 8.32
C THR B 4 5.88 -7.83 7.74
N TYR B 5 6.69 -7.49 6.72
CA TYR B 5 6.71 -6.20 6.04
C TYR B 5 5.63 -6.13 4.95
N GLU B 6 5.44 -7.21 4.20
CA GLU B 6 4.48 -7.28 3.08
C GLU B 6 3.00 -7.25 3.53
N LYS B 7 2.62 -7.92 4.61
CA LYS B 7 1.21 -8.08 5.02
C LYS B 7 0.49 -6.76 5.28
N LYS B 8 1.13 -5.82 6.01
CA LYS B 8 0.59 -4.48 6.28
C LYS B 8 0.62 -3.57 5.04
N LEU B 9 1.58 -3.77 4.14
CA LEU B 9 1.64 -3.05 2.85
C LEU B 9 0.52 -3.48 1.89
N ILE B 10 0.20 -4.78 1.83
CA ILE B 10 -0.92 -5.30 1.01
C ILE B 10 -2.26 -4.73 1.49
N LYS B 11 -2.49 -4.62 2.81
CA LYS B 11 -3.70 -3.95 3.34
C LYS B 11 -3.70 -2.44 3.12
N SER B 12 -2.52 -1.81 3.00
CA SER B 12 -2.41 -0.43 2.51
C SER B 12 -2.80 -0.32 1.02
N ILE B 13 -2.29 -1.20 0.15
CA ILE B 13 -2.62 -1.24 -1.29
C ILE B 13 -4.12 -1.38 -1.50
N GLU B 14 -4.75 -2.37 -0.86
CA GLU B 14 -6.19 -2.65 -0.96
C GLU B 14 -7.08 -1.51 -0.43
N TYR B 15 -6.59 -0.69 0.53
CA TYR B 15 -7.32 0.49 1.01
C TYR B 15 -7.19 1.69 0.07
N ILE B 16 -5.99 1.92 -0.50
CA ILE B 16 -5.72 2.97 -1.49
C ILE B 16 -6.57 2.78 -2.76
N THR B 17 -6.69 1.54 -3.25
CA THR B 17 -7.49 1.21 -4.44
C THR B 17 -8.99 1.30 -4.19
N LYS B 18 -9.49 0.79 -3.05
CA LYS B 18 -10.92 0.81 -2.70
C LYS B 18 -11.48 2.24 -2.56
N ASN B 19 -10.71 3.13 -1.90
CA ASN B 19 -11.05 4.53 -1.70
C ASN B 19 -10.57 5.45 -2.85
N LYS B 20 -9.92 4.87 -3.87
CA LYS B 20 -9.57 5.50 -5.17
C LYS B 20 -8.80 6.81 -5.00
N PHE B 21 -7.71 6.80 -4.22
CA PHE B 21 -6.87 7.99 -3.95
C PHE B 21 -6.26 8.61 -5.22
N PHE B 22 -6.16 7.82 -6.30
CA PHE B 22 -5.76 8.23 -7.64
C PHE B 22 -6.68 9.32 -8.25
N ASP B 23 -7.94 9.38 -7.82
CA ASP B 23 -8.96 10.34 -8.27
C ASP B 23 -9.20 10.34 -9.80
N ASP B 24 -9.38 9.16 -10.40
CA ASP B 24 -9.79 9.01 -11.81
C ASP B 24 -11.28 9.30 -12.08
N SER B 25 -12.09 9.45 -11.01
CA SER B 25 -13.55 9.59 -11.03
C SER B 25 -14.05 10.85 -11.75
N GLY A 1 0.52 -14.87 17.93
CA GLY A 1 -0.58 -14.62 18.87
C GLY A 1 -1.92 -15.03 18.26
N PRO A 2 -2.51 -16.17 18.67
CA PRO A 2 -3.69 -16.76 18.01
C PRO A 2 -4.98 -15.91 18.05
N HIS A 3 -5.10 -15.01 19.03
CA HIS A 3 -6.31 -14.21 19.30
C HIS A 3 -6.16 -12.70 18.97
N MET A 4 -4.99 -12.29 18.45
CA MET A 4 -4.62 -10.90 18.19
C MET A 4 -5.03 -10.45 16.78
N ASP A 5 -5.30 -9.15 16.61
CA ASP A 5 -5.75 -8.52 15.36
C ASP A 5 -4.81 -7.38 14.88
N TYR A 6 -3.54 -7.41 15.30
CA TYR A 6 -2.49 -6.46 14.92
C TYR A 6 -1.73 -6.84 13.62
N ASP A 7 -2.26 -7.81 12.89
CA ASP A 7 -1.70 -8.39 11.65
C ASP A 7 -2.21 -7.68 10.37
N MET A 8 -2.97 -6.58 10.54
CA MET A 8 -3.67 -5.83 9.50
C MET A 8 -3.67 -4.32 9.80
N LEU A 9 -4.05 -3.52 8.79
CA LEU A 9 -4.11 -2.05 8.86
C LEU A 9 -5.24 -1.56 9.79
N THR A 10 -4.94 -0.64 10.72
CA THR A 10 -5.90 -0.08 11.70
C THR A 10 -6.71 1.09 11.13
N GLU A 11 -7.80 1.47 11.79
CA GLU A 11 -8.59 2.66 11.41
C GLU A 11 -7.80 3.97 11.51
N GLU A 12 -6.88 4.08 12.47
CA GLU A 12 -6.04 5.27 12.64
C GLU A 12 -5.00 5.38 11.51
N GLN A 13 -4.44 4.25 11.08
CA GLN A 13 -3.51 4.19 9.94
C GLN A 13 -4.25 4.46 8.60
N LYS A 14 -5.49 3.96 8.44
CA LYS A 14 -6.38 4.31 7.31
C LYS A 14 -6.67 5.82 7.26
N LYS A 15 -6.99 6.44 8.41
CA LYS A 15 -7.26 7.88 8.55
C LYS A 15 -6.04 8.74 8.21
N LYS A 16 -4.83 8.31 8.58
CA LYS A 16 -3.57 8.98 8.19
C LYS A 16 -3.32 8.93 6.68
N LEU A 17 -3.56 7.77 6.04
CA LEU A 17 -3.35 7.59 4.60
C LEU A 17 -4.26 8.51 3.76
N LYS A 18 -5.57 8.60 4.06
CA LYS A 18 -6.50 9.43 3.25
C LYS A 18 -6.25 10.94 3.38
N GLU A 19 -5.85 11.39 4.57
CA GLU A 19 -5.60 12.82 4.87
C GLU A 19 -4.22 13.31 4.37
N ASP A 20 -3.20 12.44 4.30
CA ASP A 20 -1.86 12.85 3.85
C ASP A 20 -1.83 13.23 2.37
N HIS A 21 -1.50 14.49 2.07
CA HIS A 21 -1.50 15.03 0.70
C HIS A 21 -0.27 14.61 -0.12
N THR A 22 0.91 14.51 0.50
CA THR A 22 2.17 14.13 -0.16
C THR A 22 2.13 12.71 -0.74
N LEU A 23 1.46 11.78 -0.05
CA LEU A 23 1.14 10.44 -0.58
C LEU A 23 0.39 10.52 -1.91
N LYS A 24 -0.67 11.34 -1.99
CA LYS A 24 -1.50 11.48 -3.18
C LYS A 24 -0.74 12.10 -4.35
N ILE A 25 0.31 12.90 -4.13
CA ILE A 25 1.24 13.37 -5.19
C ILE A 25 2.00 12.20 -5.83
N LEU A 26 2.40 11.19 -5.05
CA LEU A 26 3.05 9.97 -5.56
C LEU A 26 2.06 9.06 -6.31
N LEU A 27 0.78 9.08 -5.91
CA LEU A 27 -0.32 8.41 -6.61
C LEU A 27 -0.79 9.15 -7.88
N LYS A 28 -0.33 10.38 -8.14
CA LYS A 28 -0.47 11.09 -9.43
C LYS A 28 0.50 10.59 -10.52
N ASN A 29 1.45 9.71 -10.18
CA ASN A 29 2.13 8.90 -11.19
C ASN A 29 1.13 7.90 -11.79
N ASN A 30 0.91 7.97 -13.10
CA ASN A 30 0.04 7.04 -13.84
C ASN A 30 0.53 5.59 -13.83
N TYR A 31 1.84 5.39 -13.62
CA TYR A 31 2.47 4.09 -13.47
C TYR A 31 2.14 3.46 -12.10
N VAL A 32 2.06 4.26 -11.03
CA VAL A 32 1.76 3.75 -9.70
C VAL A 32 0.30 3.30 -9.61
N ARG A 33 -0.64 4.12 -10.10
CA ARG A 33 -2.08 3.78 -10.05
C ARG A 33 -2.43 2.52 -10.84
N GLU A 34 -1.78 2.28 -11.99
CA GLU A 34 -1.99 1.03 -12.72
C GLU A 34 -1.43 -0.19 -11.98
N VAL A 35 -0.22 -0.13 -11.41
CA VAL A 35 0.38 -1.29 -10.73
C VAL A 35 -0.31 -1.60 -9.40
N PHE A 36 -0.80 -0.58 -8.69
CA PHE A 36 -1.61 -0.73 -7.47
C PHE A 36 -2.97 -1.36 -7.79
N LYS A 37 -3.67 -0.90 -8.83
CA LYS A 37 -4.99 -1.44 -9.21
C LYS A 37 -4.91 -2.86 -9.80
N GLN A 38 -3.83 -3.21 -10.51
CA GLN A 38 -3.57 -4.59 -10.95
C GLN A 38 -3.21 -5.53 -9.77
N PHE A 39 -2.66 -5.01 -8.67
CA PHE A 39 -2.23 -5.81 -7.51
C PHE A 39 -3.39 -6.59 -6.87
N THR A 40 -4.54 -5.96 -6.69
CA THR A 40 -5.72 -6.57 -6.05
C THR A 40 -6.40 -7.64 -6.92
N LEU A 41 -6.21 -7.58 -8.24
CA LEU A 41 -6.78 -8.49 -9.24
C LEU A 41 -5.88 -9.70 -9.52
N SER A 42 -4.59 -9.63 -9.16
CA SER A 42 -3.61 -10.72 -9.30
C SER A 42 -3.96 -11.93 -8.41
N ASN A 43 -3.62 -13.14 -8.87
CA ASN A 43 -3.94 -14.41 -8.20
C ASN A 43 -3.04 -14.68 -6.96
N ASP A 44 -1.81 -14.15 -6.96
CA ASP A 44 -0.82 -14.34 -5.88
C ASP A 44 -0.17 -12.99 -5.52
N LYS A 45 -0.67 -12.34 -4.47
CA LYS A 45 -0.21 -11.01 -4.04
C LYS A 45 1.26 -10.99 -3.59
N ILE A 46 1.73 -12.05 -2.93
CA ILE A 46 3.13 -12.20 -2.49
C ILE A 46 4.06 -12.36 -3.71
N GLY A 47 3.68 -13.19 -4.68
CA GLY A 47 4.38 -13.35 -5.95
C GLY A 47 4.42 -12.06 -6.78
N TYR A 48 3.35 -11.27 -6.77
CA TYR A 48 3.23 -10.00 -7.47
C TYR A 48 4.05 -8.87 -6.81
N LEU A 49 4.08 -8.78 -5.48
CA LEU A 49 4.93 -7.83 -4.74
C LEU A 49 6.42 -8.07 -5.04
N SER A 50 6.83 -9.34 -5.11
CA SER A 50 8.21 -9.76 -5.42
C SER A 50 8.73 -9.32 -6.80
N HIS A 51 7.86 -8.84 -7.71
CA HIS A 51 8.27 -8.16 -8.94
C HIS A 51 8.72 -6.71 -8.69
N TYR A 52 7.99 -5.97 -7.83
CA TYR A 52 8.10 -4.51 -7.71
C TYR A 52 9.06 -4.05 -6.61
N ILE A 53 9.56 -4.97 -5.77
CA ILE A 53 10.74 -4.73 -4.91
C ILE A 53 11.97 -4.27 -5.71
N ASN A 54 12.00 -4.57 -7.02
CA ASN A 54 13.07 -4.24 -7.95
C ASN A 54 12.91 -2.86 -8.64
N ASP A 55 11.76 -2.19 -8.50
CA ASP A 55 11.41 -1.00 -9.29
C ASP A 55 11.61 0.31 -8.49
N PRO A 56 12.40 1.28 -8.99
CA PRO A 56 12.76 2.48 -8.21
C PRO A 56 11.61 3.47 -8.00
N THR A 57 10.57 3.46 -8.85
CA THR A 57 9.36 4.27 -8.65
C THR A 57 8.43 3.63 -7.62
N ILE A 58 8.18 2.32 -7.75
CA ILE A 58 7.24 1.61 -6.86
C ILE A 58 7.81 1.46 -5.45
N VAL A 59 9.12 1.26 -5.31
CA VAL A 59 9.81 1.21 -4.00
C VAL A 59 9.67 2.54 -3.22
N GLN A 60 9.67 3.68 -3.91
CA GLN A 60 9.65 5.01 -3.26
C GLN A 60 8.27 5.39 -2.73
N VAL A 61 7.21 5.07 -3.48
CA VAL A 61 5.82 5.24 -3.04
C VAL A 61 5.45 4.25 -1.93
N ILE A 62 5.89 2.98 -2.02
CA ILE A 62 5.77 1.99 -0.94
C ILE A 62 6.42 2.52 0.35
N ASP A 63 7.64 3.06 0.25
CA ASP A 63 8.36 3.60 1.40
C ASP A 63 7.60 4.75 2.07
N HIS A 64 6.96 5.62 1.28
CA HIS A 64 6.15 6.74 1.78
C HIS A 64 4.81 6.30 2.40
N ILE A 65 4.12 5.30 1.83
CA ILE A 65 2.92 4.67 2.40
C ILE A 65 3.26 4.06 3.77
N MET A 66 4.34 3.26 3.81
CA MET A 66 4.78 2.60 5.03
C MET A 66 5.31 3.57 6.10
N LYS A 67 5.76 4.78 5.70
CA LYS A 67 6.11 5.87 6.64
C LYS A 67 4.88 6.68 7.11
N THR A 68 3.81 6.76 6.31
CA THR A 68 2.54 7.41 6.70
C THR A 68 1.83 6.63 7.82
N ILE A 69 1.88 5.29 7.78
CA ILE A 69 1.30 4.43 8.82
C ILE A 69 2.18 4.26 10.07
N ASP A 70 3.49 4.52 9.95
CA ASP A 70 4.47 4.56 11.05
C ASP A 70 4.30 5.77 11.99
N ASP A 71 3.60 6.81 11.51
CA ASP A 71 3.39 8.10 12.19
C ASP A 71 2.38 8.04 13.38
N THR A 72 1.93 6.84 13.77
CA THR A 72 1.05 6.60 14.93
C THR A 72 1.71 6.88 16.28
N ASP B 1 12.94 -9.95 8.15
CA ASP B 1 12.22 -10.88 7.25
C ASP B 1 11.20 -10.12 6.39
N ILE B 2 10.92 -10.61 5.18
CA ILE B 2 10.04 -9.95 4.20
C ILE B 2 8.54 -10.18 4.50
N TYR B 3 8.16 -11.35 5.01
CA TYR B 3 6.76 -11.78 5.10
C TYR B 3 5.93 -10.96 6.10
N THR B 4 6.55 -10.49 7.19
CA THR B 4 5.94 -9.55 8.15
C THR B 4 5.80 -8.13 7.57
N TYR B 5 6.73 -7.72 6.70
CA TYR B 5 6.74 -6.40 6.05
C TYR B 5 5.65 -6.29 4.97
N GLU B 6 5.44 -7.37 4.21
CA GLU B 6 4.46 -7.44 3.13
C GLU B 6 3.00 -7.35 3.60
N LYS B 7 2.60 -8.01 4.70
CA LYS B 7 1.19 -8.05 5.13
C LYS B 7 0.61 -6.67 5.45
N LYS B 8 1.38 -5.85 6.18
CA LYS B 8 0.98 -4.47 6.56
C LYS B 8 0.93 -3.54 5.35
N LEU B 9 1.83 -3.72 4.38
CA LEU B 9 1.82 -3.01 3.10
C LEU B 9 0.64 -3.41 2.21
N ILE B 10 0.35 -4.71 2.09
CA ILE B 10 -0.71 -5.22 1.20
C ILE B 10 -2.10 -4.79 1.68
N LYS B 11 -2.33 -4.69 2.99
CA LYS B 11 -3.55 -4.07 3.54
C LYS B 11 -3.63 -2.56 3.31
N SER B 12 -2.50 -1.87 3.11
CA SER B 12 -2.47 -0.49 2.60
C SER B 12 -2.80 -0.40 1.11
N ILE B 13 -2.25 -1.29 0.25
CA ILE B 13 -2.60 -1.37 -1.18
C ILE B 13 -4.10 -1.63 -1.36
N GLU B 14 -4.64 -2.65 -0.69
CA GLU B 14 -6.05 -3.04 -0.69
C GLU B 14 -7.00 -1.96 -0.16
N TYR B 15 -6.52 -1.05 0.69
CA TYR B 15 -7.27 0.12 1.18
C TYR B 15 -7.23 1.29 0.19
N ILE B 16 -6.04 1.67 -0.29
CA ILE B 16 -5.81 2.79 -1.21
C ILE B 16 -6.56 2.59 -2.54
N THR B 17 -6.55 1.35 -3.06
CA THR B 17 -7.29 0.93 -4.27
C THR B 17 -8.82 0.97 -4.07
N LYS B 18 -9.34 0.40 -2.98
CA LYS B 18 -10.79 0.32 -2.69
C LYS B 18 -11.43 1.70 -2.50
N ASN B 19 -10.69 2.63 -1.90
CA ASN B 19 -11.08 4.02 -1.68
C ASN B 19 -10.66 4.96 -2.84
N LYS B 20 -10.05 4.41 -3.91
CA LYS B 20 -9.73 5.10 -5.19
C LYS B 20 -9.04 6.45 -4.99
N PHE B 21 -7.94 6.48 -4.22
CA PHE B 21 -7.19 7.72 -3.91
C PHE B 21 -6.74 8.51 -5.16
N PHE B 22 -6.50 7.79 -6.26
CA PHE B 22 -6.06 8.31 -7.55
C PHE B 22 -7.20 8.69 -8.53
N ASP B 23 -8.46 8.40 -8.21
CA ASP B 23 -9.63 8.71 -9.06
C ASP B 23 -10.90 8.99 -8.21
N ASP B 24 -11.22 10.27 -8.02
CA ASP B 24 -12.30 10.72 -7.11
C ASP B 24 -13.73 10.40 -7.57
N SER B 25 -13.94 10.10 -8.86
CA SER B 25 -15.26 9.86 -9.48
C SER B 25 -15.72 8.41 -9.33
N GLY A 1 4.16 -19.13 23.53
CA GLY A 1 3.00 -19.77 22.87
C GLY A 1 2.92 -19.45 21.39
N PRO A 2 1.72 -19.50 20.78
CA PRO A 2 1.50 -19.20 19.36
C PRO A 2 1.88 -17.77 18.94
N HIS A 3 2.11 -17.57 17.64
CA HIS A 3 2.43 -16.27 17.05
C HIS A 3 1.22 -15.31 16.97
N MET A 4 1.49 -14.02 16.79
CA MET A 4 0.47 -12.98 16.57
C MET A 4 -0.14 -13.04 15.17
N ASP A 5 -1.36 -12.52 15.01
CA ASP A 5 -2.10 -12.46 13.74
C ASP A 5 -2.76 -11.08 13.52
N TYR A 6 -2.21 -10.02 14.16
CA TYR A 6 -2.73 -8.65 14.15
C TYR A 6 -2.08 -7.78 13.03
N ASP A 7 -1.94 -8.35 11.83
CA ASP A 7 -1.29 -7.72 10.66
C ASP A 7 -2.25 -6.82 9.84
N MET A 8 -3.45 -6.54 10.35
CA MET A 8 -4.49 -5.74 9.73
C MET A 8 -4.23 -4.23 9.91
N LEU A 9 -4.71 -3.46 8.94
CA LEU A 9 -4.67 -1.99 8.92
C LEU A 9 -5.73 -1.39 9.87
N THR A 10 -5.32 -0.54 10.81
CA THR A 10 -6.23 0.06 11.82
C THR A 10 -7.01 1.27 11.28
N GLU A 11 -8.08 1.66 11.97
CA GLU A 11 -8.88 2.85 11.62
C GLU A 11 -8.05 4.16 11.67
N GLU A 12 -7.09 4.26 12.59
CA GLU A 12 -6.19 5.42 12.68
C GLU A 12 -5.14 5.42 11.56
N GLN A 13 -4.62 4.26 11.16
CA GLN A 13 -3.71 4.12 10.02
C GLN A 13 -4.43 4.42 8.68
N LYS A 14 -5.69 4.02 8.53
CA LYS A 14 -6.58 4.40 7.40
C LYS A 14 -6.77 5.92 7.32
N LYS A 15 -7.02 6.59 8.45
CA LYS A 15 -7.12 8.07 8.55
C LYS A 15 -5.79 8.75 8.19
N LYS A 16 -4.66 8.26 8.69
CA LYS A 16 -3.31 8.78 8.37
C LYS A 16 -3.01 8.71 6.88
N LEU A 17 -3.36 7.62 6.18
CA LEU A 17 -3.20 7.48 4.74
C LEU A 17 -4.00 8.53 3.95
N LYS A 18 -5.32 8.67 4.20
CA LYS A 18 -6.16 9.58 3.41
C LYS A 18 -5.88 11.07 3.65
N GLU A 19 -5.47 11.44 4.86
CA GLU A 19 -5.11 12.80 5.25
C GLU A 19 -3.71 13.25 4.74
N ASP A 20 -2.85 12.32 4.32
CA ASP A 20 -1.50 12.64 3.81
C ASP A 20 -1.57 13.12 2.35
N HIS A 21 -1.28 14.41 2.11
CA HIS A 21 -1.27 15.02 0.79
C HIS A 21 -0.02 14.66 -0.04
N THR A 22 1.15 14.54 0.60
CA THR A 22 2.42 14.12 -0.03
C THR A 22 2.35 12.70 -0.59
N LEU A 23 1.64 11.80 0.09
CA LEU A 23 1.32 10.46 -0.41
C LEU A 23 0.55 10.53 -1.75
N LYS A 24 -0.47 11.38 -1.84
CA LYS A 24 -1.28 11.54 -3.05
C LYS A 24 -0.48 12.08 -4.24
N ILE A 25 0.58 12.87 -4.04
CA ILE A 25 1.50 13.29 -5.11
C ILE A 25 2.21 12.07 -5.77
N LEU A 26 2.53 11.04 -4.99
CA LEU A 26 3.13 9.80 -5.48
C LEU A 26 2.11 8.89 -6.18
N LEU A 27 0.85 8.91 -5.71
CA LEU A 27 -0.28 8.19 -6.32
C LEU A 27 -0.79 8.87 -7.62
N LYS A 28 -0.49 10.15 -7.85
CA LYS A 28 -0.73 10.88 -9.11
C LYS A 28 0.18 10.44 -10.27
N ASN A 29 1.16 9.58 -10.05
CA ASN A 29 1.83 8.85 -11.13
C ASN A 29 0.85 7.84 -11.80
N ASN A 30 0.77 7.88 -13.13
CA ASN A 30 -0.03 6.93 -13.92
C ASN A 30 0.55 5.50 -13.88
N TYR A 31 1.85 5.35 -13.64
CA TYR A 31 2.51 4.06 -13.49
C TYR A 31 2.20 3.40 -12.14
N VAL A 32 2.09 4.17 -11.06
CA VAL A 32 1.74 3.65 -9.73
C VAL A 32 0.29 3.15 -9.70
N ARG A 33 -0.66 3.93 -10.24
CA ARG A 33 -2.08 3.56 -10.22
C ARG A 33 -2.38 2.30 -11.03
N GLU A 34 -1.72 2.09 -12.16
CA GLU A 34 -1.89 0.84 -12.92
C GLU A 34 -1.33 -0.39 -12.18
N VAL A 35 -0.17 -0.28 -11.51
CA VAL A 35 0.43 -1.43 -10.81
C VAL A 35 -0.32 -1.75 -9.52
N PHE A 36 -0.81 -0.72 -8.79
CA PHE A 36 -1.64 -0.89 -7.59
C PHE A 36 -3.01 -1.51 -7.92
N LYS A 37 -3.63 -1.12 -9.04
CA LYS A 37 -4.92 -1.68 -9.48
C LYS A 37 -4.81 -3.12 -10.00
N GLN A 38 -3.73 -3.46 -10.72
CA GLN A 38 -3.46 -4.84 -11.15
C GLN A 38 -3.07 -5.76 -9.98
N PHE A 39 -2.45 -5.21 -8.93
CA PHE A 39 -2.03 -5.98 -7.75
C PHE A 39 -3.19 -6.72 -7.06
N THR A 40 -4.32 -6.04 -6.83
CA THR A 40 -5.48 -6.61 -6.10
C THR A 40 -6.17 -7.75 -6.86
N LEU A 41 -6.08 -7.74 -8.21
CA LEU A 41 -6.72 -8.72 -9.10
C LEU A 41 -5.85 -9.98 -9.31
N SER A 42 -4.54 -9.87 -9.08
CA SER A 42 -3.61 -11.01 -9.10
C SER A 42 -3.87 -11.98 -7.93
N ASN A 43 -3.60 -13.28 -8.12
CA ASN A 43 -3.84 -14.31 -7.10
C ASN A 43 -2.67 -14.44 -6.10
N ASP A 44 -1.42 -14.39 -6.60
CA ASP A 44 -0.20 -14.70 -5.85
C ASP A 44 0.46 -13.41 -5.31
N LYS A 45 -0.18 -12.76 -4.32
CA LYS A 45 0.12 -11.39 -3.89
C LYS A 45 1.59 -11.15 -3.53
N ILE A 46 2.18 -12.06 -2.77
CA ILE A 46 3.60 -11.99 -2.33
C ILE A 46 4.56 -12.05 -3.53
N GLY A 47 4.33 -12.97 -4.47
CA GLY A 47 5.11 -13.08 -5.70
C GLY A 47 4.91 -11.90 -6.66
N TYR A 48 3.72 -11.32 -6.68
CA TYR A 48 3.39 -10.14 -7.49
C TYR A 48 4.04 -8.86 -6.94
N LEU A 49 4.14 -8.72 -5.62
CA LEU A 49 4.84 -7.59 -4.97
C LEU A 49 6.36 -7.70 -5.19
N SER A 50 6.88 -8.93 -5.17
CA SER A 50 8.29 -9.24 -5.45
C SER A 50 8.75 -8.78 -6.85
N HIS A 51 7.82 -8.59 -7.81
CA HIS A 51 8.11 -8.02 -9.13
C HIS A 51 8.34 -6.49 -9.08
N TYR A 52 7.75 -5.79 -8.10
CA TYR A 52 7.75 -4.32 -8.01
C TYR A 52 8.71 -3.76 -6.95
N ILE A 53 9.17 -4.55 -5.97
CA ILE A 53 10.28 -4.15 -5.07
C ILE A 53 11.61 -3.96 -5.82
N ASN A 54 11.69 -4.48 -7.04
CA ASN A 54 12.80 -4.30 -7.98
C ASN A 54 12.64 -3.05 -8.89
N ASP A 55 11.58 -2.23 -8.75
CA ASP A 55 11.37 -0.98 -9.51
C ASP A 55 11.53 0.28 -8.62
N PRO A 56 12.33 1.30 -9.03
CA PRO A 56 12.63 2.46 -8.19
C PRO A 56 11.45 3.42 -7.96
N THR A 57 10.47 3.48 -8.86
CA THR A 57 9.25 4.29 -8.68
C THR A 57 8.33 3.63 -7.66
N ILE A 58 8.10 2.31 -7.77
CA ILE A 58 7.17 1.60 -6.85
C ILE A 58 7.76 1.46 -5.45
N VAL A 59 9.09 1.30 -5.32
CA VAL A 59 9.77 1.28 -4.01
C VAL A 59 9.60 2.60 -3.23
N GLN A 60 9.56 3.74 -3.92
CA GLN A 60 9.51 5.07 -3.28
C GLN A 60 8.11 5.40 -2.75
N VAL A 61 7.06 5.04 -3.48
CA VAL A 61 5.67 5.16 -3.02
C VAL A 61 5.35 4.16 -1.90
N ILE A 62 5.81 2.91 -2.01
CA ILE A 62 5.71 1.91 -0.93
C ILE A 62 6.38 2.41 0.34
N ASP A 63 7.59 2.98 0.25
CA ASP A 63 8.31 3.50 1.41
C ASP A 63 7.53 4.64 2.09
N HIS A 64 6.85 5.48 1.32
CA HIS A 64 6.03 6.59 1.82
C HIS A 64 4.72 6.12 2.48
N ILE A 65 4.03 5.13 1.90
CA ILE A 65 2.86 4.46 2.49
C ILE A 65 3.23 3.83 3.84
N MET A 66 4.30 3.03 3.84
CA MET A 66 4.79 2.33 5.03
C MET A 66 5.25 3.29 6.13
N LYS A 67 5.82 4.45 5.78
CA LYS A 67 6.14 5.55 6.71
C LYS A 67 4.86 6.10 7.37
N THR A 68 3.80 6.28 6.60
CA THR A 68 2.54 6.91 7.07
C THR A 68 1.74 6.03 8.03
N ILE A 69 1.77 4.71 7.84
CA ILE A 69 1.16 3.77 8.80
C ILE A 69 2.05 3.47 10.01
N ASP A 70 3.37 3.64 9.90
CA ASP A 70 4.33 3.50 11.02
C ASP A 70 4.24 4.65 12.04
N ASP A 71 3.66 5.78 11.62
CA ASP A 71 3.36 6.96 12.46
C ASP A 71 2.21 6.74 13.48
N THR A 72 1.67 5.53 13.56
CA THR A 72 0.68 5.07 14.56
C THR A 72 1.20 5.14 16.01
N ASP B 1 14.57 -10.75 6.49
CA ASP B 1 13.10 -10.98 6.58
C ASP B 1 12.35 -10.18 5.50
N ILE B 2 11.13 -10.60 5.17
CA ILE B 2 10.26 -9.90 4.20
C ILE B 2 8.76 -10.06 4.52
N TYR B 3 8.27 -11.27 4.75
CA TYR B 3 6.82 -11.59 4.70
C TYR B 3 5.94 -10.78 5.68
N THR B 4 6.45 -10.47 6.88
CA THR B 4 5.75 -9.66 7.90
C THR B 4 5.57 -8.19 7.48
N TYR B 5 6.47 -7.67 6.64
CA TYR B 5 6.39 -6.33 6.06
C TYR B 5 5.34 -6.26 4.93
N GLU B 6 5.15 -7.36 4.20
CA GLU B 6 4.24 -7.41 3.05
C GLU B 6 2.76 -7.39 3.46
N LYS B 7 2.35 -8.08 4.54
CA LYS B 7 0.93 -8.24 4.90
C LYS B 7 0.23 -6.91 5.20
N LYS B 8 0.85 -6.03 5.98
CA LYS B 8 0.31 -4.69 6.29
C LYS B 8 0.40 -3.72 5.09
N LEU B 9 1.37 -3.90 4.20
CA LEU B 9 1.46 -3.20 2.92
C LEU B 9 0.32 -3.60 1.98
N ILE B 10 -0.01 -4.89 1.90
CA ILE B 10 -1.12 -5.41 1.09
C ILE B 10 -2.47 -4.88 1.56
N LYS B 11 -2.69 -4.82 2.89
CA LYS B 11 -3.88 -4.17 3.46
C LYS B 11 -3.92 -2.66 3.16
N SER B 12 -2.78 -2.00 3.04
CA SER B 12 -2.68 -0.60 2.58
C SER B 12 -2.99 -0.45 1.08
N ILE B 13 -2.48 -1.34 0.21
CA ILE B 13 -2.80 -1.36 -1.22
C ILE B 13 -4.32 -1.51 -1.42
N GLU B 14 -4.92 -2.51 -0.78
CA GLU B 14 -6.37 -2.76 -0.84
C GLU B 14 -7.22 -1.59 -0.31
N TYR B 15 -6.75 -0.86 0.71
CA TYR B 15 -7.44 0.34 1.22
C TYR B 15 -7.35 1.52 0.24
N ILE B 16 -6.17 1.77 -0.34
CA ILE B 16 -5.90 2.83 -1.30
C ILE B 16 -6.73 2.63 -2.60
N THR B 17 -6.82 1.40 -3.10
CA THR B 17 -7.62 1.06 -4.30
C THR B 17 -9.13 1.14 -4.03
N LYS B 18 -9.63 0.55 -2.94
CA LYS B 18 -11.07 0.47 -2.62
C LYS B 18 -11.71 1.85 -2.39
N ASN B 19 -10.97 2.76 -1.78
CA ASN B 19 -11.40 4.14 -1.52
C ASN B 19 -11.00 5.13 -2.62
N LYS B 20 -10.45 4.63 -3.75
CA LYS B 20 -10.11 5.38 -4.97
C LYS B 20 -9.30 6.65 -4.69
N PHE B 21 -8.20 6.52 -3.96
CA PHE B 21 -7.24 7.61 -3.68
C PHE B 21 -6.73 8.30 -4.96
N PHE B 22 -6.70 7.55 -6.06
CA PHE B 22 -6.26 7.95 -7.39
C PHE B 22 -7.19 8.93 -8.12
N ASP B 23 -8.47 9.03 -7.73
CA ASP B 23 -9.50 9.79 -8.45
C ASP B 23 -10.50 10.46 -7.48
N ASP B 24 -10.39 11.78 -7.33
CA ASP B 24 -11.18 12.57 -6.36
C ASP B 24 -12.57 13.03 -6.84
N SER B 25 -12.88 12.88 -8.14
CA SER B 25 -14.12 13.37 -8.78
C SER B 25 -15.36 12.56 -8.41
N GLY A 1 -1.65 -15.70 16.77
CA GLY A 1 -0.24 -16.11 16.70
C GLY A 1 0.64 -15.38 17.71
N PRO A 2 1.97 -15.44 17.56
CA PRO A 2 2.92 -14.80 18.48
C PRO A 2 2.77 -13.27 18.58
N HIS A 3 3.08 -12.71 19.76
CA HIS A 3 3.02 -11.27 20.08
C HIS A 3 1.67 -10.61 19.78
N MET A 4 1.52 -9.98 18.62
CA MET A 4 0.32 -9.23 18.19
C MET A 4 -0.09 -9.57 16.74
N ASP A 5 -1.40 -9.65 16.49
CA ASP A 5 -2.01 -10.00 15.19
C ASP A 5 -2.29 -8.79 14.30
N TYR A 6 -1.26 -7.97 14.04
CA TYR A 6 -1.31 -6.76 13.21
C TYR A 6 -1.37 -7.05 11.68
N ASP A 7 -2.13 -8.08 11.28
CA ASP A 7 -2.34 -8.49 9.88
C ASP A 7 -3.50 -7.73 9.18
N MET A 8 -3.93 -6.60 9.76
CA MET A 8 -5.01 -5.73 9.27
C MET A 8 -4.67 -4.25 9.47
N LEU A 9 -5.13 -3.39 8.57
CA LEU A 9 -4.99 -1.93 8.66
C LEU A 9 -6.01 -1.35 9.66
N THR A 10 -5.55 -0.52 10.61
CA THR A 10 -6.39 0.08 11.66
C THR A 10 -7.15 1.33 11.18
N GLU A 11 -8.18 1.75 11.91
CA GLU A 11 -8.93 2.98 11.60
C GLU A 11 -8.06 4.25 11.64
N GLU A 12 -7.07 4.29 12.54
CA GLU A 12 -6.08 5.38 12.60
C GLU A 12 -5.16 5.38 11.37
N GLN A 13 -4.67 4.21 10.95
CA GLN A 13 -3.78 4.06 9.79
C GLN A 13 -4.52 4.34 8.47
N LYS A 14 -5.79 3.93 8.35
CA LYS A 14 -6.71 4.32 7.25
C LYS A 14 -6.85 5.85 7.12
N LYS A 15 -7.09 6.54 8.24
CA LYS A 15 -7.19 8.01 8.29
C LYS A 15 -5.88 8.69 7.90
N LYS A 16 -4.74 8.24 8.46
CA LYS A 16 -3.41 8.83 8.20
C LYS A 16 -2.94 8.70 6.75
N LEU A 17 -3.35 7.65 6.02
CA LEU A 17 -3.14 7.56 4.56
C LEU A 17 -3.93 8.64 3.80
N LYS A 18 -5.25 8.75 4.00
CA LYS A 18 -6.10 9.66 3.21
C LYS A 18 -5.94 11.15 3.55
N GLU A 19 -5.61 11.47 4.79
CA GLU A 19 -5.36 12.85 5.24
C GLU A 19 -3.98 13.42 4.84
N ASP A 20 -2.99 12.57 4.52
CA ASP A 20 -1.64 13.00 4.14
C ASP A 20 -1.52 13.42 2.66
N HIS A 21 -0.93 14.59 2.41
CA HIS A 21 -0.77 15.16 1.07
C HIS A 21 0.48 14.69 0.32
N THR A 22 1.60 14.45 1.02
CA THR A 22 2.87 13.98 0.43
C THR A 22 2.73 12.59 -0.23
N LEU A 23 1.91 11.70 0.33
CA LEU A 23 1.56 10.42 -0.30
C LEU A 23 0.89 10.60 -1.68
N LYS A 24 -0.02 11.57 -1.82
CA LYS A 24 -0.75 11.83 -3.07
C LYS A 24 0.17 12.33 -4.19
N ILE A 25 1.27 13.02 -3.84
CA ILE A 25 2.33 13.42 -4.79
C ILE A 25 3.01 12.20 -5.44
N LEU A 26 3.10 11.08 -4.73
CA LEU A 26 3.68 9.82 -5.22
C LEU A 26 2.66 8.95 -5.96
N LEU A 27 1.40 8.97 -5.53
CA LEU A 27 0.29 8.22 -6.16
C LEU A 27 -0.18 8.83 -7.49
N LYS A 28 0.09 10.12 -7.76
CA LYS A 28 -0.37 10.81 -8.98
C LYS A 28 0.17 10.20 -10.27
N ASN A 29 1.33 9.52 -10.19
CA ASN A 29 1.93 8.81 -11.32
C ASN A 29 0.94 7.79 -11.91
N ASN A 30 0.73 7.84 -13.23
CA ASN A 30 -0.16 6.90 -13.94
C ASN A 30 0.36 5.46 -13.86
N TYR A 31 1.66 5.27 -13.67
CA TYR A 31 2.30 3.98 -13.46
C TYR A 31 1.99 3.40 -12.08
N VAL A 32 1.88 4.22 -11.04
CA VAL A 32 1.55 3.77 -9.67
C VAL A 32 0.06 3.40 -9.55
N ARG A 33 -0.84 4.18 -10.12
CA ARG A 33 -2.28 3.90 -10.03
C ARG A 33 -2.68 2.63 -10.79
N GLU A 34 -1.99 2.29 -11.88
CA GLU A 34 -2.27 1.04 -12.63
C GLU A 34 -1.72 -0.20 -11.92
N VAL A 35 -0.49 -0.16 -11.38
CA VAL A 35 0.16 -1.34 -10.75
C VAL A 35 -0.46 -1.68 -9.40
N PHE A 36 -0.89 -0.68 -8.63
CA PHE A 36 -1.67 -0.89 -7.39
C PHE A 36 -3.05 -1.49 -7.68
N LYS A 37 -3.73 -1.07 -8.76
CA LYS A 37 -5.05 -1.60 -9.12
C LYS A 37 -5.00 -3.01 -9.72
N GLN A 38 -3.95 -3.37 -10.46
CA GLN A 38 -3.71 -4.75 -10.92
C GLN A 38 -3.31 -5.70 -9.77
N PHE A 39 -2.70 -5.18 -8.69
CA PHE A 39 -2.24 -5.97 -7.56
C PHE A 39 -3.36 -6.78 -6.88
N THR A 40 -4.52 -6.15 -6.67
CA THR A 40 -5.66 -6.77 -5.97
C THR A 40 -6.36 -7.85 -6.79
N LEU A 41 -6.24 -7.79 -8.12
CA LEU A 41 -6.82 -8.73 -9.09
C LEU A 41 -5.91 -9.95 -9.36
N SER A 42 -4.62 -9.85 -9.04
CA SER A 42 -3.64 -10.94 -9.16
C SER A 42 -3.95 -12.12 -8.24
N ASN A 43 -3.56 -13.33 -8.63
CA ASN A 43 -3.88 -14.57 -7.92
C ASN A 43 -2.95 -14.87 -6.73
N ASP A 44 -1.71 -14.36 -6.75
CA ASP A 44 -0.69 -14.55 -5.70
C ASP A 44 0.00 -13.22 -5.35
N LYS A 45 -0.54 -12.49 -4.36
CA LYS A 45 -0.13 -11.13 -4.00
C LYS A 45 1.35 -11.01 -3.64
N ILE A 46 1.89 -11.95 -2.86
CA ILE A 46 3.32 -11.99 -2.47
C ILE A 46 4.22 -12.18 -3.71
N GLY A 47 3.84 -13.10 -4.61
CA GLY A 47 4.55 -13.34 -5.88
C GLY A 47 4.45 -12.19 -6.89
N TYR A 48 3.42 -11.34 -6.76
CA TYR A 48 3.25 -10.12 -7.55
C TYR A 48 4.06 -8.94 -7.01
N LEU A 49 4.11 -8.76 -5.68
CA LEU A 49 4.85 -7.65 -5.04
C LEU A 49 6.36 -7.80 -5.23
N SER A 50 6.88 -9.03 -5.22
CA SER A 50 8.31 -9.31 -5.40
C SER A 50 8.86 -8.89 -6.79
N HIS A 51 7.98 -8.63 -7.78
CA HIS A 51 8.36 -8.02 -9.07
C HIS A 51 8.64 -6.51 -8.95
N TYR A 52 7.99 -5.82 -8.01
CA TYR A 52 7.98 -4.36 -7.89
C TYR A 52 8.93 -3.80 -6.80
N ILE A 53 9.38 -4.64 -5.84
CA ILE A 53 10.47 -4.28 -4.92
C ILE A 53 11.81 -4.04 -5.65
N ASN A 54 11.90 -4.52 -6.90
CA ASN A 54 13.01 -4.33 -7.84
C ASN A 54 12.82 -3.08 -8.76
N ASP A 55 11.74 -2.30 -8.62
CA ASP A 55 11.48 -1.07 -9.38
C ASP A 55 11.63 0.21 -8.52
N PRO A 56 12.45 1.20 -8.92
CA PRO A 56 12.74 2.36 -8.08
C PRO A 56 11.51 3.26 -7.81
N THR A 57 10.66 3.50 -8.81
CA THR A 57 9.45 4.32 -8.64
C THR A 57 8.46 3.66 -7.68
N ILE A 58 8.25 2.34 -7.78
CA ILE A 58 7.33 1.62 -6.88
C ILE A 58 7.93 1.49 -5.46
N VAL A 59 9.25 1.35 -5.34
CA VAL A 59 9.94 1.36 -4.04
C VAL A 59 9.81 2.72 -3.32
N GLN A 60 9.82 3.84 -4.03
CA GLN A 60 9.76 5.18 -3.42
C GLN A 60 8.38 5.45 -2.80
N VAL A 61 7.31 5.03 -3.48
CA VAL A 61 5.93 5.17 -3.00
C VAL A 61 5.60 4.17 -1.88
N ILE A 62 6.04 2.91 -2.01
CA ILE A 62 5.94 1.89 -0.95
C ILE A 62 6.61 2.35 0.35
N ASP A 63 7.83 2.90 0.24
CA ASP A 63 8.58 3.38 1.40
C ASP A 63 7.82 4.47 2.16
N HIS A 64 7.18 5.40 1.43
CA HIS A 64 6.39 6.48 2.02
C HIS A 64 5.08 5.98 2.67
N ILE A 65 4.34 5.09 2.00
CA ILE A 65 3.13 4.43 2.56
C ILE A 65 3.46 3.76 3.89
N MET A 66 4.53 2.96 3.91
CA MET A 66 4.98 2.24 5.11
C MET A 66 5.45 3.19 6.24
N LYS A 67 6.04 4.34 5.91
CA LYS A 67 6.38 5.41 6.86
C LYS A 67 5.12 6.04 7.47
N THR A 68 4.10 6.33 6.65
CA THR A 68 2.82 6.92 7.08
C THR A 68 2.05 6.03 8.06
N ILE A 69 1.99 4.71 7.83
CA ILE A 69 1.29 3.79 8.75
C ILE A 69 2.10 3.44 10.02
N ASP A 70 3.43 3.52 9.97
CA ASP A 70 4.30 3.39 11.15
C ASP A 70 4.26 4.65 12.04
N ASP A 71 4.12 5.82 11.42
CA ASP A 71 4.13 7.15 12.05
C ASP A 71 5.39 7.41 12.93
N THR A 72 6.47 6.67 12.63
CA THR A 72 7.82 6.84 13.20
C THR A 72 8.39 8.25 13.01
N ASP B 1 13.27 -9.93 8.05
CA ASP B 1 12.14 -10.67 7.42
C ASP B 1 11.46 -9.81 6.35
N ILE B 2 10.99 -10.44 5.27
CA ILE B 2 10.17 -9.81 4.22
C ILE B 2 8.67 -9.89 4.54
N TYR B 3 8.14 -11.04 4.97
CA TYR B 3 6.69 -11.30 5.02
C TYR B 3 5.93 -10.36 5.99
N THR B 4 6.52 -9.99 7.14
CA THR B 4 5.92 -9.00 8.06
C THR B 4 5.75 -7.62 7.43
N TYR B 5 6.63 -7.23 6.50
CA TYR B 5 6.56 -5.97 5.77
C TYR B 5 5.49 -6.05 4.67
N GLU B 6 5.44 -7.16 3.92
CA GLU B 6 4.45 -7.37 2.85
C GLU B 6 3.02 -7.42 3.41
N LYS B 7 2.79 -8.17 4.51
CA LYS B 7 1.44 -8.35 5.10
C LYS B 7 0.81 -7.03 5.55
N LYS B 8 1.60 -6.09 6.07
CA LYS B 8 1.13 -4.74 6.44
C LYS B 8 0.96 -3.84 5.21
N LEU B 9 1.89 -3.89 4.26
CA LEU B 9 1.84 -3.12 3.01
C LEU B 9 0.60 -3.48 2.15
N ILE B 10 0.27 -4.77 2.04
CA ILE B 10 -0.85 -5.26 1.21
C ILE B 10 -2.20 -4.75 1.72
N LYS B 11 -2.35 -4.55 3.05
CA LYS B 11 -3.57 -3.94 3.61
C LYS B 11 -3.67 -2.44 3.35
N SER B 12 -2.55 -1.73 3.16
CA SER B 12 -2.55 -0.37 2.61
C SER B 12 -2.91 -0.36 1.13
N ILE B 13 -2.41 -1.30 0.31
CA ILE B 13 -2.77 -1.44 -1.12
C ILE B 13 -4.28 -1.67 -1.25
N GLU B 14 -4.83 -2.66 -0.55
CA GLU B 14 -6.26 -3.01 -0.55
C GLU B 14 -7.17 -1.87 -0.05
N TYR B 15 -6.67 -0.96 0.80
CA TYR B 15 -7.41 0.23 1.23
C TYR B 15 -7.36 1.37 0.21
N ILE B 16 -6.16 1.69 -0.31
CA ILE B 16 -5.93 2.76 -1.30
C ILE B 16 -6.72 2.50 -2.58
N THR B 17 -6.71 1.25 -3.07
CA THR B 17 -7.46 0.81 -4.25
C THR B 17 -8.98 0.88 -4.05
N LYS B 18 -9.51 0.39 -2.92
CA LYS B 18 -10.95 0.32 -2.63
C LYS B 18 -11.60 1.72 -2.48
N ASN B 19 -10.86 2.67 -1.91
CA ASN B 19 -11.28 4.06 -1.76
C ASN B 19 -10.89 4.94 -2.97
N LYS B 20 -10.21 4.36 -3.97
CA LYS B 20 -9.78 4.99 -5.23
C LYS B 20 -9.11 6.37 -5.03
N PHE B 21 -7.95 6.40 -4.37
CA PHE B 21 -7.15 7.62 -4.19
C PHE B 21 -6.85 8.27 -5.56
N PHE B 22 -6.51 7.45 -6.57
CA PHE B 22 -6.34 7.85 -7.98
C PHE B 22 -6.89 6.79 -8.98
N ASP B 23 -7.49 5.73 -8.45
CA ASP B 23 -7.63 4.41 -9.09
C ASP B 23 -8.88 4.27 -9.98
N ASP B 24 -9.29 5.36 -10.66
CA ASP B 24 -10.49 5.42 -11.50
C ASP B 24 -10.31 4.77 -12.90
N SER B 25 -9.06 4.53 -13.32
CA SER B 25 -8.69 3.89 -14.60
C SER B 25 -8.20 2.44 -14.38
N GLY A 1 -9.92 -17.68 22.98
CA GLY A 1 -11.07 -16.88 22.49
C GLY A 1 -10.77 -16.23 21.15
N PRO A 2 -11.56 -15.21 20.74
CA PRO A 2 -11.39 -14.51 19.47
C PRO A 2 -10.02 -13.81 19.30
N HIS A 3 -9.57 -13.69 18.06
CA HIS A 3 -8.35 -12.95 17.69
C HIS A 3 -8.54 -11.43 17.71
N MET A 4 -7.45 -10.69 17.97
CA MET A 4 -7.41 -9.22 17.88
C MET A 4 -7.24 -8.74 16.43
N ASP A 5 -7.56 -7.46 16.16
CA ASP A 5 -7.48 -6.84 14.83
C ASP A 5 -6.06 -6.37 14.42
N TYR A 6 -5.03 -6.94 15.05
CA TYR A 6 -3.61 -6.60 14.85
C TYR A 6 -2.93 -7.27 13.63
N ASP A 7 -3.73 -7.88 12.76
CA ASP A 7 -3.31 -8.56 11.52
C ASP A 7 -3.82 -7.84 10.24
N MET A 8 -4.38 -6.63 10.40
CA MET A 8 -4.95 -5.78 9.35
C MET A 8 -4.71 -4.28 9.61
N LEU A 9 -5.02 -3.45 8.62
CA LEU A 9 -4.92 -1.98 8.69
C LEU A 9 -5.94 -1.41 9.70
N THR A 10 -5.48 -0.62 10.68
CA THR A 10 -6.33 -0.03 11.74
C THR A 10 -7.08 1.23 11.27
N GLU A 11 -8.09 1.65 12.02
CA GLU A 11 -8.84 2.89 11.73
C GLU A 11 -7.98 4.16 11.78
N GLU A 12 -6.96 4.17 12.65
CA GLU A 12 -5.96 5.24 12.71
C GLU A 12 -5.05 5.24 11.48
N GLN A 13 -4.61 4.06 11.03
CA GLN A 13 -3.74 3.93 9.85
C GLN A 13 -4.49 4.23 8.54
N LYS A 14 -5.77 3.88 8.44
CA LYS A 14 -6.67 4.32 7.36
C LYS A 14 -6.76 5.85 7.27
N LYS A 15 -6.94 6.54 8.40
CA LYS A 15 -6.92 8.01 8.51
C LYS A 15 -5.56 8.62 8.14
N LYS A 16 -4.45 8.06 8.64
CA LYS A 16 -3.08 8.50 8.30
C LYS A 16 -2.81 8.49 6.79
N LEU A 17 -3.24 7.46 6.08
CA LEU A 17 -3.11 7.36 4.61
C LEU A 17 -3.91 8.46 3.89
N LYS A 18 -5.22 8.58 4.14
CA LYS A 18 -6.08 9.49 3.36
C LYS A 18 -5.85 10.97 3.63
N GLU A 19 -5.49 11.33 4.85
CA GLU A 19 -5.27 12.73 5.28
C GLU A 19 -3.91 13.31 4.82
N ASP A 20 -2.92 12.49 4.49
CA ASP A 20 -1.61 12.96 3.99
C ASP A 20 -1.66 13.20 2.46
N HIS A 21 -1.50 14.46 2.04
CA HIS A 21 -1.52 14.89 0.65
C HIS A 21 -0.35 14.36 -0.20
N THR A 22 0.83 14.20 0.40
CA THR A 22 2.06 13.81 -0.31
C THR A 22 2.00 12.38 -0.86
N LEU A 23 1.29 11.46 -0.19
CA LEU A 23 0.99 10.14 -0.70
C LEU A 23 0.15 10.20 -2.00
N LYS A 24 -0.85 11.09 -2.05
CA LYS A 24 -1.70 11.26 -3.22
C LYS A 24 -0.94 11.83 -4.43
N ILE A 25 0.11 12.63 -4.23
CA ILE A 25 1.01 13.07 -5.32
C ILE A 25 1.74 11.86 -5.96
N LEU A 26 2.21 10.92 -5.14
CA LEU A 26 2.88 9.69 -5.60
C LEU A 26 1.92 8.75 -6.32
N LEU A 27 0.71 8.60 -5.78
CA LEU A 27 -0.35 7.77 -6.40
C LEU A 27 -0.91 8.37 -7.70
N LYS A 28 -0.83 9.68 -7.89
CA LYS A 28 -1.17 10.36 -9.15
C LYS A 28 -0.18 10.09 -10.29
N ASN A 29 0.98 9.48 -10.04
CA ASN A 29 1.79 8.86 -11.09
C ASN A 29 0.95 7.74 -11.74
N ASN A 30 0.74 7.81 -13.06
CA ASN A 30 -0.05 6.77 -13.77
C ASN A 30 0.60 5.38 -13.67
N TYR A 31 1.93 5.32 -13.55
CA TYR A 31 2.71 4.10 -13.41
C TYR A 31 2.52 3.43 -12.04
N VAL A 32 2.18 4.21 -11.01
CA VAL A 32 1.83 3.69 -9.68
C VAL A 32 0.38 3.21 -9.67
N ARG A 33 -0.56 4.01 -10.16
CA ARG A 33 -1.99 3.64 -10.07
C ARG A 33 -2.31 2.37 -10.85
N GLU A 34 -1.66 2.15 -12.00
CA GLU A 34 -1.84 0.91 -12.78
C GLU A 34 -1.31 -0.33 -12.03
N VAL A 35 -0.13 -0.24 -11.40
CA VAL A 35 0.44 -1.40 -10.68
C VAL A 35 -0.31 -1.69 -9.37
N PHE A 36 -0.76 -0.65 -8.66
CA PHE A 36 -1.58 -0.79 -7.44
C PHE A 36 -2.97 -1.35 -7.75
N LYS A 37 -3.63 -0.92 -8.84
CA LYS A 37 -4.97 -1.40 -9.22
C LYS A 37 -4.96 -2.81 -9.81
N GLN A 38 -3.90 -3.20 -10.52
CA GLN A 38 -3.69 -4.59 -10.95
C GLN A 38 -3.30 -5.53 -9.80
N PHE A 39 -2.69 -5.00 -8.72
CA PHE A 39 -2.24 -5.80 -7.57
C PHE A 39 -3.37 -6.60 -6.91
N THR A 40 -4.51 -5.96 -6.68
CA THR A 40 -5.66 -6.58 -5.99
C THR A 40 -6.38 -7.63 -6.84
N LEU A 41 -6.20 -7.58 -8.16
CA LEU A 41 -6.78 -8.51 -9.15
C LEU A 41 -5.87 -9.71 -9.47
N SER A 42 -4.58 -9.62 -9.09
CA SER A 42 -3.59 -10.69 -9.27
C SER A 42 -3.95 -11.98 -8.52
N ASN A 43 -3.55 -13.13 -9.04
CA ASN A 43 -3.77 -14.45 -8.43
C ASN A 43 -2.72 -14.80 -7.35
N ASP A 44 -1.56 -14.13 -7.32
CA ASP A 44 -0.48 -14.32 -6.34
C ASP A 44 0.10 -12.97 -5.91
N LYS A 45 -0.52 -12.35 -4.90
CA LYS A 45 -0.13 -11.02 -4.38
C LYS A 45 1.34 -10.96 -3.93
N ILE A 46 1.81 -12.00 -3.24
CA ILE A 46 3.19 -12.10 -2.74
C ILE A 46 4.18 -12.16 -3.92
N GLY A 47 3.96 -13.04 -4.89
CA GLY A 47 4.79 -13.14 -6.11
C GLY A 47 4.80 -11.86 -6.95
N TYR A 48 3.67 -11.13 -7.00
CA TYR A 48 3.54 -9.87 -7.70
C TYR A 48 4.31 -8.72 -7.02
N LEU A 49 4.25 -8.59 -5.68
CA LEU A 49 5.04 -7.60 -4.94
C LEU A 49 6.54 -7.89 -4.99
N SER A 50 6.94 -9.17 -5.04
CA SER A 50 8.34 -9.59 -5.23
C SER A 50 8.96 -9.12 -6.56
N HIS A 51 8.15 -8.66 -7.53
CA HIS A 51 8.62 -8.01 -8.76
C HIS A 51 8.83 -6.48 -8.58
N TYR A 52 8.10 -5.82 -7.68
CA TYR A 52 8.07 -4.36 -7.52
C TYR A 52 8.95 -3.83 -6.37
N ILE A 53 9.38 -4.69 -5.43
CA ILE A 53 10.43 -4.37 -4.45
C ILE A 53 11.79 -4.03 -5.08
N ASN A 54 11.97 -4.35 -6.36
CA ASN A 54 13.16 -4.05 -7.17
C ASN A 54 12.89 -2.99 -8.27
N ASP A 55 11.68 -2.40 -8.34
CA ASP A 55 11.35 -1.27 -9.21
C ASP A 55 11.54 0.06 -8.47
N PRO A 56 12.42 0.98 -8.91
CA PRO A 56 12.77 2.17 -8.13
C PRO A 56 11.58 3.13 -7.93
N THR A 57 10.70 3.29 -8.91
CA THR A 57 9.52 4.17 -8.81
C THR A 57 8.49 3.61 -7.83
N ILE A 58 8.19 2.30 -7.91
CA ILE A 58 7.25 1.66 -6.96
C ILE A 58 7.83 1.58 -5.55
N VAL A 59 9.16 1.46 -5.42
CA VAL A 59 9.85 1.52 -4.12
C VAL A 59 9.70 2.88 -3.42
N GLN A 60 9.67 4.00 -4.16
CA GLN A 60 9.54 5.33 -3.52
C GLN A 60 8.18 5.48 -2.82
N VAL A 61 7.11 5.05 -3.49
CA VAL A 61 5.74 5.14 -3.00
C VAL A 61 5.44 4.12 -1.90
N ILE A 62 5.92 2.87 -2.03
CA ILE A 62 5.87 1.86 -0.97
C ILE A 62 6.53 2.38 0.31
N ASP A 63 7.72 2.97 0.19
CA ASP A 63 8.46 3.50 1.34
C ASP A 63 7.67 4.63 2.03
N HIS A 64 7.02 5.50 1.25
CA HIS A 64 6.18 6.59 1.76
C HIS A 64 4.90 6.08 2.46
N ILE A 65 4.22 5.06 1.91
CA ILE A 65 3.05 4.39 2.53
C ILE A 65 3.43 3.79 3.89
N MET A 66 4.50 2.99 3.91
CA MET A 66 4.98 2.31 5.11
C MET A 66 5.50 3.28 6.19
N LYS A 67 6.04 4.44 5.80
CA LYS A 67 6.37 5.57 6.69
C LYS A 67 5.09 6.25 7.22
N THR A 68 4.08 6.44 6.38
CA THR A 68 2.83 7.13 6.73
C THR A 68 2.04 6.37 7.80
N ILE A 69 1.91 5.04 7.70
CA ILE A 69 1.19 4.22 8.68
C ILE A 69 1.93 4.10 10.02
N ASP A 70 3.26 4.09 9.99
CA ASP A 70 4.11 4.00 11.20
C ASP A 70 4.13 5.35 11.96
N ASP A 71 4.20 6.46 11.21
CA ASP A 71 4.24 7.85 11.69
C ASP A 71 5.34 8.14 12.73
N THR A 72 6.34 7.26 12.84
CA THR A 72 7.50 7.39 13.74
C THR A 72 8.48 8.48 13.30
N ASP B 1 12.56 -10.19 8.39
CA ASP B 1 11.48 -11.01 7.79
C ASP B 1 10.74 -10.22 6.70
N ILE B 2 10.32 -10.90 5.64
CA ILE B 2 9.54 -10.32 4.54
C ILE B 2 8.02 -10.40 4.79
N TYR B 3 7.50 -11.54 5.26
CA TYR B 3 6.05 -11.81 5.29
C TYR B 3 5.27 -10.89 6.25
N THR B 4 5.88 -10.47 7.36
CA THR B 4 5.30 -9.47 8.29
C THR B 4 5.17 -8.08 7.66
N TYR B 5 6.08 -7.72 6.74
CA TYR B 5 6.06 -6.45 6.01
C TYR B 5 5.06 -6.50 4.83
N GLU B 6 4.99 -7.65 4.13
CA GLU B 6 4.05 -7.88 3.03
C GLU B 6 2.60 -7.68 3.47
N LYS B 7 2.14 -8.33 4.55
CA LYS B 7 0.74 -8.25 5.00
C LYS B 7 0.30 -6.82 5.34
N LYS B 8 1.16 -6.06 6.01
CA LYS B 8 0.93 -4.64 6.38
C LYS B 8 0.85 -3.72 5.16
N LEU B 9 1.74 -3.93 4.19
CA LEU B 9 1.74 -3.21 2.92
C LEU B 9 0.53 -3.55 2.04
N ILE B 10 0.16 -4.84 1.93
CA ILE B 10 -0.96 -5.31 1.11
C ILE B 10 -2.30 -4.79 1.63
N LYS B 11 -2.50 -4.76 2.96
CA LYS B 11 -3.70 -4.15 3.56
C LYS B 11 -3.75 -2.62 3.38
N SER B 12 -2.60 -1.96 3.17
CA SER B 12 -2.55 -0.55 2.74
C SER B 12 -2.90 -0.39 1.26
N ILE B 13 -2.37 -1.24 0.36
CA ILE B 13 -2.70 -1.27 -1.07
C ILE B 13 -4.22 -1.43 -1.26
N GLU B 14 -4.83 -2.43 -0.59
CA GLU B 14 -6.25 -2.74 -0.67
C GLU B 14 -7.16 -1.60 -0.14
N TYR B 15 -6.68 -0.79 0.82
CA TYR B 15 -7.41 0.40 1.28
C TYR B 15 -7.31 1.56 0.27
N ILE B 16 -6.13 1.81 -0.29
CA ILE B 16 -5.87 2.86 -1.29
C ILE B 16 -6.68 2.62 -2.57
N THR B 17 -6.76 1.39 -3.06
CA THR B 17 -7.56 1.03 -4.25
C THR B 17 -9.07 1.13 -3.99
N LYS B 18 -9.57 0.61 -2.85
CA LYS B 18 -11.01 0.60 -2.50
C LYS B 18 -11.61 2.00 -2.38
N ASN B 19 -10.82 2.95 -1.84
CA ASN B 19 -11.20 4.36 -1.68
C ASN B 19 -10.74 5.24 -2.87
N LYS B 20 -10.11 4.66 -3.90
CA LYS B 20 -9.68 5.30 -5.15
C LYS B 20 -8.98 6.64 -4.93
N PHE B 21 -7.84 6.62 -4.21
CA PHE B 21 -7.06 7.84 -3.87
C PHE B 21 -6.68 8.70 -5.10
N PHE B 22 -6.47 8.05 -6.25
CA PHE B 22 -6.12 8.65 -7.54
C PHE B 22 -7.34 9.09 -8.39
N ASP B 23 -8.57 8.87 -7.90
CA ASP B 23 -9.89 9.39 -8.31
C ASP B 23 -10.11 9.83 -9.78
N ASP B 24 -9.74 8.97 -10.74
CA ASP B 24 -9.90 9.22 -12.19
C ASP B 24 -11.22 8.66 -12.79
N SER B 25 -11.88 7.74 -12.08
CA SER B 25 -13.17 7.09 -12.44
C SER B 25 -14.19 7.14 -11.30
N GLY A 1 9.61 -14.04 19.05
CA GLY A 1 9.26 -13.11 17.95
C GLY A 1 8.56 -11.86 18.47
N PRO A 2 7.93 -11.07 17.56
CA PRO A 2 7.24 -9.82 17.89
C PRO A 2 6.05 -9.98 18.87
N HIS A 3 5.76 -8.93 19.64
CA HIS A 3 4.67 -8.87 20.62
C HIS A 3 3.61 -7.84 20.18
N MET A 4 2.98 -8.10 19.03
CA MET A 4 1.99 -7.22 18.38
C MET A 4 0.94 -8.01 17.56
N ASP A 5 -0.14 -7.33 17.18
CA ASP A 5 -1.20 -7.85 16.27
C ASP A 5 -1.49 -6.88 15.09
N TYR A 6 -0.52 -6.02 14.75
CA TYR A 6 -0.60 -5.00 13.69
C TYR A 6 -0.38 -5.56 12.26
N ASP A 7 -0.84 -6.79 11.99
CA ASP A 7 -0.80 -7.45 10.67
C ASP A 7 -1.89 -6.96 9.68
N MET A 8 -2.66 -5.96 10.08
CA MET A 8 -3.78 -5.35 9.34
C MET A 8 -3.80 -3.83 9.53
N LEU A 9 -4.43 -3.10 8.59
CA LEU A 9 -4.53 -1.64 8.60
C LEU A 9 -5.65 -1.16 9.54
N THR A 10 -5.31 -0.36 10.57
CA THR A 10 -6.27 0.18 11.56
C THR A 10 -7.04 1.40 11.03
N GLU A 11 -8.14 1.77 11.68
CA GLU A 11 -8.92 2.97 11.32
C GLU A 11 -8.13 4.28 11.42
N GLU A 12 -7.19 4.36 12.37
CA GLU A 12 -6.29 5.51 12.52
C GLU A 12 -5.20 5.53 11.42
N GLN A 13 -4.69 4.37 11.00
CA GLN A 13 -3.76 4.26 9.88
C GLN A 13 -4.44 4.56 8.53
N LYS A 14 -5.70 4.12 8.33
CA LYS A 14 -6.56 4.49 7.19
C LYS A 14 -6.75 6.00 7.08
N LYS A 15 -7.06 6.67 8.20
CA LYS A 15 -7.14 8.13 8.30
C LYS A 15 -5.84 8.82 7.93
N LYS A 16 -4.70 8.37 8.45
CA LYS A 16 -3.38 8.98 8.16
C LYS A 16 -2.96 8.82 6.70
N LEU A 17 -3.32 7.72 6.04
CA LEU A 17 -3.14 7.54 4.59
C LEU A 17 -3.92 8.59 3.79
N LYS A 18 -5.24 8.75 4.02
CA LYS A 18 -6.06 9.66 3.22
C LYS A 18 -5.85 11.15 3.54
N GLU A 19 -5.59 11.48 4.80
CA GLU A 19 -5.39 12.86 5.26
C GLU A 19 -3.98 13.41 4.92
N ASP A 20 -2.94 12.58 4.87
CA ASP A 20 -1.60 13.04 4.45
C ASP A 20 -1.55 13.20 2.93
N HIS A 21 -1.56 14.46 2.47
CA HIS A 21 -1.55 14.81 1.05
C HIS A 21 -0.23 14.46 0.35
N THR A 22 0.87 14.25 1.08
CA THR A 22 2.18 13.83 0.52
C THR A 22 2.09 12.47 -0.17
N LEU A 23 1.26 11.55 0.32
CA LEU A 23 1.00 10.26 -0.33
C LEU A 23 0.32 10.48 -1.70
N LYS A 24 -0.68 11.36 -1.77
CA LYS A 24 -1.41 11.64 -3.01
C LYS A 24 -0.49 12.15 -4.12
N ILE A 25 0.58 12.89 -3.80
CA ILE A 25 1.60 13.34 -4.77
C ILE A 25 2.32 12.17 -5.44
N LEU A 26 2.57 11.07 -4.70
CA LEU A 26 3.20 9.85 -5.21
C LEU A 26 2.21 8.98 -6.01
N LEU A 27 0.93 8.99 -5.62
CA LEU A 27 -0.17 8.32 -6.32
C LEU A 27 -0.61 9.05 -7.62
N LYS A 28 -0.22 10.30 -7.85
CA LYS A 28 -0.45 11.04 -9.13
C LYS A 28 0.21 10.38 -10.35
N ASN A 29 1.24 9.56 -10.13
CA ASN A 29 1.91 8.81 -11.21
C ASN A 29 0.94 7.80 -11.85
N ASN A 30 0.82 7.85 -13.18
CA ASN A 30 0.10 6.84 -13.96
C ASN A 30 0.73 5.43 -13.83
N TYR A 31 2.04 5.39 -13.57
CA TYR A 31 2.83 4.17 -13.44
C TYR A 31 2.60 3.47 -12.09
N VAL A 32 2.21 4.22 -11.04
CA VAL A 32 1.82 3.66 -9.74
C VAL A 32 0.38 3.14 -9.78
N ARG A 33 -0.56 3.92 -10.32
CA ARG A 33 -1.99 3.53 -10.32
C ARG A 33 -2.28 2.31 -11.18
N GLU A 34 -1.51 2.08 -12.25
CA GLU A 34 -1.65 0.85 -13.05
C GLU A 34 -1.14 -0.40 -12.31
N VAL A 35 -0.06 -0.29 -11.52
CA VAL A 35 0.51 -1.45 -10.80
C VAL A 35 -0.29 -1.77 -9.52
N PHE A 36 -0.79 -0.74 -8.81
CA PHE A 36 -1.63 -0.91 -7.62
C PHE A 36 -2.99 -1.53 -7.94
N LYS A 37 -3.65 -1.12 -9.04
CA LYS A 37 -5.00 -1.61 -9.38
C LYS A 37 -5.02 -3.00 -10.01
N GLN A 38 -3.92 -3.42 -10.63
CA GLN A 38 -3.71 -4.80 -11.09
C GLN A 38 -3.35 -5.76 -9.93
N PHE A 39 -2.73 -5.25 -8.85
CA PHE A 39 -2.28 -6.06 -7.71
C PHE A 39 -3.43 -6.81 -7.03
N THR A 40 -4.57 -6.16 -6.84
CA THR A 40 -5.75 -6.72 -6.15
C THR A 40 -6.52 -7.76 -6.99
N LEU A 41 -6.37 -7.73 -8.31
CA LEU A 41 -6.99 -8.69 -9.25
C LEU A 41 -6.17 -9.99 -9.40
N SER A 42 -4.86 -9.92 -9.11
CA SER A 42 -4.00 -11.10 -8.98
C SER A 42 -4.33 -11.91 -7.71
N ASN A 43 -4.28 -13.24 -7.80
CA ASN A 43 -4.42 -14.15 -6.67
C ASN A 43 -3.09 -14.34 -5.91
N ASP A 44 -1.95 -14.06 -6.54
CA ASP A 44 -0.59 -14.24 -6.01
C ASP A 44 0.02 -12.90 -5.55
N LYS A 45 -0.53 -12.34 -4.46
CA LYS A 45 -0.16 -11.02 -3.91
C LYS A 45 1.35 -10.91 -3.65
N ILE A 46 1.93 -11.91 -2.99
CA ILE A 46 3.37 -11.98 -2.68
C ILE A 46 4.22 -12.10 -3.95
N GLY A 47 3.77 -12.91 -4.91
CA GLY A 47 4.43 -13.10 -6.22
C GLY A 47 4.39 -11.85 -7.13
N TYR A 48 3.44 -10.96 -6.91
CA TYR A 48 3.38 -9.63 -7.51
C TYR A 48 4.33 -8.65 -6.81
N LEU A 49 4.27 -8.57 -5.47
CA LEU A 49 5.10 -7.63 -4.69
C LEU A 49 6.60 -7.90 -4.93
N SER A 50 7.01 -9.17 -5.03
CA SER A 50 8.41 -9.56 -5.30
C SER A 50 8.93 -9.15 -6.69
N HIS A 51 8.08 -8.67 -7.61
CA HIS A 51 8.51 -7.92 -8.80
C HIS A 51 8.79 -6.44 -8.47
N TYR A 52 7.91 -5.80 -7.70
CA TYR A 52 7.83 -4.34 -7.51
C TYR A 52 8.86 -3.82 -6.49
N ILE A 53 9.49 -4.71 -5.72
CA ILE A 53 10.69 -4.41 -4.95
C ILE A 53 11.88 -3.98 -5.82
N ASN A 54 11.86 -4.32 -7.12
CA ASN A 54 12.91 -4.00 -8.09
C ASN A 54 12.69 -2.69 -8.87
N ASP A 55 11.45 -2.16 -8.90
CA ASP A 55 11.05 -1.01 -9.70
C ASP A 55 11.09 0.30 -8.90
N PRO A 56 11.98 1.26 -9.20
CA PRO A 56 12.30 2.36 -8.29
C PRO A 56 11.17 3.37 -8.06
N THR A 57 10.26 3.53 -9.03
CA THR A 57 9.05 4.37 -8.87
C THR A 57 8.09 3.74 -7.85
N ILE A 58 7.97 2.40 -7.85
CA ILE A 58 7.08 1.66 -6.95
C ILE A 58 7.71 1.52 -5.55
N VAL A 59 9.03 1.36 -5.46
CA VAL A 59 9.76 1.34 -4.18
C VAL A 59 9.59 2.64 -3.39
N GLN A 60 9.54 3.79 -4.09
CA GLN A 60 9.50 5.11 -3.43
C GLN A 60 8.14 5.42 -2.82
N VAL A 61 7.06 5.04 -3.51
CA VAL A 61 5.68 5.15 -3.01
C VAL A 61 5.39 4.12 -1.91
N ILE A 62 5.85 2.88 -2.04
CA ILE A 62 5.76 1.84 -1.00
C ILE A 62 6.47 2.32 0.28
N ASP A 63 7.67 2.89 0.16
CA ASP A 63 8.43 3.36 1.31
C ASP A 63 7.69 4.46 2.09
N HIS A 64 7.02 5.39 1.38
CA HIS A 64 6.24 6.47 2.01
C HIS A 64 4.94 5.96 2.67
N ILE A 65 4.22 5.03 2.03
CA ILE A 65 3.04 4.36 2.63
C ILE A 65 3.44 3.67 3.93
N MET A 66 4.48 2.87 3.88
CA MET A 66 4.99 2.12 5.04
C MET A 66 5.51 3.06 6.15
N LYS A 67 6.18 4.16 5.80
CA LYS A 67 6.61 5.20 6.75
C LYS A 67 5.43 5.84 7.47
N THR A 68 4.34 6.12 6.77
CA THR A 68 3.13 6.75 7.33
C THR A 68 2.48 5.89 8.43
N ILE A 69 2.40 4.57 8.23
CA ILE A 69 1.78 3.64 9.19
C ILE A 69 2.73 3.15 10.30
N ASP A 70 4.04 3.16 10.04
CA ASP A 70 5.05 2.67 10.99
C ASP A 70 5.53 3.77 11.95
N ASP A 71 5.49 5.03 11.50
CA ASP A 71 5.72 6.24 12.30
C ASP A 71 4.38 6.93 12.66
N THR A 72 3.37 6.11 12.97
CA THR A 72 1.98 6.52 13.33
C THR A 72 1.90 7.24 14.67
N ASP B 1 14.39 -10.75 6.84
CA ASP B 1 13.01 -11.25 6.58
C ASP B 1 12.21 -10.23 5.75
N ILE B 2 11.01 -10.63 5.30
CA ILE B 2 10.13 -9.83 4.41
C ILE B 2 8.64 -9.90 4.79
N TYR B 3 8.11 -11.05 5.21
CA TYR B 3 6.67 -11.29 5.27
C TYR B 3 5.90 -10.41 6.28
N THR B 4 6.56 -9.95 7.35
CA THR B 4 5.99 -8.97 8.29
C THR B 4 5.76 -7.59 7.66
N TYR B 5 6.60 -7.21 6.70
CA TYR B 5 6.47 -5.98 5.90
C TYR B 5 5.36 -6.12 4.85
N GLU B 6 5.22 -7.31 4.24
CA GLU B 6 4.23 -7.59 3.19
C GLU B 6 2.78 -7.45 3.68
N LYS B 7 2.44 -8.00 4.85
CA LYS B 7 1.06 -7.99 5.35
C LYS B 7 0.54 -6.56 5.62
N LYS B 8 1.36 -5.73 6.27
CA LYS B 8 1.10 -4.29 6.50
C LYS B 8 0.94 -3.53 5.18
N LEU B 9 1.81 -3.80 4.21
CA LEU B 9 1.80 -3.15 2.90
C LEU B 9 0.58 -3.54 2.04
N ILE B 10 0.25 -4.84 1.96
CA ILE B 10 -0.84 -5.35 1.12
C ILE B 10 -2.20 -4.88 1.63
N LYS B 11 -2.37 -4.75 2.95
CA LYS B 11 -3.58 -4.13 3.54
C LYS B 11 -3.65 -2.62 3.30
N SER B 12 -2.53 -1.97 2.99
CA SER B 12 -2.49 -0.57 2.48
C SER B 12 -2.87 -0.50 1.00
N ILE B 13 -2.34 -1.39 0.15
CA ILE B 13 -2.70 -1.48 -1.29
C ILE B 13 -4.21 -1.71 -1.44
N GLU B 14 -4.75 -2.72 -0.75
CA GLU B 14 -6.16 -3.12 -0.77
C GLU B 14 -7.11 -2.03 -0.20
N TYR B 15 -6.60 -1.10 0.62
CA TYR B 15 -7.33 0.08 1.10
C TYR B 15 -7.30 1.25 0.09
N ILE B 16 -6.13 1.58 -0.44
CA ILE B 16 -5.92 2.69 -1.40
C ILE B 16 -6.69 2.44 -2.70
N THR B 17 -6.71 1.20 -3.18
CA THR B 17 -7.47 0.76 -4.37
C THR B 17 -8.99 0.79 -4.15
N LYS B 18 -9.48 0.22 -3.03
CA LYS B 18 -10.92 0.15 -2.71
C LYS B 18 -11.58 1.52 -2.56
N ASN B 19 -10.85 2.47 -1.98
CA ASN B 19 -11.29 3.86 -1.77
C ASN B 19 -10.87 4.80 -2.91
N LYS B 20 -10.23 4.26 -3.97
CA LYS B 20 -9.89 4.92 -5.23
C LYS B 20 -9.23 6.30 -5.06
N PHE B 21 -8.10 6.33 -4.35
CA PHE B 21 -7.27 7.55 -4.17
C PHE B 21 -6.88 8.21 -5.51
N PHE B 22 -6.78 7.39 -6.56
CA PHE B 22 -6.43 7.78 -7.93
C PHE B 22 -7.51 8.59 -8.68
N ASP B 23 -8.70 8.75 -8.11
CA ASP B 23 -9.76 9.65 -8.60
C ASP B 23 -9.49 11.12 -8.19
N ASP B 24 -8.29 11.63 -8.48
CA ASP B 24 -7.85 12.99 -8.12
C ASP B 24 -8.45 14.10 -9.02
N SER B 25 -8.95 13.73 -10.20
CA SER B 25 -9.58 14.63 -11.21
C SER B 25 -10.87 15.31 -10.72
N GLY A 1 -16.73 -12.21 13.02
CA GLY A 1 -16.69 -13.20 14.11
C GLY A 1 -15.36 -13.18 14.88
N PRO A 2 -15.17 -14.08 15.86
CA PRO A 2 -14.01 -14.08 16.75
C PRO A 2 -12.66 -14.35 16.06
N HIS A 3 -12.66 -15.04 14.91
CA HIS A 3 -11.47 -15.46 14.16
C HIS A 3 -10.89 -14.31 13.29
N MET A 4 -10.56 -13.19 13.94
CA MET A 4 -10.01 -11.98 13.32
C MET A 4 -8.58 -12.17 12.80
N ASP A 5 -8.18 -11.38 11.81
CA ASP A 5 -6.81 -11.28 11.30
C ASP A 5 -6.08 -10.14 12.03
N TYR A 6 -5.17 -10.50 12.94
CA TYR A 6 -4.47 -9.56 13.84
C TYR A 6 -3.34 -8.74 13.20
N ASP A 7 -3.26 -8.75 11.86
CA ASP A 7 -2.31 -7.99 11.04
C ASP A 7 -3.01 -7.02 10.05
N MET A 8 -4.32 -6.78 10.22
CA MET A 8 -5.10 -5.82 9.45
C MET A 8 -4.75 -4.36 9.78
N LEU A 9 -5.02 -3.52 8.79
CA LEU A 9 -4.88 -2.06 8.83
C LEU A 9 -5.92 -1.44 9.80
N THR A 10 -5.47 -0.69 10.81
CA THR A 10 -6.35 -0.07 11.82
C THR A 10 -7.06 1.18 11.28
N GLU A 11 -8.11 1.65 11.97
CA GLU A 11 -8.78 2.91 11.61
C GLU A 11 -7.84 4.12 11.68
N GLU A 12 -6.90 4.13 12.63
CA GLU A 12 -5.92 5.20 12.77
C GLU A 12 -4.89 5.22 11.64
N GLN A 13 -4.48 4.04 11.16
CA GLN A 13 -3.60 3.90 9.98
C GLN A 13 -4.34 4.30 8.69
N LYS A 14 -5.63 3.93 8.54
CA LYS A 14 -6.52 4.39 7.46
C LYS A 14 -6.66 5.92 7.42
N LYS A 15 -6.94 6.57 8.56
CA LYS A 15 -7.05 8.04 8.69
C LYS A 15 -5.77 8.75 8.21
N LYS A 16 -4.60 8.31 8.67
CA LYS A 16 -3.29 8.86 8.27
C LYS A 16 -3.06 8.76 6.75
N LEU A 17 -3.44 7.66 6.12
CA LEU A 17 -3.33 7.46 4.67
C LEU A 17 -4.29 8.39 3.89
N LYS A 18 -5.57 8.52 4.29
CA LYS A 18 -6.52 9.38 3.56
C LYS A 18 -6.31 10.89 3.76
N GLU A 19 -5.87 11.30 4.94
CA GLU A 19 -5.66 12.71 5.29
C GLU A 19 -4.34 13.30 4.73
N ASP A 20 -3.31 12.46 4.54
CA ASP A 20 -2.00 12.91 4.03
C ASP A 20 -2.04 13.19 2.52
N HIS A 21 -1.63 14.39 2.10
CA HIS A 21 -1.64 14.80 0.69
C HIS A 21 -0.35 14.40 -0.06
N THR A 22 0.80 14.31 0.62
CA THR A 22 2.09 13.95 0.01
C THR A 22 2.07 12.53 -0.59
N LEU A 23 1.35 11.59 0.03
CA LEU A 23 1.01 10.29 -0.55
C LEU A 23 0.29 10.44 -1.89
N LYS A 24 -0.74 11.28 -1.96
CA LYS A 24 -1.53 11.50 -3.17
C LYS A 24 -0.72 12.15 -4.30
N ILE A 25 0.31 12.96 -4.00
CA ILE A 25 1.28 13.45 -4.99
C ILE A 25 2.01 12.29 -5.69
N LEU A 26 2.44 11.26 -4.94
CA LEU A 26 3.09 10.07 -5.49
C LEU A 26 2.12 9.21 -6.32
N LEU A 27 0.86 9.16 -5.89
CA LEU A 27 -0.24 8.47 -6.60
C LEU A 27 -0.73 9.22 -7.86
N LYS A 28 -0.24 10.42 -8.18
CA LYS A 28 -0.48 11.10 -9.49
C LYS A 28 0.11 10.32 -10.67
N ASN A 29 1.15 9.52 -10.43
CA ASN A 29 1.85 8.76 -11.48
C ASN A 29 0.92 7.72 -12.12
N ASN A 30 0.90 7.66 -13.45
CA ASN A 30 0.08 6.72 -14.23
C ASN A 30 0.56 5.27 -14.08
N TYR A 31 1.85 5.06 -13.81
CA TYR A 31 2.44 3.75 -13.56
C TYR A 31 2.03 3.21 -12.18
N VAL A 32 2.00 4.05 -11.15
CA VAL A 32 1.61 3.63 -9.79
C VAL A 32 0.12 3.28 -9.72
N ARG A 33 -0.75 4.03 -10.40
CA ARG A 33 -2.19 3.72 -10.40
C ARG A 33 -2.52 2.43 -11.14
N GLU A 34 -1.84 2.11 -12.25
CA GLU A 34 -2.08 0.84 -12.96
C GLU A 34 -1.57 -0.38 -12.17
N VAL A 35 -0.38 -0.30 -11.57
CA VAL A 35 0.22 -1.45 -10.85
C VAL A 35 -0.46 -1.72 -9.52
N PHE A 36 -0.91 -0.69 -8.80
CA PHE A 36 -1.69 -0.86 -7.56
C PHE A 36 -3.09 -1.43 -7.82
N LYS A 37 -3.75 -1.04 -8.92
CA LYS A 37 -5.09 -1.57 -9.28
C LYS A 37 -5.03 -3.01 -9.81
N GLN A 38 -4.02 -3.35 -10.59
CA GLN A 38 -3.74 -4.73 -11.03
C GLN A 38 -3.33 -5.64 -9.87
N PHE A 39 -2.71 -5.11 -8.81
CA PHE A 39 -2.26 -5.87 -7.64
C PHE A 39 -3.40 -6.65 -6.98
N THR A 40 -4.53 -5.99 -6.73
CA THR A 40 -5.67 -6.59 -5.99
C THR A 40 -6.39 -7.70 -6.79
N LEU A 41 -6.27 -7.67 -8.13
CA LEU A 41 -6.84 -8.66 -9.05
C LEU A 41 -5.92 -9.88 -9.27
N SER A 42 -4.63 -9.75 -8.97
CA SER A 42 -3.65 -10.84 -9.07
C SER A 42 -3.94 -11.99 -8.10
N ASN A 43 -3.62 -13.23 -8.50
CA ASN A 43 -3.89 -14.44 -7.72
C ASN A 43 -2.87 -14.71 -6.59
N ASP A 44 -1.63 -14.24 -6.74
CA ASP A 44 -0.50 -14.53 -5.84
C ASP A 44 0.20 -13.22 -5.41
N LYS A 45 -0.40 -12.53 -4.43
CA LYS A 45 -0.02 -11.17 -3.99
C LYS A 45 1.46 -11.01 -3.61
N ILE A 46 2.03 -11.98 -2.89
CA ILE A 46 3.45 -11.98 -2.48
C ILE A 46 4.39 -12.10 -3.69
N GLY A 47 4.09 -13.00 -4.64
CA GLY A 47 4.82 -13.13 -5.91
C GLY A 47 4.71 -11.89 -6.79
N TYR A 48 3.55 -11.22 -6.77
CA TYR A 48 3.30 -9.98 -7.51
C TYR A 48 4.04 -8.77 -6.92
N LEU A 49 4.12 -8.64 -5.58
CA LEU A 49 4.91 -7.59 -4.91
C LEU A 49 6.41 -7.77 -5.23
N SER A 50 6.89 -9.01 -5.24
CA SER A 50 8.29 -9.37 -5.56
C SER A 50 8.72 -8.99 -7.00
N HIS A 51 7.77 -8.73 -7.90
CA HIS A 51 8.05 -8.18 -9.23
C HIS A 51 8.41 -6.68 -9.19
N TYR A 52 7.94 -5.95 -8.18
CA TYR A 52 8.06 -4.49 -8.06
C TYR A 52 9.06 -3.99 -7.00
N ILE A 53 9.53 -4.82 -6.06
CA ILE A 53 10.65 -4.47 -5.14
C ILE A 53 11.96 -4.17 -5.89
N ASN A 54 12.05 -4.58 -7.16
CA ASN A 54 13.17 -4.34 -8.07
C ASN A 54 13.02 -3.04 -8.89
N ASP A 55 11.92 -2.28 -8.75
CA ASP A 55 11.67 -1.03 -9.48
C ASP A 55 11.82 0.23 -8.59
N PRO A 56 12.60 1.24 -8.99
CA PRO A 56 12.93 2.40 -8.15
C PRO A 56 11.75 3.37 -7.91
N THR A 57 10.76 3.39 -8.79
CA THR A 57 9.54 4.20 -8.61
C THR A 57 8.60 3.52 -7.59
N ILE A 58 8.38 2.21 -7.72
CA ILE A 58 7.47 1.48 -6.82
C ILE A 58 8.04 1.36 -5.40
N VAL A 59 9.36 1.19 -5.26
CA VAL A 59 10.03 1.17 -3.94
C VAL A 59 9.87 2.49 -3.18
N GLN A 60 9.83 3.64 -3.88
CA GLN A 60 9.76 4.97 -3.25
C GLN A 60 8.36 5.30 -2.73
N VAL A 61 7.32 4.97 -3.49
CA VAL A 61 5.92 5.14 -3.05
C VAL A 61 5.54 4.16 -1.94
N ILE A 62 6.00 2.90 -2.01
CA ILE A 62 5.86 1.89 -0.94
C ILE A 62 6.50 2.41 0.36
N ASP A 63 7.71 2.98 0.29
CA ASP A 63 8.41 3.47 1.47
C ASP A 63 7.63 4.60 2.16
N HIS A 64 6.98 5.49 1.39
CA HIS A 64 6.15 6.58 1.92
C HIS A 64 4.83 6.07 2.54
N ILE A 65 4.16 5.10 1.91
CA ILE A 65 2.96 4.42 2.45
C ILE A 65 3.29 3.76 3.79
N MET A 66 4.34 2.95 3.81
CA MET A 66 4.78 2.22 5.00
C MET A 66 5.25 3.16 6.13
N LYS A 67 5.81 4.34 5.81
CA LYS A 67 6.14 5.39 6.78
C LYS A 67 4.90 6.10 7.34
N THR A 68 3.86 6.28 6.53
CA THR A 68 2.59 6.92 6.94
C THR A 68 1.83 6.09 7.98
N ILE A 69 1.86 4.75 7.87
CA ILE A 69 1.22 3.83 8.85
C ILE A 69 2.08 3.60 10.11
N ASP A 70 3.39 3.81 10.03
CA ASP A 70 4.34 3.71 11.16
C ASP A 70 4.23 4.88 12.16
N ASP A 71 3.59 5.97 11.74
CA ASP A 71 3.45 7.24 12.48
C ASP A 71 2.40 7.22 13.63
N THR A 72 1.83 6.05 13.95
CA THR A 72 0.88 5.84 15.07
C THR A 72 1.51 5.94 16.46
N ASP B 1 12.61 -11.01 7.58
CA ASP B 1 11.96 -11.78 6.49
C ASP B 1 11.10 -10.87 5.61
N ILE B 2 10.85 -11.28 4.36
CA ILE B 2 10.10 -10.49 3.36
C ILE B 2 8.58 -10.53 3.61
N TYR B 3 8.05 -11.64 4.13
CA TYR B 3 6.61 -11.88 4.25
C TYR B 3 5.94 -10.95 5.28
N THR B 4 6.58 -10.70 6.42
CA THR B 4 6.09 -9.76 7.45
C THR B 4 6.12 -8.30 7.00
N TYR B 5 7.06 -7.94 6.12
CA TYR B 5 7.13 -6.62 5.48
C TYR B 5 6.00 -6.43 4.46
N GLU B 6 5.79 -7.40 3.56
CA GLU B 6 4.81 -7.30 2.48
C GLU B 6 3.36 -7.47 2.94
N LYS B 7 3.07 -8.37 3.90
CA LYS B 7 1.68 -8.60 4.37
C LYS B 7 1.05 -7.34 4.99
N LYS B 8 1.84 -6.49 5.67
CA LYS B 8 1.40 -5.20 6.24
C LYS B 8 1.07 -4.17 5.14
N LEU B 9 1.94 -4.09 4.13
CA LEU B 9 1.78 -3.23 2.95
C LEU B 9 0.56 -3.60 2.10
N ILE B 10 0.25 -4.89 1.95
CA ILE B 10 -0.84 -5.37 1.10
C ILE B 10 -2.22 -4.89 1.61
N LYS B 11 -2.41 -4.77 2.93
CA LYS B 11 -3.63 -4.15 3.50
C LYS B 11 -3.77 -2.68 3.09
N SER B 12 -2.66 -1.94 3.01
CA SER B 12 -2.63 -0.55 2.54
C SER B 12 -2.93 -0.45 1.04
N ILE B 13 -2.39 -1.35 0.21
CA ILE B 13 -2.71 -1.40 -1.24
C ILE B 13 -4.22 -1.58 -1.44
N GLU B 14 -4.81 -2.60 -0.80
CA GLU B 14 -6.23 -2.92 -0.85
C GLU B 14 -7.16 -1.82 -0.30
N TYR B 15 -6.65 -0.96 0.59
CA TYR B 15 -7.37 0.22 1.11
C TYR B 15 -7.28 1.43 0.14
N ILE B 16 -6.09 1.72 -0.39
CA ILE B 16 -5.84 2.82 -1.33
C ILE B 16 -6.66 2.64 -2.62
N THR B 17 -6.75 1.42 -3.13
CA THR B 17 -7.57 1.08 -4.31
C THR B 17 -9.08 1.21 -4.04
N LYS B 18 -9.56 0.77 -2.86
CA LYS B 18 -10.98 0.86 -2.46
C LYS B 18 -11.45 2.29 -2.26
N ASN B 19 -10.56 3.17 -1.80
CA ASN B 19 -10.80 4.61 -1.63
C ASN B 19 -10.43 5.44 -2.88
N LYS B 20 -9.85 4.81 -3.91
CA LYS B 20 -9.48 5.39 -5.22
C LYS B 20 -8.67 6.70 -5.11
N PHE B 21 -7.63 6.71 -4.28
CA PHE B 21 -6.84 7.93 -4.00
C PHE B 21 -6.24 8.60 -5.25
N PHE B 22 -5.88 7.79 -6.25
CA PHE B 22 -5.34 8.25 -7.54
C PHE B 22 -6.34 9.15 -8.31
N ASP B 23 -7.65 8.94 -8.10
CA ASP B 23 -8.77 9.59 -8.81
C ASP B 23 -9.58 10.55 -7.91
N ASP B 24 -8.97 11.02 -6.82
CA ASP B 24 -9.60 11.87 -5.79
C ASP B 24 -9.75 13.36 -6.21
N SER B 25 -9.28 13.72 -7.42
CA SER B 25 -9.38 15.04 -8.05
C SER B 25 -9.61 14.91 -9.57
N GLY A 1 0.00 -27.36 14.32
CA GLY A 1 -1.33 -26.86 13.89
C GLY A 1 -1.21 -25.46 13.29
N PRO A 2 -1.64 -25.26 12.03
CA PRO A 2 -1.63 -23.95 11.36
C PRO A 2 -2.46 -22.87 12.07
N HIS A 3 -2.11 -21.60 11.85
CA HIS A 3 -2.78 -20.41 12.40
C HIS A 3 -2.81 -19.25 11.39
N MET A 4 -3.83 -18.40 11.47
CA MET A 4 -3.97 -17.20 10.62
C MET A 4 -3.11 -16.02 11.12
N ASP A 5 -2.84 -15.06 10.22
CA ASP A 5 -2.18 -13.78 10.54
C ASP A 5 -3.21 -12.64 10.55
N TYR A 6 -3.47 -12.07 11.72
CA TYR A 6 -4.44 -10.98 11.95
C TYR A 6 -3.79 -9.58 11.94
N ASP A 7 -2.77 -9.37 11.09
CA ASP A 7 -1.96 -8.15 10.97
C ASP A 7 -2.65 -7.10 10.06
N MET A 8 -3.94 -6.87 10.31
CA MET A 8 -4.85 -6.01 9.56
C MET A 8 -4.65 -4.52 9.89
N LEU A 9 -4.81 -3.69 8.87
CA LEU A 9 -4.71 -2.22 8.92
C LEU A 9 -5.78 -1.60 9.83
N THR A 10 -5.37 -0.74 10.78
CA THR A 10 -6.26 -0.11 11.77
C THR A 10 -6.98 1.13 11.24
N GLU A 11 -8.04 1.56 11.93
CA GLU A 11 -8.77 2.79 11.59
C GLU A 11 -7.90 4.07 11.69
N GLU A 12 -6.95 4.08 12.63
CA GLU A 12 -5.99 5.18 12.80
C GLU A 12 -4.97 5.24 11.65
N GLN A 13 -4.52 4.08 11.17
CA GLN A 13 -3.62 3.97 10.01
C GLN A 13 -4.36 4.28 8.69
N LYS A 14 -5.63 3.89 8.55
CA LYS A 14 -6.51 4.28 7.45
C LYS A 14 -6.72 5.80 7.36
N LYS A 15 -6.97 6.47 8.50
CA LYS A 15 -7.05 7.95 8.59
C LYS A 15 -5.76 8.61 8.09
N LYS A 16 -4.59 8.15 8.53
CA LYS A 16 -3.28 8.70 8.13
C LYS A 16 -3.05 8.63 6.62
N LEU A 17 -3.46 7.51 5.97
CA LEU A 17 -3.35 7.35 4.52
C LEU A 17 -4.29 8.29 3.74
N LYS A 18 -5.57 8.42 4.13
CA LYS A 18 -6.53 9.27 3.40
C LYS A 18 -6.35 10.77 3.61
N GLU A 19 -5.91 11.18 4.78
CA GLU A 19 -5.71 12.60 5.13
C GLU A 19 -4.39 13.21 4.63
N ASP A 20 -3.31 12.42 4.53
CA ASP A 20 -2.00 12.90 4.08
C ASP A 20 -2.03 13.29 2.59
N HIS A 21 -1.43 14.43 2.24
CA HIS A 21 -1.39 14.95 0.86
C HIS A 21 -0.12 14.54 0.08
N THR A 22 1.03 14.41 0.75
CA THR A 22 2.31 14.02 0.13
C THR A 22 2.26 12.63 -0.51
N LEU A 23 1.54 11.68 0.10
CA LEU A 23 1.26 10.36 -0.48
C LEU A 23 0.59 10.47 -1.85
N LYS A 24 -0.42 11.33 -1.99
CA LYS A 24 -1.19 11.51 -3.23
C LYS A 24 -0.32 12.03 -4.37
N ILE A 25 0.71 12.83 -4.10
CA ILE A 25 1.67 13.30 -5.13
C ILE A 25 2.42 12.11 -5.78
N LEU A 26 2.71 11.05 -5.02
CA LEU A 26 3.33 9.81 -5.52
C LEU A 26 2.32 8.94 -6.28
N LEU A 27 1.04 8.98 -5.88
CA LEU A 27 -0.07 8.30 -6.57
C LEU A 27 -0.57 9.03 -7.85
N LYS A 28 -0.11 10.26 -8.13
CA LYS A 28 -0.31 10.97 -9.41
C LYS A 28 0.50 10.37 -10.57
N ASN A 29 1.48 9.51 -10.28
CA ASN A 29 2.16 8.70 -11.32
C ASN A 29 1.16 7.71 -11.94
N ASN A 30 1.02 7.75 -13.26
CA ASN A 30 0.19 6.78 -14.02
C ASN A 30 0.78 5.36 -13.99
N TYR A 31 2.06 5.23 -13.68
CA TYR A 31 2.77 3.96 -13.51
C TYR A 31 2.50 3.31 -12.15
N VAL A 32 2.23 4.09 -11.10
CA VAL A 32 1.90 3.57 -9.76
C VAL A 32 0.45 3.08 -9.71
N ARG A 33 -0.51 3.87 -10.21
CA ARG A 33 -1.93 3.52 -10.19
C ARG A 33 -2.24 2.25 -10.97
N GLU A 34 -1.57 2.01 -12.11
CA GLU A 34 -1.77 0.77 -12.88
C GLU A 34 -1.23 -0.47 -12.16
N VAL A 35 -0.10 -0.37 -11.46
CA VAL A 35 0.48 -1.51 -10.73
C VAL A 35 -0.27 -1.80 -9.42
N PHE A 36 -0.77 -0.76 -8.74
CA PHE A 36 -1.61 -0.89 -7.53
C PHE A 36 -3.01 -1.44 -7.84
N LYS A 37 -3.66 -1.00 -8.93
CA LYS A 37 -5.03 -1.41 -9.27
C LYS A 37 -5.12 -2.84 -9.83
N GLN A 38 -4.06 -3.33 -10.48
CA GLN A 38 -3.92 -4.74 -10.87
C GLN A 38 -3.45 -5.64 -9.71
N PHE A 39 -2.82 -5.09 -8.67
CA PHE A 39 -2.35 -5.85 -7.51
C PHE A 39 -3.46 -6.67 -6.84
N THR A 40 -4.63 -6.04 -6.63
CA THR A 40 -5.77 -6.65 -5.93
C THR A 40 -6.43 -7.78 -6.73
N LEU A 41 -6.29 -7.76 -8.06
CA LEU A 41 -6.83 -8.77 -8.98
C LEU A 41 -5.92 -10.00 -9.12
N SER A 42 -4.62 -9.86 -8.78
CA SER A 42 -3.66 -10.97 -8.78
C SER A 42 -4.07 -12.11 -7.84
N ASN A 43 -3.81 -13.35 -8.26
CA ASN A 43 -4.06 -14.56 -7.47
C ASN A 43 -2.91 -14.86 -6.47
N ASP A 44 -1.74 -14.22 -6.63
CA ASP A 44 -0.54 -14.42 -5.80
C ASP A 44 0.08 -13.06 -5.40
N LYS A 45 -0.43 -12.46 -4.31
CA LYS A 45 -0.06 -11.09 -3.88
C LYS A 45 1.43 -10.93 -3.59
N ILE A 46 2.05 -11.91 -2.94
CA ILE A 46 3.48 -11.95 -2.62
C ILE A 46 4.31 -11.99 -3.92
N GLY A 47 3.91 -12.84 -4.87
CA GLY A 47 4.54 -12.97 -6.19
C GLY A 47 4.36 -11.73 -7.09
N TYR A 48 3.31 -10.94 -6.87
CA TYR A 48 3.09 -9.67 -7.56
C TYR A 48 4.00 -8.55 -6.99
N LEU A 49 4.08 -8.43 -5.66
CA LEU A 49 4.94 -7.45 -4.97
C LEU A 49 6.43 -7.69 -5.27
N SER A 50 6.87 -8.96 -5.35
CA SER A 50 8.28 -9.33 -5.59
C SER A 50 8.83 -8.93 -6.97
N HIS A 51 7.96 -8.56 -7.93
CA HIS A 51 8.37 -7.98 -9.20
C HIS A 51 8.58 -6.45 -9.13
N TYR A 52 8.14 -5.79 -8.05
CA TYR A 52 8.19 -4.33 -7.87
C TYR A 52 9.13 -3.85 -6.75
N ILE A 53 9.61 -4.74 -5.86
CA ILE A 53 10.72 -4.42 -4.93
C ILE A 53 12.04 -4.03 -5.65
N ASN A 54 12.15 -4.40 -6.93
CA ASN A 54 13.25 -4.08 -7.83
C ASN A 54 13.04 -2.79 -8.66
N ASP A 55 11.88 -2.12 -8.53
CA ASP A 55 11.52 -0.95 -9.34
C ASP A 55 11.70 0.38 -8.58
N PRO A 56 12.47 1.36 -9.09
CA PRO A 56 12.81 2.58 -8.34
C PRO A 56 11.63 3.54 -8.12
N THR A 57 10.59 3.49 -8.96
CA THR A 57 9.36 4.27 -8.78
C THR A 57 8.44 3.60 -7.74
N ILE A 58 8.21 2.28 -7.84
CA ILE A 58 7.29 1.57 -6.92
C ILE A 58 7.88 1.44 -5.51
N VAL A 59 9.20 1.29 -5.39
CA VAL A 59 9.88 1.28 -4.08
C VAL A 59 9.70 2.60 -3.31
N GLN A 60 9.70 3.74 -4.00
CA GLN A 60 9.65 5.07 -3.36
C GLN A 60 8.27 5.36 -2.76
N VAL A 61 7.21 4.97 -3.48
CA VAL A 61 5.82 5.11 -3.00
C VAL A 61 5.48 4.10 -1.92
N ILE A 62 5.93 2.84 -2.03
CA ILE A 62 5.81 1.81 -0.98
C ILE A 62 6.48 2.29 0.31
N ASP A 63 7.68 2.85 0.22
CA ASP A 63 8.41 3.35 1.38
C ASP A 63 7.64 4.49 2.09
N HIS A 64 6.98 5.38 1.33
CA HIS A 64 6.20 6.48 1.87
C HIS A 64 4.87 6.02 2.50
N ILE A 65 4.17 5.04 1.90
CA ILE A 65 2.97 4.40 2.47
C ILE A 65 3.32 3.74 3.81
N MET A 66 4.37 2.92 3.81
CA MET A 66 4.81 2.20 5.01
C MET A 66 5.35 3.13 6.11
N LYS A 67 5.91 4.29 5.76
CA LYS A 67 6.25 5.37 6.70
C LYS A 67 5.00 6.07 7.25
N THR A 68 3.98 6.31 6.42
CA THR A 68 2.73 7.00 6.81
C THR A 68 1.94 6.24 7.87
N ILE A 69 1.88 4.91 7.77
CA ILE A 69 1.20 4.05 8.77
C ILE A 69 2.04 3.83 10.05
N ASP A 70 3.37 3.93 9.97
CA ASP A 70 4.27 3.85 11.13
C ASP A 70 4.29 5.17 11.92
N ASP A 71 4.21 6.30 11.20
CA ASP A 71 4.29 7.68 11.70
C ASP A 71 5.56 7.97 12.54
N THR A 72 6.61 7.15 12.36
CA THR A 72 7.93 7.29 12.99
C THR A 72 8.66 8.59 12.60
N ASP B 1 13.73 -9.66 7.55
CA ASP B 1 12.84 -10.57 6.77
C ASP B 1 11.76 -9.77 6.03
N ILE B 2 11.28 -10.28 4.90
CA ILE B 2 10.28 -9.60 4.05
C ILE B 2 8.84 -9.83 4.53
N TYR B 3 8.47 -11.04 4.97
CA TYR B 3 7.07 -11.45 5.16
C TYR B 3 6.32 -10.67 6.26
N THR B 4 7.04 -10.15 7.25
CA THR B 4 6.51 -9.27 8.31
C THR B 4 6.13 -7.86 7.80
N TYR B 5 6.72 -7.44 6.69
CA TYR B 5 6.43 -6.16 6.01
C TYR B 5 5.21 -6.25 5.09
N GLU B 6 4.93 -7.45 4.54
CA GLU B 6 3.98 -7.65 3.44
C GLU B 6 2.52 -7.44 3.84
N LYS B 7 2.06 -7.95 5.00
CA LYS B 7 0.63 -7.92 5.38
C LYS B 7 0.08 -6.49 5.49
N LYS B 8 0.81 -5.62 6.21
CA LYS B 8 0.48 -4.19 6.38
C LYS B 8 0.49 -3.44 5.04
N LEU B 9 1.45 -3.75 4.17
CA LEU B 9 1.57 -3.15 2.85
C LEU B 9 0.41 -3.55 1.93
N ILE B 10 0.06 -4.84 1.89
CA ILE B 10 -1.03 -5.38 1.06
C ILE B 10 -2.39 -4.83 1.53
N LYS B 11 -2.62 -4.72 2.84
CA LYS B 11 -3.84 -4.09 3.38
C LYS B 11 -3.88 -2.58 3.12
N SER B 12 -2.73 -1.90 3.05
CA SER B 12 -2.64 -0.51 2.59
C SER B 12 -2.96 -0.38 1.09
N ILE B 13 -2.46 -1.28 0.23
CA ILE B 13 -2.77 -1.32 -1.21
C ILE B 13 -4.29 -1.50 -1.42
N GLU B 14 -4.90 -2.50 -0.77
CA GLU B 14 -6.34 -2.78 -0.82
C GLU B 14 -7.19 -1.62 -0.28
N TYR B 15 -6.69 -0.86 0.70
CA TYR B 15 -7.38 0.34 1.21
C TYR B 15 -7.30 1.51 0.23
N ILE B 16 -6.13 1.76 -0.38
CA ILE B 16 -5.91 2.83 -1.37
C ILE B 16 -6.78 2.60 -2.62
N THR B 17 -6.88 1.35 -3.11
CA THR B 17 -7.74 1.01 -4.26
C THR B 17 -9.23 1.10 -3.95
N LYS B 18 -9.68 0.62 -2.79
CA LYS B 18 -11.11 0.63 -2.39
C LYS B 18 -11.67 2.05 -2.19
N ASN B 19 -10.82 2.97 -1.72
CA ASN B 19 -11.12 4.40 -1.54
C ASN B 19 -10.68 5.26 -2.74
N LYS B 20 -10.19 4.65 -3.82
CA LYS B 20 -9.95 5.25 -5.15
C LYS B 20 -9.10 6.53 -5.12
N PHE B 21 -7.98 6.54 -4.37
CA PHE B 21 -7.15 7.74 -4.19
C PHE B 21 -6.62 8.33 -5.51
N PHE B 22 -6.44 7.48 -6.53
CA PHE B 22 -5.83 7.83 -7.82
C PHE B 22 -6.77 7.77 -9.05
N ASP B 23 -8.07 7.50 -8.87
CA ASP B 23 -9.04 7.50 -9.99
C ASP B 23 -9.56 8.92 -10.30
N ASP B 24 -8.66 9.79 -10.78
CA ASP B 24 -8.96 11.19 -11.12
C ASP B 24 -9.95 11.37 -12.29
N SER B 25 -10.01 10.40 -13.21
CA SER B 25 -10.82 10.41 -14.45
C SER B 25 -12.14 9.65 -14.29
N GLY A 1 -3.02 -23.60 12.69
CA GLY A 1 -3.07 -22.11 12.68
C GLY A 1 -4.26 -21.58 13.46
N PRO A 2 -4.36 -20.26 13.67
CA PRO A 2 -5.43 -19.62 14.45
C PRO A 2 -6.74 -19.37 13.66
N HIS A 3 -6.70 -19.51 12.32
CA HIS A 3 -7.85 -19.34 11.41
C HIS A 3 -8.58 -17.97 11.53
N MET A 4 -7.81 -16.90 11.73
CA MET A 4 -8.29 -15.51 11.80
C MET A 4 -7.27 -14.52 11.22
N ASP A 5 -7.74 -13.37 10.75
CA ASP A 5 -6.88 -12.23 10.38
C ASP A 5 -6.72 -11.29 11.58
N TYR A 6 -5.55 -11.36 12.22
CA TYR A 6 -5.12 -10.49 13.33
C TYR A 6 -4.05 -9.46 12.94
N ASP A 7 -3.86 -9.25 11.62
CA ASP A 7 -2.85 -8.38 11.03
C ASP A 7 -3.47 -7.43 9.99
N MET A 8 -4.51 -6.72 10.41
CA MET A 8 -5.30 -5.76 9.62
C MET A 8 -4.73 -4.34 9.68
N LEU A 9 -5.13 -3.53 8.71
CA LEU A 9 -4.93 -2.06 8.71
C LEU A 9 -5.90 -1.40 9.71
N THR A 10 -5.41 -0.62 10.67
CA THR A 10 -6.24 0.01 11.71
C THR A 10 -6.95 1.29 11.22
N GLU A 11 -7.97 1.74 11.96
CA GLU A 11 -8.64 3.01 11.67
C GLU A 11 -7.69 4.22 11.74
N GLU A 12 -6.70 4.19 12.64
CA GLU A 12 -5.72 5.27 12.79
C GLU A 12 -4.71 5.30 11.64
N GLN A 13 -4.33 4.13 11.11
CA GLN A 13 -3.50 4.02 9.90
C GLN A 13 -4.28 4.44 8.64
N LYS A 14 -5.57 4.10 8.53
CA LYS A 14 -6.48 4.53 7.45
C LYS A 14 -6.63 6.04 7.36
N LYS A 15 -6.82 6.72 8.51
CA LYS A 15 -6.90 8.20 8.61
C LYS A 15 -5.64 8.85 8.02
N LYS A 16 -4.45 8.40 8.41
CA LYS A 16 -3.18 8.99 7.94
C LYS A 16 -2.93 8.76 6.44
N LEU A 17 -3.37 7.63 5.90
CA LEU A 17 -3.36 7.36 4.45
C LEU A 17 -4.20 8.37 3.66
N LYS A 18 -5.47 8.61 4.05
CA LYS A 18 -6.37 9.48 3.28
C LYS A 18 -6.14 10.99 3.49
N GLU A 19 -5.78 11.39 4.72
CA GLU A 19 -5.59 12.79 5.09
C GLU A 19 -4.25 13.39 4.61
N ASP A 20 -3.21 12.57 4.42
CA ASP A 20 -1.88 13.05 4.00
C ASP A 20 -1.83 13.41 2.49
N HIS A 21 -1.40 14.64 2.18
CA HIS A 21 -1.33 15.14 0.80
C HIS A 21 -0.14 14.58 0.01
N THR A 22 1.02 14.40 0.64
CA THR A 22 2.28 13.98 0.00
C THR A 22 2.17 12.57 -0.62
N LEU A 23 1.44 11.65 0.03
CA LEU A 23 1.12 10.34 -0.55
C LEU A 23 0.34 10.48 -1.87
N LYS A 24 -0.67 11.36 -1.91
CA LYS A 24 -1.49 11.58 -3.09
C LYS A 24 -0.71 12.22 -4.26
N ILE A 25 0.37 12.97 -3.98
CA ILE A 25 1.33 13.41 -5.02
C ILE A 25 2.01 12.21 -5.72
N LEU A 26 2.33 11.14 -4.98
CA LEU A 26 2.93 9.91 -5.53
C LEU A 26 1.87 9.07 -6.28
N LEU A 27 0.63 9.03 -5.79
CA LEU A 27 -0.48 8.33 -6.45
C LEU A 27 -0.99 9.03 -7.73
N LYS A 28 -0.69 10.32 -7.92
CA LYS A 28 -0.86 11.05 -9.20
C LYS A 28 0.06 10.56 -10.34
N ASN A 29 1.07 9.73 -10.05
CA ASN A 29 1.82 9.01 -11.09
C ASN A 29 0.91 7.92 -11.70
N ASN A 30 0.71 7.97 -13.02
CA ASN A 30 -0.09 6.97 -13.73
C ASN A 30 0.49 5.55 -13.65
N TYR A 31 1.82 5.46 -13.48
CA TYR A 31 2.56 4.21 -13.38
C TYR A 31 2.35 3.51 -12.02
N VAL A 32 2.06 4.26 -10.95
CA VAL A 32 1.73 3.71 -9.63
C VAL A 32 0.29 3.23 -9.59
N ARG A 33 -0.68 4.02 -10.06
CA ARG A 33 -2.11 3.65 -10.01
C ARG A 33 -2.43 2.40 -10.85
N GLU A 34 -1.74 2.21 -11.98
CA GLU A 34 -1.93 0.98 -12.79
C GLU A 34 -1.38 -0.27 -12.08
N VAL A 35 -0.20 -0.20 -11.44
CA VAL A 35 0.39 -1.36 -10.75
C VAL A 35 -0.35 -1.69 -9.45
N PHE A 36 -0.83 -0.67 -8.71
CA PHE A 36 -1.65 -0.86 -7.51
C PHE A 36 -3.02 -1.47 -7.86
N LYS A 37 -3.66 -1.06 -8.96
CA LYS A 37 -4.97 -1.58 -9.38
C LYS A 37 -4.92 -2.99 -9.98
N GLN A 38 -3.82 -3.36 -10.65
CA GLN A 38 -3.58 -4.75 -11.09
C GLN A 38 -3.21 -5.68 -9.92
N PHE A 39 -2.59 -5.16 -8.86
CA PHE A 39 -2.17 -5.94 -7.69
C PHE A 39 -3.33 -6.68 -7.02
N THR A 40 -4.47 -6.02 -6.83
CA THR A 40 -5.65 -6.59 -6.17
C THR A 40 -6.33 -7.70 -6.98
N LEU A 41 -6.16 -7.70 -8.31
CA LEU A 41 -6.73 -8.68 -9.25
C LEU A 41 -5.84 -9.93 -9.40
N SER A 42 -4.55 -9.83 -9.05
CA SER A 42 -3.62 -10.96 -9.04
C SER A 42 -4.05 -12.07 -8.05
N ASN A 43 -3.84 -13.32 -8.43
CA ASN A 43 -4.11 -14.51 -7.60
C ASN A 43 -2.97 -14.87 -6.63
N ASP A 44 -1.80 -14.23 -6.76
CA ASP A 44 -0.64 -14.40 -5.86
C ASP A 44 -0.04 -13.02 -5.51
N LYS A 45 -0.51 -12.43 -4.40
CA LYS A 45 -0.10 -11.07 -3.96
C LYS A 45 1.40 -10.98 -3.63
N ILE A 46 1.93 -12.00 -2.96
CA ILE A 46 3.35 -12.07 -2.59
C ILE A 46 4.23 -12.15 -3.86
N GLY A 47 3.86 -13.02 -4.81
CA GLY A 47 4.52 -13.17 -6.11
C GLY A 47 4.43 -11.93 -7.02
N TYR A 48 3.44 -11.06 -6.80
CA TYR A 48 3.31 -9.79 -7.51
C TYR A 48 4.23 -8.71 -6.92
N LEU A 49 4.24 -8.53 -5.60
CA LEU A 49 5.10 -7.53 -4.93
C LEU A 49 6.59 -7.87 -5.13
N SER A 50 6.95 -9.15 -5.12
CA SER A 50 8.35 -9.61 -5.26
C SER A 50 9.00 -9.28 -6.62
N HIS A 51 8.22 -8.85 -7.63
CA HIS A 51 8.72 -8.24 -8.86
C HIS A 51 8.93 -6.72 -8.74
N TYR A 52 8.12 -6.01 -7.95
CA TYR A 52 8.12 -4.55 -7.82
C TYR A 52 9.12 -4.02 -6.78
N ILE A 53 9.66 -4.89 -5.90
CA ILE A 53 10.82 -4.56 -5.05
C ILE A 53 12.06 -4.12 -5.86
N ASN A 54 12.09 -4.47 -7.15
CA ASN A 54 13.17 -4.16 -8.09
C ASN A 54 12.97 -2.81 -8.83
N ASP A 55 11.82 -2.16 -8.69
CA ASP A 55 11.44 -0.96 -9.44
C ASP A 55 11.63 0.33 -8.61
N PRO A 56 12.43 1.32 -9.05
CA PRO A 56 12.79 2.48 -8.24
C PRO A 56 11.64 3.48 -8.01
N THR A 57 10.61 3.46 -8.85
CA THR A 57 9.38 4.27 -8.70
C THR A 57 8.41 3.61 -7.73
N ILE A 58 8.15 2.31 -7.87
CA ILE A 58 7.21 1.58 -7.00
C ILE A 58 7.77 1.40 -5.58
N VAL A 59 9.07 1.19 -5.44
CA VAL A 59 9.75 1.17 -4.12
C VAL A 59 9.60 2.49 -3.36
N GLN A 60 9.58 3.62 -4.07
CA GLN A 60 9.57 4.95 -3.45
C GLN A 60 8.22 5.29 -2.81
N VAL A 61 7.12 4.90 -3.48
CA VAL A 61 5.76 5.08 -2.99
C VAL A 61 5.40 4.05 -1.90
N ILE A 62 5.83 2.80 -2.06
CA ILE A 62 5.72 1.76 -1.02
C ILE A 62 6.39 2.22 0.27
N ASP A 63 7.61 2.76 0.17
CA ASP A 63 8.37 3.23 1.34
C ASP A 63 7.66 4.39 2.05
N HIS A 64 7.01 5.28 1.29
CA HIS A 64 6.24 6.40 1.83
C HIS A 64 4.95 5.94 2.54
N ILE A 65 4.19 4.99 1.94
CA ILE A 65 3.00 4.39 2.55
C ILE A 65 3.37 3.69 3.87
N MET A 66 4.42 2.86 3.84
CA MET A 66 4.89 2.13 5.01
C MET A 66 5.44 3.04 6.12
N LYS A 67 5.95 4.23 5.79
CA LYS A 67 6.30 5.28 6.78
C LYS A 67 5.05 5.91 7.40
N THR A 68 4.03 6.22 6.59
CA THR A 68 2.78 6.85 7.04
C THR A 68 1.99 5.98 8.04
N ILE A 69 1.97 4.65 7.84
CA ILE A 69 1.30 3.71 8.77
C ILE A 69 2.13 3.40 10.04
N ASP A 70 3.45 3.58 9.99
CA ASP A 70 4.33 3.42 11.17
C ASP A 70 4.23 4.60 12.16
N ASP A 71 3.71 5.74 11.70
CA ASP A 71 3.63 7.01 12.43
C ASP A 71 2.51 7.07 13.51
N THR A 72 1.73 6.01 13.69
CA THR A 72 0.63 5.90 14.67
C THR A 72 1.11 5.61 16.10
N ASP B 1 12.82 -11.39 7.84
CA ASP B 1 11.55 -11.97 7.35
C ASP B 1 10.94 -11.09 6.25
N ILE B 2 10.30 -11.69 5.25
CA ILE B 2 9.56 -11.00 4.19
C ILE B 2 8.07 -10.81 4.54
N TYR B 3 7.42 -11.79 5.19
CA TYR B 3 5.96 -11.79 5.37
C TYR B 3 5.43 -10.69 6.30
N THR B 4 6.20 -10.30 7.34
CA THR B 4 5.92 -9.13 8.19
C THR B 4 5.90 -7.80 7.40
N TYR B 5 6.76 -7.67 6.38
CA TYR B 5 6.78 -6.50 5.48
C TYR B 5 5.60 -6.55 4.49
N GLU B 6 5.34 -7.72 3.90
CA GLU B 6 4.28 -7.93 2.90
C GLU B 6 2.88 -7.66 3.45
N LYS B 7 2.49 -8.30 4.56
CA LYS B 7 1.10 -8.24 5.06
C LYS B 7 0.65 -6.81 5.38
N LYS B 8 1.50 -6.04 6.09
CA LYS B 8 1.23 -4.65 6.50
C LYS B 8 1.07 -3.70 5.30
N LEU B 9 1.82 -3.96 4.23
CA LEU B 9 1.71 -3.23 2.95
C LEU B 9 0.47 -3.62 2.15
N ILE B 10 0.13 -4.91 2.07
CA ILE B 10 -0.97 -5.40 1.21
C ILE B 10 -2.34 -4.93 1.71
N LYS B 11 -2.55 -4.83 3.03
CA LYS B 11 -3.78 -4.22 3.59
C LYS B 11 -3.86 -2.72 3.28
N SER B 12 -2.72 -2.04 3.10
CA SER B 12 -2.67 -0.65 2.64
C SER B 12 -3.01 -0.51 1.16
N ILE B 13 -2.47 -1.36 0.27
CA ILE B 13 -2.81 -1.40 -1.17
C ILE B 13 -4.32 -1.59 -1.33
N GLU B 14 -4.90 -2.57 -0.63
CA GLU B 14 -6.33 -2.88 -0.67
C GLU B 14 -7.23 -1.73 -0.18
N TYR B 15 -6.75 -0.87 0.74
CA TYR B 15 -7.49 0.31 1.19
C TYR B 15 -7.39 1.49 0.21
N ILE B 16 -6.18 1.76 -0.32
CA ILE B 16 -5.91 2.82 -1.31
C ILE B 16 -6.72 2.58 -2.61
N THR B 17 -6.78 1.34 -3.07
CA THR B 17 -7.51 0.92 -4.27
C THR B 17 -9.03 0.94 -4.08
N LYS B 18 -9.58 0.37 -3.00
CA LYS B 18 -11.02 0.27 -2.74
C LYS B 18 -11.71 1.63 -2.59
N ASN B 19 -11.03 2.57 -1.94
CA ASN B 19 -11.49 3.96 -1.76
C ASN B 19 -11.12 4.86 -2.95
N LYS B 20 -10.48 4.33 -4.00
CA LYS B 20 -10.07 5.03 -5.23
C LYS B 20 -9.36 6.37 -4.94
N PHE B 21 -8.24 6.31 -4.23
CA PHE B 21 -7.38 7.48 -3.96
C PHE B 21 -6.89 8.17 -5.26
N PHE B 22 -6.89 7.43 -6.37
CA PHE B 22 -6.55 7.88 -7.73
C PHE B 22 -7.57 8.86 -8.36
N ASP B 23 -8.75 9.06 -7.75
CA ASP B 23 -9.80 9.95 -8.25
C ASP B 23 -9.52 11.43 -7.90
N ASP B 24 -8.60 12.06 -8.64
CA ASP B 24 -8.18 13.46 -8.43
C ASP B 24 -9.15 14.53 -8.98
N SER B 25 -10.17 14.14 -9.74
CA SER B 25 -11.14 15.03 -10.41
C SER B 25 -12.04 15.80 -9.42
N GLY A 1 5.32 -5.73 19.68
CA GLY A 1 3.97 -5.80 19.09
C GLY A 1 2.95 -6.35 20.09
N PRO A 2 1.65 -6.03 19.90
CA PRO A 2 0.57 -6.50 20.78
C PRO A 2 0.27 -8.00 20.60
N HIS A 3 -0.54 -8.56 21.51
CA HIS A 3 -1.03 -9.95 21.44
C HIS A 3 -2.17 -10.15 20.41
N MET A 4 -2.73 -9.06 19.86
CA MET A 4 -3.75 -9.09 18.80
C MET A 4 -3.17 -9.46 17.43
N ASP A 5 -4.05 -9.81 16.48
CA ASP A 5 -3.68 -10.05 15.08
C ASP A 5 -3.36 -8.71 14.38
N TYR A 6 -2.08 -8.39 14.29
CA TYR A 6 -1.56 -7.09 13.80
C TYR A 6 -1.28 -7.02 12.28
N ASP A 7 -1.73 -8.01 11.52
CA ASP A 7 -1.66 -8.08 10.04
C ASP A 7 -2.91 -7.53 9.35
N MET A 8 -3.45 -6.42 9.87
CA MET A 8 -4.58 -5.67 9.31
C MET A 8 -4.38 -4.15 9.42
N LEU A 9 -5.02 -3.39 8.52
CA LEU A 9 -4.97 -1.93 8.51
C LEU A 9 -6.01 -1.35 9.49
N THR A 10 -5.57 -0.63 10.52
CA THR A 10 -6.44 -0.02 11.56
C THR A 10 -7.14 1.24 11.07
N GLU A 11 -8.16 1.69 11.79
CA GLU A 11 -8.84 2.97 11.53
C GLU A 11 -7.91 4.20 11.62
N GLU A 12 -6.92 4.15 12.51
CA GLU A 12 -5.92 5.22 12.66
C GLU A 12 -4.92 5.22 11.49
N GLN A 13 -4.51 4.04 11.00
CA GLN A 13 -3.67 3.89 9.82
C GLN A 13 -4.40 4.32 8.53
N LYS A 14 -5.70 3.97 8.38
CA LYS A 14 -6.57 4.45 7.30
C LYS A 14 -6.67 5.98 7.26
N LYS A 15 -6.89 6.63 8.41
CA LYS A 15 -6.90 8.09 8.56
C LYS A 15 -5.56 8.72 8.15
N LYS A 16 -4.44 8.19 8.65
CA LYS A 16 -3.09 8.75 8.41
C LYS A 16 -2.66 8.65 6.95
N LEU A 17 -3.10 7.62 6.20
CA LEU A 17 -2.95 7.54 4.75
C LEU A 17 -3.76 8.62 4.01
N LYS A 18 -5.08 8.74 4.27
CA LYS A 18 -5.95 9.65 3.48
C LYS A 18 -5.73 11.14 3.78
N GLU A 19 -5.40 11.48 5.01
CA GLU A 19 -5.20 12.87 5.45
C GLU A 19 -3.84 13.46 5.06
N ASP A 20 -2.83 12.63 4.76
CA ASP A 20 -1.53 13.11 4.25
C ASP A 20 -1.58 13.29 2.71
N HIS A 21 -1.43 14.54 2.25
CA HIS A 21 -1.45 14.86 0.82
C HIS A 21 -0.18 14.40 0.08
N THR A 22 0.93 14.15 0.78
CA THR A 22 2.20 13.69 0.17
C THR A 22 2.04 12.33 -0.52
N LEU A 23 1.20 11.43 0.01
CA LEU A 23 0.86 10.15 -0.61
C LEU A 23 0.17 10.35 -1.96
N LYS A 24 -0.76 11.30 -2.04
CA LYS A 24 -1.53 11.59 -3.25
C LYS A 24 -0.63 12.05 -4.40
N ILE A 25 0.44 12.81 -4.10
CA ILE A 25 1.46 13.22 -5.10
C ILE A 25 2.12 12.01 -5.79
N LEU A 26 2.39 10.95 -5.02
CA LEU A 26 3.01 9.70 -5.50
C LEU A 26 2.02 8.83 -6.30
N LEU A 27 0.74 8.87 -5.91
CA LEU A 27 -0.37 8.20 -6.60
C LEU A 27 -0.85 8.95 -7.87
N LYS A 28 -0.45 10.22 -8.05
CA LYS A 28 -0.56 11.00 -9.31
C LYS A 28 0.40 10.55 -10.42
N ASN A 29 1.30 9.61 -10.15
CA ASN A 29 1.95 8.81 -11.21
C ASN A 29 0.94 7.82 -11.81
N ASN A 30 0.73 7.86 -13.13
CA ASN A 30 -0.10 6.89 -13.85
C ASN A 30 0.52 5.47 -13.85
N TYR A 31 1.83 5.36 -13.63
CA TYR A 31 2.57 4.10 -13.51
C TYR A 31 2.36 3.41 -12.15
N VAL A 32 2.02 4.17 -11.09
CA VAL A 32 1.70 3.61 -9.77
C VAL A 32 0.26 3.10 -9.71
N ARG A 33 -0.72 3.91 -10.17
CA ARG A 33 -2.14 3.51 -10.11
C ARG A 33 -2.44 2.24 -10.91
N GLU A 34 -1.78 2.05 -12.05
CA GLU A 34 -1.96 0.83 -12.86
C GLU A 34 -1.41 -0.42 -12.15
N VAL A 35 -0.24 -0.33 -11.49
CA VAL A 35 0.36 -1.48 -10.80
C VAL A 35 -0.39 -1.79 -9.50
N PHE A 36 -0.86 -0.78 -8.76
CA PHE A 36 -1.71 -0.95 -7.57
C PHE A 36 -3.06 -1.59 -7.92
N LYS A 37 -3.68 -1.18 -9.04
CA LYS A 37 -4.98 -1.71 -9.48
C LYS A 37 -4.87 -3.13 -10.06
N GLN A 38 -3.77 -3.48 -10.72
CA GLN A 38 -3.49 -4.87 -11.14
C GLN A 38 -3.11 -5.78 -9.97
N PHE A 39 -2.46 -5.25 -8.93
CA PHE A 39 -2.04 -6.01 -7.75
C PHE A 39 -3.20 -6.70 -7.04
N THR A 40 -4.33 -6.00 -6.83
CA THR A 40 -5.50 -6.53 -6.11
C THR A 40 -6.21 -7.67 -6.86
N LEU A 41 -6.05 -7.73 -8.19
CA LEU A 41 -6.64 -8.75 -9.06
C LEU A 41 -5.72 -9.98 -9.26
N SER A 42 -4.43 -9.83 -8.95
CA SER A 42 -3.43 -10.91 -9.04
C SER A 42 -3.73 -12.09 -8.10
N ASN A 43 -3.37 -13.31 -8.52
CA ASN A 43 -3.61 -14.56 -7.81
C ASN A 43 -2.62 -14.80 -6.64
N ASP A 44 -1.41 -14.25 -6.71
CA ASP A 44 -0.30 -14.48 -5.78
C ASP A 44 0.34 -13.16 -5.31
N LYS A 45 -0.27 -12.52 -4.31
CA LYS A 45 0.04 -11.13 -3.88
C LYS A 45 1.50 -10.94 -3.45
N ILE A 46 2.03 -11.88 -2.66
CA ILE A 46 3.42 -11.86 -2.18
C ILE A 46 4.40 -11.97 -3.37
N GLY A 47 4.17 -12.91 -4.29
CA GLY A 47 4.98 -13.08 -5.51
C GLY A 47 4.93 -11.87 -6.45
N TYR A 48 3.80 -11.15 -6.46
CA TYR A 48 3.63 -9.89 -7.20
C TYR A 48 4.43 -8.74 -6.58
N LEU A 49 4.37 -8.57 -5.25
CA LEU A 49 5.14 -7.54 -4.54
C LEU A 49 6.65 -7.80 -4.69
N SER A 50 7.08 -9.07 -4.70
CA SER A 50 8.47 -9.48 -4.93
C SER A 50 9.04 -9.11 -6.32
N HIS A 51 8.20 -8.68 -7.27
CA HIS A 51 8.67 -8.01 -8.49
C HIS A 51 8.93 -6.51 -8.24
N TYR A 52 8.04 -5.84 -7.52
CA TYR A 52 7.98 -4.39 -7.37
C TYR A 52 8.99 -3.84 -6.37
N ILE A 53 9.61 -4.72 -5.56
CA ILE A 53 10.83 -4.39 -4.79
C ILE A 53 12.00 -3.95 -5.69
N ASN A 54 11.96 -4.30 -6.98
CA ASN A 54 13.00 -3.98 -7.97
C ASN A 54 12.71 -2.72 -8.81
N ASP A 55 11.46 -2.23 -8.85
CA ASP A 55 10.99 -1.13 -9.68
C ASP A 55 10.93 0.20 -8.89
N PRO A 56 11.86 1.16 -9.10
CA PRO A 56 12.10 2.26 -8.16
C PRO A 56 10.91 3.20 -7.97
N THR A 57 10.14 3.48 -9.02
CA THR A 57 8.90 4.29 -8.95
C THR A 57 7.87 3.67 -7.99
N ILE A 58 7.86 2.34 -7.88
CA ILE A 58 6.96 1.60 -6.99
C ILE A 58 7.59 1.45 -5.58
N VAL A 59 8.92 1.33 -5.48
CA VAL A 59 9.63 1.33 -4.19
C VAL A 59 9.46 2.65 -3.44
N GLN A 60 9.48 3.79 -4.12
CA GLN A 60 9.42 5.12 -3.47
C GLN A 60 8.05 5.39 -2.83
N VAL A 61 6.98 4.99 -3.52
CA VAL A 61 5.59 5.10 -3.03
C VAL A 61 5.28 4.09 -1.92
N ILE A 62 5.73 2.84 -2.06
CA ILE A 62 5.63 1.82 -1.01
C ILE A 62 6.35 2.29 0.27
N ASP A 63 7.57 2.83 0.13
CA ASP A 63 8.35 3.28 1.28
C ASP A 63 7.63 4.40 2.06
N HIS A 64 6.99 5.34 1.36
CA HIS A 64 6.18 6.40 1.99
C HIS A 64 4.93 5.85 2.69
N ILE A 65 4.16 4.96 2.04
CA ILE A 65 2.99 4.28 2.63
C ILE A 65 3.37 3.57 3.93
N MET A 66 4.41 2.74 3.86
CA MET A 66 4.89 1.96 5.02
C MET A 66 5.41 2.83 6.18
N LYS A 67 5.99 4.01 5.91
CA LYS A 67 6.37 4.99 6.93
C LYS A 67 5.13 5.63 7.58
N THR A 68 4.14 6.03 6.78
CA THR A 68 2.88 6.64 7.25
C THR A 68 2.09 5.72 8.20
N ILE A 69 2.03 4.40 7.92
CA ILE A 69 1.37 3.43 8.82
C ILE A 69 2.23 3.04 10.04
N ASP A 70 3.56 3.15 9.96
CA ASP A 70 4.46 2.95 11.11
C ASP A 70 4.36 4.10 12.14
N ASP A 71 3.97 5.30 11.68
CA ASP A 71 3.63 6.46 12.52
C ASP A 71 2.22 6.40 13.16
N THR A 72 1.59 5.21 13.24
CA THR A 72 0.28 4.97 13.89
C THR A 72 0.23 5.40 15.37
N ASP B 1 12.08 -11.22 8.54
CA ASP B 1 11.06 -12.04 7.83
C ASP B 1 10.26 -11.17 6.84
N ILE B 2 9.89 -11.74 5.69
CA ILE B 2 9.16 -11.03 4.63
C ILE B 2 7.64 -10.98 4.88
N TYR B 3 7.02 -12.07 5.34
CA TYR B 3 5.55 -12.20 5.37
C TYR B 3 4.86 -11.20 6.32
N THR B 4 5.47 -10.91 7.47
CA THR B 4 4.98 -9.89 8.42
C THR B 4 5.09 -8.44 7.88
N TYR B 5 6.03 -8.20 6.96
CA TYR B 5 6.26 -6.90 6.32
C TYR B 5 5.26 -6.65 5.18
N GLU B 6 5.04 -7.65 4.32
CA GLU B 6 4.18 -7.51 3.13
C GLU B 6 2.68 -7.45 3.45
N LYS B 7 2.17 -8.26 4.39
CA LYS B 7 0.73 -8.33 4.71
C LYS B 7 0.12 -6.98 5.11
N LYS B 8 0.87 -6.18 5.89
CA LYS B 8 0.46 -4.85 6.37
C LYS B 8 0.36 -3.83 5.23
N LEU B 9 1.35 -3.85 4.31
CA LEU B 9 1.36 -3.06 3.07
C LEU B 9 0.22 -3.46 2.12
N ILE B 10 -0.09 -4.75 2.00
CA ILE B 10 -1.13 -5.25 1.10
C ILE B 10 -2.52 -4.76 1.50
N LYS B 11 -2.79 -4.59 2.79
CA LYS B 11 -4.03 -3.96 3.27
C LYS B 11 -4.07 -2.45 3.02
N SER B 12 -2.91 -1.76 2.98
CA SER B 12 -2.80 -0.38 2.47
C SER B 12 -3.11 -0.30 0.96
N ILE B 13 -2.57 -1.21 0.14
CA ILE B 13 -2.85 -1.29 -1.30
C ILE B 13 -4.36 -1.41 -1.54
N GLU B 14 -5.01 -2.39 -0.91
CA GLU B 14 -6.45 -2.61 -1.02
C GLU B 14 -7.30 -1.41 -0.54
N TYR B 15 -6.87 -0.69 0.51
CA TYR B 15 -7.59 0.50 0.99
C TYR B 15 -7.44 1.70 0.04
N ILE B 16 -6.24 1.91 -0.51
CA ILE B 16 -5.95 2.97 -1.50
C ILE B 16 -6.75 2.75 -2.80
N THR B 17 -6.83 1.50 -3.28
CA THR B 17 -7.63 1.16 -4.49
C THR B 17 -9.14 1.23 -4.26
N LYS B 18 -9.65 0.77 -3.10
CA LYS B 18 -11.09 0.78 -2.76
C LYS B 18 -11.66 2.20 -2.67
N ASN B 19 -10.90 3.14 -2.13
CA ASN B 19 -11.28 4.55 -1.99
C ASN B 19 -10.83 5.42 -3.20
N LYS B 20 -10.10 4.83 -4.17
CA LYS B 20 -9.52 5.48 -5.35
C LYS B 20 -8.85 6.82 -5.05
N PHE B 21 -7.79 6.80 -4.23
CA PHE B 21 -7.02 7.99 -3.83
C PHE B 21 -6.53 8.83 -5.04
N PHE B 22 -6.26 8.15 -6.16
CA PHE B 22 -5.76 8.69 -7.44
C PHE B 22 -6.86 9.22 -8.38
N ASP B 23 -8.14 9.08 -8.04
CA ASP B 23 -9.29 9.51 -8.86
C ASP B 23 -10.02 10.73 -8.26
N ASP B 24 -9.26 11.65 -7.67
CA ASP B 24 -9.73 12.90 -7.07
C ASP B 24 -10.16 13.96 -8.11
N SER B 25 -9.81 13.72 -9.37
CA SER B 25 -10.02 14.62 -10.53
C SER B 25 -11.46 14.61 -11.05
N GLY A 1 -5.23 -16.17 18.00
CA GLY A 1 -5.64 -17.57 17.73
C GLY A 1 -6.40 -17.70 16.41
N PRO A 2 -7.15 -18.80 16.21
CA PRO A 2 -7.94 -19.06 15.00
C PRO A 2 -9.04 -18.03 14.71
N HIS A 3 -9.50 -18.00 13.46
CA HIS A 3 -10.59 -17.14 12.97
C HIS A 3 -10.42 -15.62 13.25
N MET A 4 -9.17 -15.15 13.24
CA MET A 4 -8.79 -13.74 13.48
C MET A 4 -7.65 -13.30 12.54
N ASP A 5 -7.66 -12.02 12.14
CA ASP A 5 -6.63 -11.38 11.32
C ASP A 5 -6.11 -10.13 12.04
N TYR A 6 -5.12 -10.34 12.91
CA TYR A 6 -4.57 -9.35 13.86
C TYR A 6 -3.37 -8.55 13.34
N ASP A 7 -3.07 -8.67 12.05
CA ASP A 7 -1.96 -7.99 11.35
C ASP A 7 -2.51 -7.19 10.15
N MET A 8 -3.43 -6.27 10.46
CA MET A 8 -4.29 -5.55 9.51
C MET A 8 -4.30 -4.03 9.78
N LEU A 9 -4.54 -3.26 8.71
CA LEU A 9 -4.60 -1.80 8.71
C LEU A 9 -5.74 -1.28 9.61
N THR A 10 -5.38 -0.48 10.63
CA THR A 10 -6.33 0.09 11.62
C THR A 10 -7.03 1.35 11.12
N GLU A 11 -8.08 1.80 11.82
CA GLU A 11 -8.75 3.08 11.53
C GLU A 11 -7.81 4.30 11.67
N GLU A 12 -6.89 4.27 12.62
CA GLU A 12 -5.89 5.32 12.83
C GLU A 12 -4.86 5.37 11.68
N GLN A 13 -4.48 4.20 11.16
CA GLN A 13 -3.59 4.10 10.00
C GLN A 13 -4.30 4.50 8.68
N LYS A 14 -5.59 4.15 8.51
CA LYS A 14 -6.46 4.61 7.39
C LYS A 14 -6.59 6.13 7.36
N LYS A 15 -6.80 6.77 8.51
CA LYS A 15 -6.85 8.25 8.66
C LYS A 15 -5.55 8.92 8.21
N LYS A 16 -4.38 8.36 8.57
CA LYS A 16 -3.08 8.87 8.11
C LYS A 16 -2.90 8.68 6.59
N LEU A 17 -3.30 7.55 6.04
CA LEU A 17 -3.26 7.26 4.60
C LEU A 17 -4.08 8.25 3.76
N LYS A 18 -5.35 8.48 4.10
CA LYS A 18 -6.29 9.29 3.29
C LYS A 18 -6.04 10.79 3.37
N GLU A 19 -5.62 11.29 4.53
CA GLU A 19 -5.38 12.72 4.78
C GLU A 19 -4.05 13.23 4.22
N ASP A 20 -3.02 12.36 4.09
CA ASP A 20 -1.67 12.79 3.72
C ASP A 20 -1.56 13.24 2.24
N HIS A 21 -1.21 14.51 2.03
CA HIS A 21 -1.11 15.12 0.69
C HIS A 21 0.03 14.55 -0.16
N THR A 22 1.21 14.35 0.42
CA THR A 22 2.42 13.92 -0.31
C THR A 22 2.29 12.48 -0.82
N LEU A 23 1.65 11.60 -0.05
CA LEU A 23 1.30 10.25 -0.51
C LEU A 23 0.41 10.30 -1.76
N LYS A 24 -0.60 11.17 -1.79
CA LYS A 24 -1.48 11.33 -2.95
C LYS A 24 -0.75 11.86 -4.19
N ILE A 25 0.32 12.66 -4.06
CA ILE A 25 1.17 13.05 -5.21
C ILE A 25 1.90 11.82 -5.79
N LEU A 26 2.40 10.91 -4.94
CA LEU A 26 3.07 9.69 -5.37
C LEU A 26 2.10 8.70 -6.04
N LEU A 27 0.87 8.61 -5.54
CA LEU A 27 -0.20 7.79 -6.14
C LEU A 27 -0.75 8.39 -7.45
N LYS A 28 -0.72 9.72 -7.61
CA LYS A 28 -1.11 10.41 -8.85
C LYS A 28 -0.24 10.07 -10.07
N ASN A 29 0.95 9.49 -9.91
CA ASN A 29 1.68 8.85 -11.01
C ASN A 29 0.77 7.80 -11.69
N ASN A 30 0.55 7.94 -13.00
CA ASN A 30 -0.27 6.99 -13.76
C ASN A 30 0.33 5.57 -13.76
N TYR A 31 1.64 5.45 -13.58
CA TYR A 31 2.36 4.17 -13.46
C TYR A 31 2.12 3.49 -12.11
N VAL A 32 1.90 4.27 -11.03
CA VAL A 32 1.59 3.73 -9.70
C VAL A 32 0.14 3.25 -9.64
N ARG A 33 -0.81 4.06 -10.11
CA ARG A 33 -2.24 3.71 -10.02
C ARG A 33 -2.59 2.45 -10.83
N GLU A 34 -1.93 2.23 -11.97
CA GLU A 34 -2.13 1.01 -12.76
C GLU A 34 -1.59 -0.25 -12.04
N VAL A 35 -0.40 -0.18 -11.44
CA VAL A 35 0.21 -1.34 -10.77
C VAL A 35 -0.52 -1.68 -9.47
N PHE A 36 -0.97 -0.68 -8.71
CA PHE A 36 -1.78 -0.87 -7.50
C PHE A 36 -3.15 -1.50 -7.85
N LYS A 37 -3.83 -1.03 -8.90
CA LYS A 37 -5.13 -1.56 -9.34
C LYS A 37 -5.05 -2.96 -9.95
N GLN A 38 -3.94 -3.33 -10.60
CA GLN A 38 -3.69 -4.70 -11.07
C GLN A 38 -3.27 -5.65 -9.94
N PHE A 39 -2.60 -5.16 -8.91
CA PHE A 39 -2.12 -5.97 -7.77
C PHE A 39 -3.28 -6.67 -7.05
N THR A 40 -4.38 -5.97 -6.79
CA THR A 40 -5.53 -6.54 -6.06
C THR A 40 -6.29 -7.63 -6.84
N LEU A 41 -6.16 -7.63 -8.17
CA LEU A 41 -6.79 -8.60 -9.07
C LEU A 41 -5.89 -9.82 -9.38
N SER A 42 -4.60 -9.72 -9.07
CA SER A 42 -3.60 -10.80 -9.25
C SER A 42 -3.94 -12.05 -8.42
N ASN A 43 -3.62 -13.23 -8.97
CA ASN A 43 -3.78 -14.53 -8.29
C ASN A 43 -2.66 -14.81 -7.27
N ASP A 44 -1.53 -14.10 -7.32
CA ASP A 44 -0.40 -14.24 -6.39
C ASP A 44 0.14 -12.86 -5.96
N LYS A 45 -0.35 -12.37 -4.80
CA LYS A 45 0.01 -11.06 -4.24
C LYS A 45 1.49 -10.98 -3.86
N ILE A 46 2.01 -12.02 -3.21
CA ILE A 46 3.42 -12.09 -2.78
C ILE A 46 4.35 -12.14 -4.02
N GLY A 47 4.00 -12.95 -5.03
CA GLY A 47 4.75 -13.04 -6.29
C GLY A 47 4.78 -11.72 -7.08
N TYR A 48 3.72 -10.93 -7.04
CA TYR A 48 3.69 -9.57 -7.61
C TYR A 48 4.60 -8.61 -6.84
N LEU A 49 4.52 -8.57 -5.51
CA LEU A 49 5.34 -7.68 -4.69
C LEU A 49 6.84 -8.01 -4.86
N SER A 50 7.20 -9.29 -4.96
CA SER A 50 8.58 -9.75 -5.23
C SER A 50 9.14 -9.31 -6.59
N HIS A 51 8.32 -8.83 -7.53
CA HIS A 51 8.75 -8.14 -8.75
C HIS A 51 8.81 -6.60 -8.62
N TYR A 52 8.01 -6.00 -7.72
CA TYR A 52 7.93 -4.55 -7.53
C TYR A 52 8.98 -4.01 -6.55
N ILE A 53 9.56 -4.85 -5.69
CA ILE A 53 10.73 -4.51 -4.85
C ILE A 53 11.98 -4.10 -5.65
N ASN A 54 12.01 -4.44 -6.94
CA ASN A 54 13.10 -4.12 -7.87
C ASN A 54 12.80 -2.90 -8.77
N ASP A 55 11.63 -2.25 -8.63
CA ASP A 55 11.26 -1.04 -9.39
C ASP A 55 11.42 0.24 -8.53
N PRO A 56 12.20 1.26 -8.94
CA PRO A 56 12.48 2.43 -8.10
C PRO A 56 11.24 3.29 -7.81
N THR A 57 10.34 3.47 -8.79
CA THR A 57 9.12 4.28 -8.62
C THR A 57 8.14 3.60 -7.66
N ILE A 58 7.94 2.28 -7.79
CA ILE A 58 7.04 1.53 -6.92
C ILE A 58 7.63 1.36 -5.50
N VAL A 59 8.95 1.22 -5.37
CA VAL A 59 9.63 1.23 -4.07
C VAL A 59 9.50 2.58 -3.35
N GLN A 60 9.51 3.71 -4.06
CA GLN A 60 9.47 5.04 -3.43
C GLN A 60 8.10 5.32 -2.79
N VAL A 61 7.03 4.94 -3.48
CA VAL A 61 5.65 5.08 -2.99
C VAL A 61 5.33 4.07 -1.89
N ILE A 62 5.76 2.81 -2.01
CA ILE A 62 5.65 1.81 -0.95
C ILE A 62 6.37 2.27 0.32
N ASP A 63 7.57 2.83 0.20
CA ASP A 63 8.32 3.32 1.35
C ASP A 63 7.58 4.46 2.08
N HIS A 64 6.90 5.34 1.33
CA HIS A 64 6.10 6.44 1.87
C HIS A 64 4.79 5.96 2.54
N ILE A 65 4.12 4.97 1.95
CA ILE A 65 2.94 4.29 2.53
C ILE A 65 3.31 3.63 3.85
N MET A 66 4.37 2.81 3.84
CA MET A 66 4.81 2.09 5.04
C MET A 66 5.36 3.01 6.13
N LYS A 67 5.91 4.19 5.78
CA LYS A 67 6.24 5.26 6.74
C LYS A 67 4.98 5.92 7.31
N THR A 68 3.95 6.14 6.50
CA THR A 68 2.68 6.76 6.91
C THR A 68 1.92 5.93 7.95
N ILE A 69 1.92 4.60 7.82
CA ILE A 69 1.30 3.70 8.81
C ILE A 69 2.18 3.47 10.06
N ASP A 70 3.50 3.60 9.93
CA ASP A 70 4.46 3.51 11.06
C ASP A 70 4.41 4.74 11.99
N ASP A 71 3.89 5.87 11.48
CA ASP A 71 3.70 7.13 12.21
C ASP A 71 2.53 7.11 13.23
N THR A 72 1.82 5.97 13.35
CA THR A 72 0.74 5.71 14.32
C THR A 72 1.21 5.63 15.78
N ASP B 1 13.20 -12.02 7.66
CA ASP B 1 12.04 -12.67 6.97
C ASP B 1 11.16 -11.62 6.28
N ILE B 2 10.26 -12.08 5.39
CA ILE B 2 9.43 -11.23 4.50
C ILE B 2 7.94 -11.19 4.92
N TYR B 3 7.39 -12.31 5.38
CA TYR B 3 5.93 -12.52 5.50
C TYR B 3 5.23 -11.69 6.58
N THR B 4 5.97 -11.21 7.58
CA THR B 4 5.50 -10.26 8.61
C THR B 4 5.37 -8.81 8.09
N TYR B 5 6.13 -8.47 7.04
CA TYR B 5 6.18 -7.13 6.44
C TYR B 5 5.14 -6.96 5.32
N GLU B 6 4.87 -8.04 4.58
CA GLU B 6 3.98 -8.04 3.41
C GLU B 6 2.53 -7.69 3.73
N LYS B 7 1.98 -8.16 4.86
CA LYS B 7 0.56 -7.97 5.19
C LYS B 7 0.21 -6.50 5.43
N LYS B 8 1.07 -5.78 6.14
CA LYS B 8 0.97 -4.34 6.43
C LYS B 8 0.93 -3.52 5.14
N LEU B 9 1.77 -3.90 4.17
CA LEU B 9 1.87 -3.32 2.83
C LEU B 9 0.60 -3.62 2.00
N ILE B 10 0.18 -4.89 1.92
CA ILE B 10 -0.91 -5.34 1.04
C ILE B 10 -2.29 -4.85 1.53
N LYS B 11 -2.54 -4.79 2.84
CA LYS B 11 -3.75 -4.15 3.40
C LYS B 11 -3.82 -2.64 3.08
N SER B 12 -2.67 -1.98 2.99
CA SER B 12 -2.59 -0.58 2.54
C SER B 12 -2.91 -0.43 1.05
N ILE B 13 -2.38 -1.30 0.17
CA ILE B 13 -2.75 -1.35 -1.26
C ILE B 13 -4.27 -1.46 -1.41
N GLU B 14 -4.89 -2.43 -0.73
CA GLU B 14 -6.33 -2.69 -0.81
C GLU B 14 -7.20 -1.50 -0.33
N TYR B 15 -6.79 -0.75 0.70
CA TYR B 15 -7.52 0.45 1.13
C TYR B 15 -7.36 1.61 0.15
N ILE B 16 -6.16 1.80 -0.43
CA ILE B 16 -5.87 2.83 -1.44
C ILE B 16 -6.68 2.60 -2.71
N THR B 17 -6.79 1.34 -3.18
CA THR B 17 -7.54 1.00 -4.41
C THR B 17 -9.06 0.98 -4.24
N LYS B 18 -9.57 0.58 -3.06
CA LYS B 18 -11.02 0.58 -2.75
C LYS B 18 -11.59 1.99 -2.71
N ASN B 19 -10.82 2.96 -2.20
CA ASN B 19 -11.20 4.38 -2.11
C ASN B 19 -10.69 5.22 -3.30
N LYS B 20 -9.83 4.65 -4.17
CA LYS B 20 -9.21 5.28 -5.35
C LYS B 20 -8.59 6.64 -5.04
N PHE B 21 -7.59 6.67 -4.17
CA PHE B 21 -6.94 7.91 -3.69
C PHE B 21 -6.43 8.83 -4.82
N PHE B 22 -6.01 8.21 -5.93
CA PHE B 22 -5.47 8.84 -7.13
C PHE B 22 -6.53 9.44 -8.08
N ASP B 23 -7.82 9.13 -7.90
CA ASP B 23 -8.92 9.55 -8.80
C ASP B 23 -9.45 10.97 -8.45
N ASP B 24 -8.55 11.93 -8.38
CA ASP B 24 -8.81 13.36 -8.15
C ASP B 24 -9.05 14.15 -9.47
N SER B 25 -8.97 13.46 -10.62
CA SER B 25 -9.08 14.02 -11.99
C SER B 25 -10.46 14.61 -12.30
N GLY A 1 -4.65 -11.63 29.54
CA GLY A 1 -3.41 -11.72 28.73
C GLY A 1 -3.50 -10.85 27.48
N PRO A 2 -2.78 -11.22 26.39
CA PRO A 2 -2.79 -10.47 25.12
C PRO A 2 -4.18 -10.32 24.51
N HIS A 3 -4.44 -9.16 23.90
CA HIS A 3 -5.74 -8.77 23.35
C HIS A 3 -5.58 -7.79 22.15
N MET A 4 -6.65 -7.68 21.34
CA MET A 4 -6.68 -7.01 20.03
C MET A 4 -5.71 -7.59 18.99
N ASP A 5 -5.83 -7.13 17.74
CA ASP A 5 -4.94 -7.50 16.62
C ASP A 5 -4.58 -6.26 15.79
N TYR A 6 -3.27 -5.93 15.77
CA TYR A 6 -2.68 -4.79 15.07
C TYR A 6 -1.61 -5.22 14.04
N ASP A 7 -1.67 -6.46 13.55
CA ASP A 7 -0.79 -7.00 12.50
C ASP A 7 -1.33 -6.71 11.07
N MET A 8 -2.29 -5.78 10.97
CA MET A 8 -2.98 -5.32 9.75
C MET A 8 -3.16 -3.78 9.80
N LEU A 9 -3.72 -3.18 8.74
CA LEU A 9 -4.01 -1.75 8.70
C LEU A 9 -5.14 -1.38 9.68
N THR A 10 -4.85 -0.53 10.67
CA THR A 10 -5.80 -0.09 11.72
C THR A 10 -6.65 1.12 11.28
N GLU A 11 -7.71 1.43 12.03
CA GLU A 11 -8.55 2.61 11.79
C GLU A 11 -7.78 3.95 11.86
N GLU A 12 -6.73 4.02 12.68
CA GLU A 12 -5.84 5.18 12.78
C GLU A 12 -4.85 5.27 11.61
N GLN A 13 -4.36 4.12 11.12
CA GLN A 13 -3.50 4.05 9.93
C GLN A 13 -4.28 4.36 8.63
N LYS A 14 -5.56 3.93 8.53
CA LYS A 14 -6.48 4.29 7.43
C LYS A 14 -6.67 5.80 7.27
N LYS A 15 -6.85 6.52 8.39
CA LYS A 15 -6.94 7.99 8.42
C LYS A 15 -5.64 8.64 7.92
N LYS A 16 -4.47 8.17 8.37
CA LYS A 16 -3.17 8.70 7.91
C LYS A 16 -2.95 8.50 6.41
N LEU A 17 -3.43 7.41 5.82
CA LEU A 17 -3.39 7.18 4.36
C LEU A 17 -4.23 8.22 3.58
N LYS A 18 -5.52 8.40 3.92
CA LYS A 18 -6.42 9.26 3.13
C LYS A 18 -6.21 10.76 3.34
N GLU A 19 -5.87 11.17 4.56
CA GLU A 19 -5.73 12.58 4.93
C GLU A 19 -4.36 13.18 4.55
N ASP A 20 -3.30 12.37 4.42
CA ASP A 20 -1.97 12.85 4.05
C ASP A 20 -1.88 13.25 2.56
N HIS A 21 -1.43 14.48 2.29
CA HIS A 21 -1.32 15.02 0.94
C HIS A 21 -0.13 14.45 0.16
N THR A 22 1.02 14.23 0.82
CA THR A 22 2.28 13.80 0.16
C THR A 22 2.17 12.40 -0.46
N LEU A 23 1.41 11.48 0.15
CA LEU A 23 1.09 10.19 -0.47
C LEU A 23 0.34 10.37 -1.81
N LYS A 24 -0.66 11.26 -1.85
CA LYS A 24 -1.44 11.54 -3.05
C LYS A 24 -0.63 12.21 -4.18
N ILE A 25 0.46 12.91 -3.87
CA ILE A 25 1.46 13.40 -4.85
C ILE A 25 2.16 12.22 -5.56
N LEU A 26 2.52 11.16 -4.83
CA LEU A 26 3.18 9.96 -5.39
C LEU A 26 2.22 9.12 -6.24
N LEU A 27 0.93 9.11 -5.87
CA LEU A 27 -0.15 8.46 -6.64
C LEU A 27 -0.54 9.23 -7.93
N LYS A 28 0.01 10.43 -8.18
CA LYS A 28 -0.12 11.13 -9.49
C LYS A 28 0.58 10.38 -10.63
N ASN A 29 1.57 9.54 -10.34
CA ASN A 29 2.17 8.62 -11.30
C ASN A 29 1.09 7.67 -11.84
N ASN A 30 0.80 7.76 -13.15
CA ASN A 30 -0.19 6.90 -13.81
C ASN A 30 0.30 5.44 -13.90
N TYR A 31 1.61 5.20 -13.71
CA TYR A 31 2.18 3.86 -13.54
C TYR A 31 1.84 3.27 -12.17
N VAL A 32 1.92 4.05 -11.08
CA VAL A 32 1.62 3.56 -9.72
C VAL A 32 0.17 3.11 -9.59
N ARG A 33 -0.78 3.92 -10.09
CA ARG A 33 -2.21 3.59 -10.00
C ARG A 33 -2.58 2.34 -10.79
N GLU A 34 -1.99 2.12 -11.97
CA GLU A 34 -2.23 0.87 -12.71
C GLU A 34 -1.65 -0.36 -11.98
N VAL A 35 -0.43 -0.29 -11.45
CA VAL A 35 0.18 -1.46 -10.77
C VAL A 35 -0.49 -1.75 -9.43
N PHE A 36 -0.94 -0.73 -8.69
CA PHE A 36 -1.74 -0.90 -7.47
C PHE A 36 -3.13 -1.51 -7.76
N LYS A 37 -3.81 -1.09 -8.84
CA LYS A 37 -5.13 -1.63 -9.21
C LYS A 37 -5.06 -3.03 -9.81
N GLN A 38 -3.98 -3.38 -10.52
CA GLN A 38 -3.71 -4.76 -10.97
C GLN A 38 -3.31 -5.69 -9.82
N PHE A 39 -2.68 -5.17 -8.76
CA PHE A 39 -2.21 -5.94 -7.60
C PHE A 39 -3.32 -6.75 -6.92
N THR A 40 -4.47 -6.13 -6.68
CA THR A 40 -5.62 -6.77 -6.00
C THR A 40 -6.28 -7.86 -6.84
N LEU A 41 -6.13 -7.81 -8.16
CA LEU A 41 -6.69 -8.74 -9.13
C LEU A 41 -5.73 -9.90 -9.48
N SER A 42 -4.45 -9.76 -9.14
CA SER A 42 -3.40 -10.77 -9.39
C SER A 42 -3.63 -12.08 -8.62
N ASN A 43 -3.16 -13.20 -9.17
CA ASN A 43 -3.44 -14.56 -8.63
C ASN A 43 -2.72 -14.86 -7.30
N ASP A 44 -1.52 -14.31 -7.08
CA ASP A 44 -0.77 -14.39 -5.82
C ASP A 44 -0.06 -13.05 -5.54
N LYS A 45 -0.39 -12.43 -4.40
CA LYS A 45 0.03 -11.06 -4.06
C LYS A 45 1.51 -10.94 -3.67
N ILE A 46 2.05 -11.93 -2.95
CA ILE A 46 3.45 -11.94 -2.49
C ILE A 46 4.44 -11.95 -3.66
N GLY A 47 4.21 -12.81 -4.67
CA GLY A 47 5.03 -12.88 -5.87
C GLY A 47 4.94 -11.62 -6.75
N TYR A 48 3.78 -10.95 -6.73
CA TYR A 48 3.56 -9.70 -7.47
C TYR A 48 4.30 -8.50 -6.85
N LEU A 49 4.32 -8.39 -5.51
CA LEU A 49 5.13 -7.39 -4.80
C LEU A 49 6.63 -7.67 -4.99
N SER A 50 7.02 -8.95 -4.97
CA SER A 50 8.40 -9.40 -5.20
C SER A 50 8.94 -9.07 -6.60
N HIS A 51 8.09 -8.70 -7.56
CA HIS A 51 8.48 -8.18 -8.88
C HIS A 51 8.74 -6.66 -8.88
N TYR A 52 8.07 -5.89 -8.01
CA TYR A 52 8.11 -4.42 -7.99
C TYR A 52 9.10 -3.83 -6.98
N ILE A 53 9.59 -4.61 -6.01
CA ILE A 53 10.75 -4.26 -5.17
C ILE A 53 12.04 -3.97 -5.97
N ASN A 54 12.09 -4.42 -7.23
CA ASN A 54 13.19 -4.17 -8.16
C ASN A 54 12.97 -2.92 -9.05
N ASP A 55 11.82 -2.23 -8.96
CA ASP A 55 11.56 -0.95 -9.66
C ASP A 55 11.70 0.26 -8.70
N PRO A 56 12.54 1.27 -9.03
CA PRO A 56 12.82 2.37 -8.11
C PRO A 56 11.60 3.24 -7.81
N THR A 57 10.73 3.51 -8.79
CA THR A 57 9.52 4.34 -8.60
C THR A 57 8.52 3.65 -7.67
N ILE A 58 8.25 2.35 -7.88
CA ILE A 58 7.33 1.60 -6.99
C ILE A 58 7.91 1.47 -5.57
N VAL A 59 9.23 1.37 -5.43
CA VAL A 59 9.90 1.37 -4.12
C VAL A 59 9.74 2.72 -3.39
N GLN A 60 9.73 3.86 -4.08
CA GLN A 60 9.62 5.17 -3.41
C GLN A 60 8.25 5.34 -2.75
N VAL A 61 7.19 4.99 -3.47
CA VAL A 61 5.80 5.09 -3.01
C VAL A 61 5.46 4.06 -1.93
N ILE A 62 5.91 2.80 -2.08
CA ILE A 62 5.79 1.77 -1.04
C ILE A 62 6.49 2.21 0.24
N ASP A 63 7.71 2.74 0.16
CA ASP A 63 8.45 3.18 1.34
C ASP A 63 7.72 4.34 2.08
N HIS A 64 7.11 5.26 1.33
CA HIS A 64 6.33 6.37 1.89
C HIS A 64 5.02 5.91 2.54
N ILE A 65 4.30 4.96 1.94
CA ILE A 65 3.10 4.33 2.54
C ILE A 65 3.46 3.64 3.86
N MET A 66 4.50 2.81 3.83
CA MET A 66 4.97 2.07 5.01
C MET A 66 5.54 3.00 6.10
N LYS A 67 6.01 4.20 5.76
CA LYS A 67 6.35 5.25 6.73
C LYS A 67 5.12 6.02 7.26
N THR A 68 4.09 6.21 6.43
CA THR A 68 2.83 6.88 6.82
C THR A 68 2.08 6.09 7.90
N ILE A 69 2.10 4.75 7.84
CA ILE A 69 1.48 3.89 8.86
C ILE A 69 2.34 3.72 10.14
N ASP A 70 3.66 3.93 10.03
CA ASP A 70 4.62 3.91 11.14
C ASP A 70 4.52 5.17 12.05
N ASP A 71 3.92 6.24 11.53
CA ASP A 71 3.76 7.56 12.17
C ASP A 71 2.72 7.61 13.33
N THR A 72 2.14 6.46 13.72
CA THR A 72 1.20 6.32 14.85
C THR A 72 1.86 6.46 16.23
N ASP B 1 12.43 -10.88 8.38
CA ASP B 1 11.51 -11.64 7.48
C ASP B 1 10.67 -10.69 6.62
N ILE B 2 10.22 -11.17 5.45
CA ILE B 2 9.42 -10.39 4.49
C ILE B 2 7.93 -10.30 4.86
N TYR B 3 7.34 -11.38 5.39
CA TYR B 3 5.88 -11.51 5.53
C TYR B 3 5.24 -10.52 6.54
N THR B 4 5.98 -10.13 7.58
CA THR B 4 5.56 -9.11 8.56
C THR B 4 5.44 -7.71 7.94
N TYR B 5 6.23 -7.42 6.89
CA TYR B 5 6.16 -6.19 6.10
C TYR B 5 5.03 -6.28 5.05
N GLU B 6 4.87 -7.44 4.41
CA GLU B 6 3.86 -7.66 3.35
C GLU B 6 2.41 -7.49 3.83
N LYS B 7 2.04 -8.01 5.01
CA LYS B 7 0.63 -8.00 5.45
C LYS B 7 0.06 -6.58 5.59
N LYS B 8 0.79 -5.66 6.24
CA LYS B 8 0.38 -4.25 6.38
C LYS B 8 0.46 -3.49 5.05
N LEU B 9 1.46 -3.80 4.20
CA LEU B 9 1.59 -3.21 2.87
C LEU B 9 0.42 -3.58 1.95
N ILE B 10 0.00 -4.84 1.95
CA ILE B 10 -1.11 -5.32 1.11
C ILE B 10 -2.45 -4.77 1.59
N LYS B 11 -2.67 -4.65 2.91
CA LYS B 11 -3.84 -3.94 3.45
C LYS B 11 -3.82 -2.44 3.10
N SER B 12 -2.64 -1.82 3.03
CA SER B 12 -2.49 -0.44 2.54
C SER B 12 -2.84 -0.30 1.06
N ILE B 13 -2.34 -1.19 0.19
CA ILE B 13 -2.66 -1.24 -1.25
C ILE B 13 -4.17 -1.40 -1.44
N GLU B 14 -4.78 -2.38 -0.76
CA GLU B 14 -6.22 -2.67 -0.80
C GLU B 14 -7.09 -1.50 -0.28
N TYR B 15 -6.63 -0.71 0.69
CA TYR B 15 -7.36 0.47 1.15
C TYR B 15 -7.30 1.62 0.12
N ILE B 16 -6.16 1.84 -0.52
CA ILE B 16 -5.96 2.85 -1.58
C ILE B 16 -6.83 2.53 -2.81
N THR B 17 -6.92 1.26 -3.21
CA THR B 17 -7.77 0.81 -4.34
C THR B 17 -9.27 0.82 -4.00
N LYS B 18 -9.69 0.29 -2.85
CA LYS B 18 -11.12 0.13 -2.48
C LYS B 18 -11.84 1.46 -2.28
N ASN B 19 -11.13 2.46 -1.73
CA ASN B 19 -11.62 3.83 -1.57
C ASN B 19 -11.33 4.72 -2.80
N LYS B 20 -10.75 4.15 -3.87
CA LYS B 20 -10.48 4.78 -5.17
C LYS B 20 -9.77 6.13 -5.05
N PHE B 21 -8.60 6.12 -4.40
CA PHE B 21 -7.76 7.32 -4.22
C PHE B 21 -7.48 8.03 -5.56
N PHE B 22 -7.21 7.25 -6.62
CA PHE B 22 -7.07 7.71 -8.01
C PHE B 22 -7.67 6.71 -9.02
N ASP B 23 -8.99 6.55 -8.97
CA ASP B 23 -9.78 5.79 -9.95
C ASP B 23 -11.16 6.45 -10.14
N ASP B 24 -11.50 6.80 -11.39
CA ASP B 24 -12.67 7.63 -11.73
C ASP B 24 -13.99 6.86 -12.01
N SER B 25 -13.91 5.53 -12.17
CA SER B 25 -15.06 4.65 -12.47
C SER B 25 -16.06 4.53 -11.33
N GLY A 1 -9.93 -22.27 17.19
CA GLY A 1 -10.35 -21.83 15.84
C GLY A 1 -9.20 -21.80 14.84
N PRO A 2 -9.47 -21.50 13.56
CA PRO A 2 -8.45 -21.39 12.50
C PRO A 2 -7.54 -20.17 12.67
N HIS A 3 -6.41 -20.17 11.95
CA HIS A 3 -5.47 -19.05 11.90
C HIS A 3 -6.05 -17.81 11.18
N MET A 4 -5.63 -16.62 11.61
CA MET A 4 -6.03 -15.32 11.02
C MET A 4 -4.88 -14.31 11.13
N ASP A 5 -4.70 -13.50 10.07
CA ASP A 5 -3.64 -12.50 9.97
C ASP A 5 -4.04 -11.14 10.59
N TYR A 6 -3.86 -11.02 11.90
CA TYR A 6 -4.12 -9.78 12.67
C TYR A 6 -3.00 -8.73 12.56
N ASP A 7 -2.02 -8.98 11.70
CA ASP A 7 -0.94 -8.07 11.29
C ASP A 7 -1.39 -7.11 10.15
N MET A 8 -2.64 -6.64 10.23
CA MET A 8 -3.33 -5.85 9.21
C MET A 8 -3.27 -4.34 9.50
N LEU A 9 -3.76 -3.56 8.53
CA LEU A 9 -3.88 -2.10 8.61
C LEU A 9 -5.00 -1.69 9.59
N THR A 10 -4.70 -0.83 10.57
CA THR A 10 -5.67 -0.39 11.60
C THR A 10 -6.55 0.77 11.14
N GLU A 11 -7.65 1.02 11.87
CA GLU A 11 -8.56 2.15 11.61
C GLU A 11 -7.90 3.52 11.77
N GLU A 12 -6.90 3.62 12.64
CA GLU A 12 -6.07 4.83 12.83
C GLU A 12 -5.11 5.02 11.64
N GLN A 13 -4.48 3.94 11.18
CA GLN A 13 -3.54 4.00 10.04
C GLN A 13 -4.26 4.28 8.71
N LYS A 14 -5.48 3.77 8.51
CA LYS A 14 -6.38 4.12 7.38
C LYS A 14 -6.64 5.63 7.28
N LYS A 15 -6.90 6.30 8.41
CA LYS A 15 -7.08 7.76 8.48
C LYS A 15 -5.79 8.51 8.13
N LYS A 16 -4.64 8.06 8.65
CA LYS A 16 -3.32 8.67 8.38
C LYS A 16 -2.92 8.61 6.90
N LEU A 17 -3.28 7.54 6.18
CA LEU A 17 -3.08 7.44 4.73
C LEU A 17 -3.90 8.50 3.97
N LYS A 18 -5.23 8.58 4.17
CA LYS A 18 -6.11 9.48 3.39
C LYS A 18 -5.90 10.96 3.68
N GLU A 19 -5.56 11.30 4.93
CA GLU A 19 -5.31 12.68 5.37
C GLU A 19 -3.93 13.23 4.95
N ASP A 20 -2.96 12.38 4.59
CA ASP A 20 -1.64 12.83 4.14
C ASP A 20 -1.65 13.26 2.66
N HIS A 21 -1.29 14.52 2.39
CA HIS A 21 -1.29 15.10 1.04
C HIS A 21 -0.11 14.62 0.18
N THR A 22 1.09 14.48 0.75
CA THR A 22 2.31 14.09 0.03
C THR A 22 2.20 12.68 -0.58
N LEU A 23 1.54 11.74 0.11
CA LEU A 23 1.21 10.43 -0.44
C LEU A 23 0.39 10.54 -1.73
N LYS A 24 -0.68 11.35 -1.71
CA LYS A 24 -1.59 11.49 -2.84
C LYS A 24 -0.93 12.10 -4.09
N ILE A 25 0.14 12.89 -3.94
CA ILE A 25 0.98 13.36 -5.07
C ILE A 25 1.64 12.17 -5.81
N LEU A 26 2.21 11.20 -5.08
CA LEU A 26 2.84 10.00 -5.65
C LEU A 26 1.82 9.09 -6.37
N LEU A 27 0.57 9.11 -5.89
CA LEU A 27 -0.57 8.40 -6.48
C LEU A 27 -1.16 9.12 -7.73
N LYS A 28 -0.71 10.33 -8.08
CA LYS A 28 -0.97 10.96 -9.40
C LYS A 28 -0.08 10.44 -10.54
N ASN A 29 0.97 9.65 -10.25
CA ASN A 29 1.68 8.91 -11.29
C ASN A 29 0.74 7.88 -11.94
N ASN A 30 0.66 7.90 -13.27
CA ASN A 30 -0.08 6.89 -14.04
C ASN A 30 0.58 5.49 -13.92
N TYR A 31 1.90 5.45 -13.68
CA TYR A 31 2.69 4.24 -13.52
C TYR A 31 2.45 3.55 -12.16
N VAL A 32 2.07 4.30 -11.12
CA VAL A 32 1.72 3.75 -9.80
C VAL A 32 0.29 3.22 -9.79
N ARG A 33 -0.68 4.01 -10.29
CA ARG A 33 -2.09 3.61 -10.28
C ARG A 33 -2.36 2.35 -11.10
N GLU A 34 -1.64 2.13 -12.19
CA GLU A 34 -1.77 0.90 -12.98
C GLU A 34 -1.25 -0.34 -12.23
N VAL A 35 -0.11 -0.24 -11.53
CA VAL A 35 0.48 -1.38 -10.81
C VAL A 35 -0.30 -1.69 -9.54
N PHE A 36 -0.79 -0.68 -8.82
CA PHE A 36 -1.62 -0.86 -7.62
C PHE A 36 -2.98 -1.50 -7.95
N LYS A 37 -3.65 -1.06 -9.03
CA LYS A 37 -4.97 -1.57 -9.42
C LYS A 37 -4.91 -2.99 -10.01
N GLN A 38 -3.80 -3.39 -10.63
CA GLN A 38 -3.57 -4.79 -11.06
C GLN A 38 -3.15 -5.71 -9.91
N PHE A 39 -2.44 -5.20 -8.89
CA PHE A 39 -1.96 -5.97 -7.73
C PHE A 39 -3.08 -6.71 -6.99
N THR A 40 -4.22 -6.03 -6.78
CA THR A 40 -5.38 -6.59 -6.05
C THR A 40 -6.09 -7.70 -6.83
N LEU A 41 -5.96 -7.73 -8.15
CA LEU A 41 -6.58 -8.71 -9.05
C LEU A 41 -5.68 -9.92 -9.35
N SER A 42 -4.37 -9.81 -9.07
CA SER A 42 -3.37 -10.85 -9.25
C SER A 42 -3.62 -12.09 -8.37
N ASN A 43 -3.16 -13.26 -8.84
CA ASN A 43 -3.44 -14.56 -8.25
C ASN A 43 -2.78 -14.78 -6.87
N ASP A 44 -1.52 -14.34 -6.70
CA ASP A 44 -0.73 -14.49 -5.48
C ASP A 44 0.06 -13.21 -5.17
N LYS A 45 -0.40 -12.46 -4.17
CA LYS A 45 0.08 -11.10 -3.86
C LYS A 45 1.54 -11.06 -3.41
N ILE A 46 2.01 -12.08 -2.68
CA ILE A 46 3.41 -12.18 -2.21
C ILE A 46 4.37 -12.30 -3.40
N GLY A 47 4.07 -13.20 -4.35
CA GLY A 47 4.85 -13.38 -5.57
C GLY A 47 4.82 -12.14 -6.48
N TYR A 48 3.70 -11.41 -6.49
CA TYR A 48 3.54 -10.18 -7.26
C TYR A 48 4.30 -8.98 -6.66
N LEU A 49 4.36 -8.87 -5.34
CA LEU A 49 5.18 -7.86 -4.64
C LEU A 49 6.67 -8.06 -4.94
N SER A 50 7.14 -9.30 -4.99
CA SER A 50 8.53 -9.64 -5.34
C SER A 50 8.97 -9.21 -6.76
N HIS A 51 8.05 -8.83 -7.64
CA HIS A 51 8.38 -8.15 -8.90
C HIS A 51 8.73 -6.65 -8.68
N TYR A 52 7.97 -5.95 -7.84
CA TYR A 52 7.98 -4.48 -7.75
C TYR A 52 9.03 -3.93 -6.78
N ILE A 53 9.64 -4.79 -5.96
CA ILE A 53 10.87 -4.47 -5.20
C ILE A 53 12.02 -4.00 -6.11
N ASN A 54 11.96 -4.34 -7.40
CA ASN A 54 12.98 -4.02 -8.41
C ASN A 54 12.75 -2.66 -9.12
N ASP A 55 11.55 -2.09 -9.03
CA ASP A 55 11.11 -0.90 -9.78
C ASP A 55 11.10 0.36 -8.88
N PRO A 56 12.01 1.34 -9.07
CA PRO A 56 12.24 2.41 -8.10
C PRO A 56 11.02 3.33 -7.88
N THR A 57 10.24 3.60 -8.93
CA THR A 57 9.01 4.41 -8.84
C THR A 57 7.99 3.76 -7.89
N ILE A 58 7.94 2.43 -7.84
CA ILE A 58 7.04 1.66 -6.97
C ILE A 58 7.64 1.49 -5.57
N VAL A 59 8.97 1.34 -5.47
CA VAL A 59 9.67 1.28 -4.17
C VAL A 59 9.54 2.61 -3.39
N GLN A 60 9.57 3.77 -4.07
CA GLN A 60 9.53 5.08 -3.42
C GLN A 60 8.15 5.36 -2.79
N VAL A 61 7.07 5.02 -3.51
CA VAL A 61 5.69 5.17 -3.02
C VAL A 61 5.35 4.14 -1.94
N ILE A 62 5.77 2.88 -2.09
CA ILE A 62 5.63 1.86 -1.03
C ILE A 62 6.35 2.30 0.24
N ASP A 63 7.58 2.81 0.13
CA ASP A 63 8.33 3.26 1.30
C ASP A 63 7.64 4.43 2.01
N HIS A 64 7.02 5.35 1.25
CA HIS A 64 6.27 6.49 1.79
C HIS A 64 4.93 6.07 2.44
N ILE A 65 4.20 5.12 1.85
CA ILE A 65 3.00 4.48 2.45
C ILE A 65 3.36 3.82 3.78
N MET A 66 4.38 2.96 3.76
CA MET A 66 4.85 2.26 4.96
C MET A 66 5.37 3.21 6.05
N LYS A 67 5.95 4.36 5.68
CA LYS A 67 6.37 5.41 6.62
C LYS A 67 5.20 6.25 7.15
N THR A 68 4.13 6.43 6.37
CA THR A 68 2.90 7.13 6.79
C THR A 68 2.17 6.37 7.89
N ILE A 69 2.10 5.03 7.78
CA ILE A 69 1.49 4.17 8.81
C ILE A 69 2.40 3.93 10.03
N ASP A 70 3.72 4.04 9.85
CA ASP A 70 4.72 4.05 10.94
C ASP A 70 4.60 5.30 11.82
N ASP A 71 4.38 6.46 11.21
CA ASP A 71 4.18 7.77 11.85
C ASP A 71 5.34 8.24 12.77
N THR A 72 6.50 7.57 12.67
CA THR A 72 7.83 7.95 13.21
C THR A 72 7.86 8.37 14.69
N ASP B 1 12.25 -10.02 8.62
CA ASP B 1 11.80 -10.82 7.45
C ASP B 1 10.80 -10.02 6.61
N ILE B 2 10.73 -10.32 5.31
CA ILE B 2 9.82 -9.64 4.36
C ILE B 2 8.35 -10.03 4.58
N TYR B 3 8.08 -11.29 4.92
CA TYR B 3 6.73 -11.87 4.95
C TYR B 3 5.82 -11.29 6.05
N THR B 4 6.40 -10.77 7.14
CA THR B 4 5.67 -10.04 8.20
C THR B 4 5.45 -8.57 7.85
N TYR B 5 6.39 -7.95 7.13
CA TYR B 5 6.31 -6.55 6.67
C TYR B 5 5.27 -6.35 5.57
N GLU B 6 5.11 -7.35 4.68
CA GLU B 6 4.14 -7.33 3.57
C GLU B 6 2.67 -7.28 4.01
N LYS B 7 2.31 -7.72 5.21
CA LYS B 7 0.89 -7.83 5.63
C LYS B 7 0.22 -6.47 5.84
N LYS B 8 0.93 -5.48 6.37
CA LYS B 8 0.47 -4.08 6.44
C LYS B 8 0.61 -3.35 5.09
N LEU B 9 1.62 -3.72 4.29
CA LEU B 9 1.87 -3.19 2.95
C LEU B 9 0.69 -3.51 2.01
N ILE B 10 0.29 -4.78 1.93
CA ILE B 10 -0.78 -5.25 1.05
C ILE B 10 -2.16 -4.75 1.50
N LYS B 11 -2.40 -4.65 2.82
CA LYS B 11 -3.63 -4.02 3.34
C LYS B 11 -3.66 -2.51 3.10
N SER B 12 -2.52 -1.84 2.97
CA SER B 12 -2.45 -0.46 2.46
C SER B 12 -2.77 -0.39 0.97
N ILE B 13 -2.26 -1.31 0.13
CA ILE B 13 -2.61 -1.39 -1.31
C ILE B 13 -4.13 -1.53 -1.48
N GLU B 14 -4.74 -2.54 -0.83
CA GLU B 14 -6.17 -2.83 -0.90
C GLU B 14 -7.06 -1.69 -0.32
N TYR B 15 -6.55 -0.88 0.62
CA TYR B 15 -7.26 0.30 1.12
C TYR B 15 -7.19 1.49 0.15
N ILE B 16 -6.01 1.76 -0.41
CA ILE B 16 -5.76 2.87 -1.36
C ILE B 16 -6.54 2.66 -2.67
N THR B 17 -6.58 1.44 -3.19
CA THR B 17 -7.35 1.10 -4.41
C THR B 17 -8.86 1.19 -4.21
N LYS B 18 -9.40 0.63 -3.11
CA LYS B 18 -10.84 0.58 -2.82
C LYS B 18 -11.47 1.98 -2.61
N ASN B 19 -10.75 2.85 -1.91
CA ASN B 19 -11.13 4.25 -1.66
C ASN B 19 -10.67 5.20 -2.79
N LYS B 20 -10.04 4.70 -3.84
CA LYS B 20 -9.73 5.39 -5.11
C LYS B 20 -8.97 6.71 -4.90
N PHE B 21 -7.90 6.66 -4.11
CA PHE B 21 -7.04 7.83 -3.78
C PHE B 21 -6.53 8.54 -5.06
N PHE B 22 -6.36 7.78 -6.14
CA PHE B 22 -5.91 8.22 -7.46
C PHE B 22 -6.73 9.39 -8.02
N ASP B 23 -8.06 9.36 -7.83
CA ASP B 23 -9.06 10.23 -8.43
C ASP B 23 -9.95 10.89 -7.37
N ASP B 24 -9.32 11.43 -6.32
CA ASP B 24 -9.98 12.15 -5.21
C ASP B 24 -10.74 13.42 -5.66
N SER B 25 -10.32 14.05 -6.77
CA SER B 25 -10.94 15.26 -7.38
C SER B 25 -11.01 15.14 -8.91
N GLY A 1 -5.46 -21.67 14.05
CA GLY A 1 -4.47 -20.60 13.80
C GLY A 1 -4.08 -19.90 15.10
N PRO A 2 -2.78 -19.88 15.48
CA PRO A 2 -2.32 -19.25 16.74
C PRO A 2 -2.46 -17.72 16.77
N HIS A 3 -2.44 -17.05 15.62
CA HIS A 3 -2.50 -15.58 15.50
C HIS A 3 -3.94 -15.05 15.61
N MET A 4 -4.04 -13.79 16.07
CA MET A 4 -5.31 -13.07 16.31
C MET A 4 -5.51 -11.92 15.31
N ASP A 5 -6.61 -11.19 15.42
CA ASP A 5 -7.04 -10.12 14.50
C ASP A 5 -6.30 -8.78 14.71
N TYR A 6 -4.96 -8.83 14.70
CA TYR A 6 -4.05 -7.67 14.66
C TYR A 6 -3.31 -7.51 13.32
N ASP A 7 -3.61 -8.35 12.35
CA ASP A 7 -3.06 -8.34 10.98
C ASP A 7 -3.96 -7.54 10.02
N MET A 8 -4.37 -6.34 10.44
CA MET A 8 -5.30 -5.46 9.71
C MET A 8 -4.86 -3.99 9.81
N LEU A 9 -5.13 -3.20 8.77
CA LEU A 9 -4.96 -1.74 8.80
C LEU A 9 -5.96 -1.10 9.79
N THR A 10 -5.48 -0.32 10.76
CA THR A 10 -6.32 0.31 11.80
C THR A 10 -7.08 1.53 11.26
N GLU A 11 -8.10 2.00 11.98
CA GLU A 11 -8.82 3.22 11.59
C GLU A 11 -7.92 4.46 11.58
N GLU A 12 -6.94 4.53 12.48
CA GLU A 12 -5.96 5.61 12.52
C GLU A 12 -5.03 5.56 11.30
N GLN A 13 -4.56 4.37 10.92
CA GLN A 13 -3.71 4.17 9.75
C GLN A 13 -4.46 4.44 8.43
N LYS A 14 -5.74 4.07 8.34
CA LYS A 14 -6.67 4.47 7.26
C LYS A 14 -6.82 5.99 7.15
N LYS A 15 -7.07 6.67 8.28
CA LYS A 15 -7.20 8.14 8.36
C LYS A 15 -5.89 8.84 7.93
N LYS A 16 -4.73 8.35 8.40
CA LYS A 16 -3.41 8.85 8.01
C LYS A 16 -3.14 8.74 6.51
N LEU A 17 -3.54 7.63 5.87
CA LEU A 17 -3.41 7.45 4.42
C LEU A 17 -4.26 8.46 3.62
N LYS A 18 -5.55 8.61 3.93
CA LYS A 18 -6.44 9.49 3.13
C LYS A 18 -6.21 10.99 3.35
N GLU A 19 -5.85 11.39 4.57
CA GLU A 19 -5.60 12.80 4.92
C GLU A 19 -4.19 13.31 4.54
N ASP A 20 -3.16 12.45 4.49
CA ASP A 20 -1.82 12.88 4.11
C ASP A 20 -1.76 13.32 2.62
N HIS A 21 -1.28 14.54 2.38
CA HIS A 21 -1.21 15.15 1.05
C HIS A 21 0.01 14.66 0.24
N THR A 22 1.15 14.43 0.89
CA THR A 22 2.41 13.99 0.25
C THR A 22 2.27 12.61 -0.42
N LEU A 23 1.46 11.70 0.14
CA LEU A 23 1.11 10.42 -0.49
C LEU A 23 0.38 10.62 -1.83
N LYS A 24 -0.56 11.57 -1.91
CA LYS A 24 -1.30 11.86 -3.13
C LYS A 24 -0.41 12.40 -4.27
N ILE A 25 0.72 13.03 -3.94
CA ILE A 25 1.77 13.44 -4.91
C ILE A 25 2.48 12.23 -5.54
N LEU A 26 2.60 11.11 -4.82
CA LEU A 26 3.17 9.86 -5.32
C LEU A 26 2.14 9.01 -6.09
N LEU A 27 0.87 9.09 -5.69
CA LEU A 27 -0.27 8.42 -6.35
C LEU A 27 -0.75 9.15 -7.64
N LYS A 28 -0.27 10.36 -7.93
CA LYS A 28 -0.57 11.10 -9.17
C LYS A 28 -0.02 10.41 -10.43
N ASN A 29 1.03 9.61 -10.26
CA ASN A 29 1.67 8.83 -11.33
C ASN A 29 0.70 7.78 -11.90
N ASN A 30 0.55 7.78 -13.24
CA ASN A 30 -0.22 6.77 -13.96
C ASN A 30 0.41 5.37 -13.86
N TYR A 31 1.74 5.30 -13.61
CA TYR A 31 2.48 4.05 -13.44
C TYR A 31 2.23 3.40 -12.08
N VAL A 32 1.97 4.19 -11.04
CA VAL A 32 1.63 3.68 -9.69
C VAL A 32 0.21 3.16 -9.65
N ARG A 33 -0.77 3.91 -10.17
CA ARG A 33 -2.18 3.53 -10.13
C ARG A 33 -2.48 2.25 -10.90
N GLU A 34 -1.80 2.01 -12.02
CA GLU A 34 -1.95 0.75 -12.77
C GLU A 34 -1.41 -0.46 -11.99
N VAL A 35 -0.25 -0.34 -11.35
CA VAL A 35 0.38 -1.47 -10.63
C VAL A 35 -0.35 -1.76 -9.32
N PHE A 36 -0.84 -0.73 -8.61
CA PHE A 36 -1.65 -0.90 -7.40
C PHE A 36 -3.01 -1.56 -7.72
N LYS A 37 -3.69 -1.15 -8.79
CA LYS A 37 -5.00 -1.70 -9.17
C LYS A 37 -4.88 -3.13 -9.74
N GLN A 38 -3.84 -3.45 -10.50
CA GLN A 38 -3.59 -4.82 -10.96
C GLN A 38 -3.21 -5.78 -9.82
N PHE A 39 -2.61 -5.26 -8.74
CA PHE A 39 -2.18 -6.07 -7.59
C PHE A 39 -3.33 -6.84 -6.95
N THR A 40 -4.47 -6.20 -6.70
CA THR A 40 -5.62 -6.82 -6.02
C THR A 40 -6.31 -7.90 -6.86
N LEU A 41 -6.16 -7.82 -8.20
CA LEU A 41 -6.73 -8.77 -9.15
C LEU A 41 -5.82 -9.99 -9.40
N SER A 42 -4.52 -9.88 -9.07
CA SER A 42 -3.53 -10.96 -9.25
C SER A 42 -3.85 -12.19 -8.39
N ASN A 43 -3.55 -13.38 -8.90
CA ASN A 43 -3.80 -14.67 -8.24
C ASN A 43 -2.79 -14.99 -7.10
N ASP A 44 -1.59 -14.38 -7.13
CA ASP A 44 -0.55 -14.54 -6.11
C ASP A 44 0.01 -13.16 -5.72
N LYS A 45 -0.40 -12.65 -4.57
CA LYS A 45 -0.05 -11.29 -4.09
C LYS A 45 1.44 -11.14 -3.79
N ILE A 46 2.04 -12.13 -3.13
CA ILE A 46 3.48 -12.17 -2.83
C ILE A 46 4.30 -12.27 -4.12
N GLY A 47 3.87 -13.12 -5.06
CA GLY A 47 4.48 -13.26 -6.38
C GLY A 47 4.37 -12.01 -7.27
N TYR A 48 3.39 -11.13 -7.02
CA TYR A 48 3.26 -9.85 -7.71
C TYR A 48 4.14 -8.76 -7.07
N LEU A 49 4.17 -8.67 -5.73
CA LEU A 49 4.99 -7.70 -4.99
C LEU A 49 6.49 -7.95 -5.22
N SER A 50 6.89 -9.22 -5.34
CA SER A 50 8.29 -9.62 -5.58
C SER A 50 8.86 -9.13 -6.93
N HIS A 51 8.02 -8.66 -7.86
CA HIS A 51 8.42 -8.00 -9.10
C HIS A 51 8.52 -6.47 -9.02
N TYR A 52 8.01 -5.85 -7.96
CA TYR A 52 8.00 -4.39 -7.75
C TYR A 52 8.97 -3.88 -6.66
N ILE A 53 9.45 -4.76 -5.76
CA ILE A 53 10.52 -4.46 -4.79
C ILE A 53 11.86 -4.04 -5.42
N ASN A 54 12.03 -4.29 -6.72
CA ASN A 54 13.18 -3.87 -7.52
C ASN A 54 12.91 -2.66 -8.44
N ASP A 55 11.70 -2.08 -8.43
CA ASP A 55 11.32 -0.93 -9.27
C ASP A 55 11.50 0.42 -8.54
N PRO A 56 12.27 1.38 -9.07
CA PRO A 56 12.63 2.61 -8.33
C PRO A 56 11.46 3.59 -8.15
N THR A 57 10.40 3.50 -8.95
CA THR A 57 9.17 4.29 -8.75
C THR A 57 8.28 3.63 -7.70
N ILE A 58 8.03 2.33 -7.81
CA ILE A 58 7.11 1.61 -6.91
C ILE A 58 7.70 1.45 -5.51
N VAL A 59 9.02 1.27 -5.38
CA VAL A 59 9.72 1.22 -4.07
C VAL A 59 9.54 2.52 -3.27
N GLN A 60 9.53 3.69 -3.92
CA GLN A 60 9.50 4.99 -3.25
C GLN A 60 8.11 5.34 -2.71
N VAL A 61 7.05 5.01 -3.45
CA VAL A 61 5.66 5.15 -2.98
C VAL A 61 5.34 4.15 -1.86
N ILE A 62 5.79 2.89 -1.98
CA ILE A 62 5.69 1.87 -0.92
C ILE A 62 6.38 2.35 0.35
N ASP A 63 7.60 2.91 0.23
CA ASP A 63 8.37 3.38 1.39
C ASP A 63 7.64 4.51 2.14
N HIS A 64 6.99 5.42 1.42
CA HIS A 64 6.23 6.53 2.01
C HIS A 64 4.93 6.06 2.69
N ILE A 65 4.21 5.10 2.10
CA ILE A 65 3.04 4.44 2.71
C ILE A 65 3.44 3.75 4.02
N MET A 66 4.47 2.90 3.95
CA MET A 66 5.00 2.17 5.11
C MET A 66 5.48 3.11 6.22
N LYS A 67 6.10 4.25 5.88
CA LYS A 67 6.50 5.31 6.82
C LYS A 67 5.30 5.96 7.50
N THR A 68 4.24 6.24 6.74
CA THR A 68 3.00 6.87 7.22
C THR A 68 2.26 5.99 8.23
N ILE A 69 2.17 4.67 8.00
CA ILE A 69 1.44 3.76 8.92
C ILE A 69 2.22 3.36 10.17
N ASP A 70 3.55 3.34 10.09
CA ASP A 70 4.40 2.87 11.21
C ASP A 70 4.85 3.99 12.15
N ASP A 71 4.95 5.23 11.63
CA ASP A 71 5.51 6.41 12.32
C ASP A 71 6.89 6.19 12.99
N THR A 72 7.63 5.14 12.56
CA THR A 72 8.97 4.76 13.05
C THR A 72 10.08 5.75 12.67
N ASP B 1 13.65 -10.45 7.51
CA ASP B 1 12.70 -11.35 6.78
C ASP B 1 11.77 -10.54 5.90
N ILE B 2 11.34 -11.10 4.76
CA ILE B 2 10.49 -10.40 3.77
C ILE B 2 9.00 -10.46 4.13
N TYR B 3 8.48 -11.62 4.54
CA TYR B 3 7.02 -11.89 4.60
C TYR B 3 6.27 -10.99 5.60
N THR B 4 6.91 -10.61 6.71
CA THR B 4 6.34 -9.65 7.70
C THR B 4 6.15 -8.24 7.10
N TYR B 5 7.03 -7.83 6.19
CA TYR B 5 6.94 -6.56 5.45
C TYR B 5 5.86 -6.61 4.36
N GLU B 6 5.69 -7.76 3.68
CA GLU B 6 4.66 -7.92 2.64
C GLU B 6 3.24 -7.83 3.22
N LYS B 7 2.95 -8.58 4.30
CA LYS B 7 1.60 -8.72 4.85
C LYS B 7 0.97 -7.39 5.26
N LYS B 8 1.70 -6.58 6.04
CA LYS B 8 1.22 -5.24 6.50
C LYS B 8 1.09 -4.20 5.38
N LEU B 9 1.90 -4.32 4.32
CA LEU B 9 1.84 -3.49 3.12
C LEU B 9 0.61 -3.80 2.24
N ILE B 10 0.25 -5.08 2.09
CA ILE B 10 -0.88 -5.50 1.24
C ILE B 10 -2.22 -4.97 1.76
N LYS B 11 -2.37 -4.78 3.08
CA LYS B 11 -3.54 -4.12 3.69
C LYS B 11 -3.71 -2.68 3.17
N SER B 12 -2.61 -1.95 3.01
CA SER B 12 -2.61 -0.57 2.49
C SER B 12 -2.88 -0.53 0.99
N ILE B 13 -2.34 -1.46 0.19
CA ILE B 13 -2.62 -1.57 -1.26
C ILE B 13 -4.14 -1.74 -1.47
N GLU B 14 -4.75 -2.69 -0.75
CA GLU B 14 -6.20 -2.93 -0.78
C GLU B 14 -7.03 -1.72 -0.31
N TYR B 15 -6.58 -0.99 0.72
CA TYR B 15 -7.31 0.20 1.20
C TYR B 15 -7.28 1.36 0.20
N ILE B 16 -6.12 1.64 -0.41
CA ILE B 16 -5.92 2.70 -1.41
C ILE B 16 -6.72 2.41 -2.69
N THR B 17 -6.73 1.16 -3.15
CA THR B 17 -7.51 0.72 -4.34
C THR B 17 -9.03 0.72 -4.08
N LYS B 18 -9.50 0.13 -2.97
CA LYS B 18 -10.93 -0.06 -2.66
C LYS B 18 -11.69 1.26 -2.43
N ASN B 19 -10.98 2.26 -1.90
CA ASN B 19 -11.49 3.63 -1.69
C ASN B 19 -11.10 4.60 -2.83
N LYS B 20 -10.51 4.09 -3.92
CA LYS B 20 -10.21 4.79 -5.18
C LYS B 20 -9.51 6.14 -4.98
N PHE B 21 -8.35 6.12 -4.31
CA PHE B 21 -7.52 7.33 -4.08
C PHE B 21 -7.07 8.02 -5.38
N PHE B 22 -6.90 7.24 -6.46
CA PHE B 22 -6.39 7.67 -7.76
C PHE B 22 -7.33 7.42 -8.95
N ASP B 23 -8.58 6.98 -8.71
CA ASP B 23 -9.54 6.55 -9.73
C ASP B 23 -10.88 7.30 -9.60
N ASP B 24 -10.85 8.62 -9.84
CA ASP B 24 -12.02 9.51 -9.75
C ASP B 24 -12.94 9.49 -10.99
N SER B 25 -12.54 8.76 -12.04
CA SER B 25 -13.23 8.66 -13.35
C SER B 25 -14.61 8.00 -13.28
N GLY A 1 4.20 -18.00 24.81
CA GLY A 1 2.74 -17.87 24.81
C GLY A 1 2.24 -17.09 23.59
N PRO A 2 1.05 -16.45 23.69
CA PRO A 2 0.46 -15.67 22.60
C PRO A 2 1.30 -14.47 22.13
N HIS A 3 0.98 -13.94 20.95
CA HIS A 3 1.59 -12.75 20.33
C HIS A 3 0.53 -11.85 19.69
N MET A 4 0.85 -10.56 19.51
CA MET A 4 0.00 -9.59 18.81
C MET A 4 -0.17 -9.94 17.32
N ASP A 5 -1.40 -9.79 16.81
CA ASP A 5 -1.81 -10.09 15.43
C ASP A 5 -1.95 -8.79 14.60
N TYR A 6 -0.87 -7.98 14.57
CA TYR A 6 -0.80 -6.66 13.94
C TYR A 6 -0.74 -6.67 12.39
N ASP A 7 -1.25 -7.73 11.76
CA ASP A 7 -1.25 -7.96 10.30
C ASP A 7 -2.35 -7.18 9.54
N MET A 8 -3.04 -6.26 10.22
CA MET A 8 -4.23 -5.53 9.76
C MET A 8 -4.06 -4.01 9.90
N LEU A 9 -4.62 -3.25 8.95
CA LEU A 9 -4.62 -1.79 8.92
C LEU A 9 -5.64 -1.21 9.93
N THR A 10 -5.21 -0.38 10.87
CA THR A 10 -6.06 0.23 11.92
C THR A 10 -6.87 1.42 11.41
N GLU A 11 -7.88 1.84 12.16
CA GLU A 11 -8.69 3.04 11.85
C GLU A 11 -7.86 4.34 11.81
N GLU A 12 -6.83 4.45 12.65
CA GLU A 12 -5.86 5.55 12.62
C GLU A 12 -5.01 5.49 11.34
N GLN A 13 -4.51 4.32 10.96
CA GLN A 13 -3.70 4.15 9.76
C GLN A 13 -4.51 4.42 8.47
N LYS A 14 -5.78 4.00 8.42
CA LYS A 14 -6.76 4.35 7.36
C LYS A 14 -6.96 5.85 7.20
N LYS A 15 -7.11 6.59 8.32
CA LYS A 15 -7.21 8.06 8.33
C LYS A 15 -5.91 8.72 7.87
N LYS A 16 -4.75 8.24 8.33
CA LYS A 16 -3.42 8.79 7.99
C LYS A 16 -3.10 8.68 6.50
N LEU A 17 -3.48 7.58 5.84
CA LEU A 17 -3.31 7.41 4.39
C LEU A 17 -4.08 8.47 3.58
N LYS A 18 -5.35 8.73 3.90
CA LYS A 18 -6.19 9.68 3.14
C LYS A 18 -5.96 11.15 3.49
N GLU A 19 -5.62 11.45 4.73
CA GLU A 19 -5.33 12.82 5.21
C GLU A 19 -3.93 13.31 4.80
N ASP A 20 -2.95 12.41 4.61
CA ASP A 20 -1.62 12.80 4.13
C ASP A 20 -1.66 13.12 2.63
N HIS A 21 -1.36 14.38 2.28
CA HIS A 21 -1.42 14.87 0.90
C HIS A 21 -0.12 14.65 0.10
N THR A 22 1.02 14.40 0.76
CA THR A 22 2.29 14.03 0.10
C THR A 22 2.22 12.65 -0.57
N LEU A 23 1.58 11.66 0.09
CA LEU A 23 1.20 10.38 -0.52
C LEU A 23 0.27 10.58 -1.72
N LYS A 24 -0.65 11.54 -1.62
CA LYS A 24 -1.60 11.89 -2.70
C LYS A 24 -0.89 12.42 -3.95
N ILE A 25 0.28 13.06 -3.81
CA ILE A 25 1.14 13.45 -4.96
C ILE A 25 1.78 12.22 -5.62
N LEU A 26 2.26 11.24 -4.85
CA LEU A 26 2.88 10.01 -5.38
C LEU A 26 1.86 9.14 -6.14
N LEU A 27 0.61 9.13 -5.68
CA LEU A 27 -0.51 8.47 -6.36
C LEU A 27 -0.94 9.17 -7.68
N LYS A 28 -0.45 10.37 -8.00
CA LYS A 28 -0.63 11.00 -9.33
C LYS A 28 0.29 10.41 -10.41
N ASN A 29 1.26 9.57 -10.04
CA ASN A 29 2.02 8.77 -10.99
C ASN A 29 1.10 7.70 -11.60
N ASN A 30 0.84 7.77 -12.91
CA ASN A 30 -0.02 6.81 -13.61
C ASN A 30 0.57 5.37 -13.60
N TYR A 31 1.89 5.25 -13.44
CA TYR A 31 2.60 3.98 -13.31
C TYR A 31 2.34 3.30 -11.96
N VAL A 32 2.06 4.06 -10.89
CA VAL A 32 1.75 3.52 -9.55
C VAL A 32 0.32 3.02 -9.50
N ARG A 33 -0.64 3.80 -9.99
CA ARG A 33 -2.07 3.41 -9.94
C ARG A 33 -2.37 2.15 -10.78
N GLU A 34 -1.72 1.97 -11.92
CA GLU A 34 -1.88 0.74 -12.73
C GLU A 34 -1.35 -0.50 -12.00
N VAL A 35 -0.18 -0.41 -11.35
CA VAL A 35 0.42 -1.56 -10.64
C VAL A 35 -0.35 -1.86 -9.33
N PHE A 36 -0.85 -0.84 -8.62
CA PHE A 36 -1.70 -0.99 -7.44
C PHE A 36 -3.05 -1.63 -7.78
N LYS A 37 -3.71 -1.24 -8.88
CA LYS A 37 -5.00 -1.82 -9.30
C LYS A 37 -4.87 -3.25 -9.83
N GLN A 38 -3.84 -3.55 -10.62
CA GLN A 38 -3.55 -4.93 -11.05
C GLN A 38 -3.17 -5.85 -9.87
N PHE A 39 -2.60 -5.30 -8.79
CA PHE A 39 -2.22 -6.06 -7.61
C PHE A 39 -3.40 -6.82 -6.97
N THR A 40 -4.54 -6.15 -6.76
CA THR A 40 -5.70 -6.74 -6.06
C THR A 40 -6.43 -7.81 -6.88
N LEU A 41 -6.27 -7.78 -8.21
CA LEU A 41 -6.86 -8.76 -9.14
C LEU A 41 -6.00 -10.02 -9.33
N SER A 42 -4.70 -9.94 -8.97
CA SER A 42 -3.78 -11.09 -9.00
C SER A 42 -4.21 -12.22 -8.06
N ASN A 43 -3.98 -13.47 -8.46
CA ASN A 43 -4.23 -14.66 -7.64
C ASN A 43 -3.06 -15.01 -6.68
N ASP A 44 -1.88 -14.38 -6.85
CA ASP A 44 -0.71 -14.54 -6.00
C ASP A 44 -0.11 -13.17 -5.67
N LYS A 45 -0.52 -12.60 -4.52
CA LYS A 45 -0.14 -11.25 -4.09
C LYS A 45 1.36 -11.10 -3.82
N ILE A 46 1.98 -12.08 -3.15
CA ILE A 46 3.41 -12.09 -2.85
C ILE A 46 4.25 -12.20 -4.12
N GLY A 47 3.85 -13.08 -5.05
CA GLY A 47 4.46 -13.23 -6.37
C GLY A 47 4.31 -12.00 -7.28
N TYR A 48 3.29 -11.17 -7.06
CA TYR A 48 3.12 -9.88 -7.74
C TYR A 48 4.05 -8.81 -7.14
N LEU A 49 4.09 -8.68 -5.81
CA LEU A 49 4.87 -7.62 -5.13
C LEU A 49 6.39 -7.82 -5.30
N SER A 50 6.86 -9.07 -5.37
CA SER A 50 8.28 -9.39 -5.57
C SER A 50 8.88 -8.84 -6.88
N HIS A 51 8.06 -8.50 -7.87
CA HIS A 51 8.48 -7.82 -9.11
C HIS A 51 8.62 -6.29 -8.95
N TYR A 52 8.06 -5.71 -7.87
CA TYR A 52 8.01 -4.26 -7.62
C TYR A 52 8.82 -3.78 -6.40
N ILE A 53 9.21 -4.68 -5.48
CA ILE A 53 10.28 -4.39 -4.49
C ILE A 53 11.65 -4.16 -5.19
N ASN A 54 11.77 -4.65 -6.43
CA ASN A 54 12.91 -4.46 -7.33
C ASN A 54 12.73 -3.28 -8.32
N ASP A 55 11.61 -2.54 -8.27
CA ASP A 55 11.34 -1.37 -9.13
C ASP A 55 11.56 -0.05 -8.34
N PRO A 56 12.44 0.86 -8.78
CA PRO A 56 12.79 2.05 -8.00
C PRO A 56 11.65 3.06 -7.83
N THR A 57 10.74 3.16 -8.81
CA THR A 57 9.58 4.07 -8.74
C THR A 57 8.52 3.56 -7.77
N ILE A 58 8.21 2.26 -7.81
CA ILE A 58 7.26 1.67 -6.85
C ILE A 58 7.85 1.63 -5.43
N VAL A 59 9.17 1.48 -5.29
CA VAL A 59 9.86 1.59 -3.99
C VAL A 59 9.71 2.98 -3.35
N GLN A 60 9.68 4.07 -4.13
CA GLN A 60 9.56 5.42 -3.54
C GLN A 60 8.22 5.61 -2.83
N VAL A 61 7.14 5.16 -3.49
CA VAL A 61 5.76 5.29 -2.99
C VAL A 61 5.45 4.29 -1.88
N ILE A 62 5.91 3.04 -2.00
CA ILE A 62 5.80 2.03 -0.92
C ILE A 62 6.50 2.52 0.35
N ASP A 63 7.72 3.06 0.23
CA ASP A 63 8.45 3.56 1.39
C ASP A 63 7.69 4.69 2.12
N HIS A 64 6.99 5.54 1.36
CA HIS A 64 6.18 6.64 1.91
C HIS A 64 4.87 6.14 2.55
N ILE A 65 4.17 5.17 1.93
CA ILE A 65 2.98 4.51 2.50
C ILE A 65 3.33 3.83 3.82
N MET A 66 4.39 3.03 3.81
CA MET A 66 4.86 2.27 4.98
C MET A 66 5.35 3.16 6.12
N LYS A 67 5.80 4.40 5.83
CA LYS A 67 6.07 5.43 6.83
C LYS A 67 4.80 6.15 7.30
N THR A 68 3.83 6.40 6.41
CA THR A 68 2.55 7.05 6.75
C THR A 68 1.78 6.23 7.80
N ILE A 69 1.82 4.90 7.73
CA ILE A 69 1.20 4.00 8.73
C ILE A 69 2.06 3.80 10.00
N ASP A 70 3.37 4.03 9.93
CA ASP A 70 4.30 4.04 11.08
C ASP A 70 4.15 5.31 11.95
N ASP A 71 3.63 6.39 11.38
CA ASP A 71 3.33 7.68 12.02
C ASP A 71 2.05 7.67 12.90
N THR A 72 1.72 6.53 13.51
CA THR A 72 0.66 6.37 14.53
C THR A 72 0.96 7.14 15.83
N ASP B 1 13.24 -10.73 7.92
CA ASP B 1 12.40 -11.48 6.96
C ASP B 1 11.50 -10.54 6.15
N ILE B 2 11.08 -10.96 4.96
CA ILE B 2 10.23 -10.17 4.04
C ILE B 2 8.75 -10.20 4.43
N TYR B 3 8.20 -11.36 4.79
CA TYR B 3 6.75 -11.58 4.89
C TYR B 3 6.04 -10.74 5.96
N THR B 4 6.74 -10.40 7.04
CA THR B 4 6.23 -9.51 8.11
C THR B 4 5.98 -8.08 7.63
N TYR B 5 6.74 -7.63 6.63
CA TYR B 5 6.57 -6.33 5.96
C TYR B 5 5.46 -6.40 4.89
N GLU B 6 5.42 -7.48 4.09
CA GLU B 6 4.46 -7.68 2.99
C GLU B 6 3.00 -7.65 3.47
N LYS B 7 2.66 -8.36 4.56
CA LYS B 7 1.27 -8.50 5.04
C LYS B 7 0.61 -7.16 5.35
N LYS B 8 1.34 -6.23 5.95
CA LYS B 8 0.87 -4.87 6.31
C LYS B 8 0.86 -3.92 5.12
N LEU B 9 1.85 -4.04 4.23
CA LEU B 9 1.92 -3.32 2.95
C LEU B 9 0.71 -3.62 2.05
N ILE B 10 0.32 -4.89 1.95
CA ILE B 10 -0.81 -5.35 1.13
C ILE B 10 -2.15 -4.79 1.61
N LYS B 11 -2.36 -4.64 2.93
CA LYS B 11 -3.56 -3.96 3.46
C LYS B 11 -3.63 -2.50 3.00
N SER B 12 -2.51 -1.79 2.95
CA SER B 12 -2.45 -0.41 2.45
C SER B 12 -2.74 -0.34 0.95
N ILE B 13 -2.20 -1.25 0.13
CA ILE B 13 -2.55 -1.35 -1.31
C ILE B 13 -4.06 -1.51 -1.47
N GLU B 14 -4.64 -2.52 -0.81
CA GLU B 14 -6.05 -2.87 -0.88
C GLU B 14 -6.97 -1.74 -0.36
N TYR B 15 -6.54 -0.98 0.65
CA TYR B 15 -7.31 0.16 1.16
C TYR B 15 -7.33 1.35 0.18
N ILE B 16 -6.19 1.66 -0.45
CA ILE B 16 -6.07 2.74 -1.45
C ILE B 16 -6.92 2.43 -2.70
N THR B 17 -6.91 1.19 -3.18
CA THR B 17 -7.73 0.77 -4.34
C THR B 17 -9.23 0.69 -4.02
N LYS B 18 -9.63 0.06 -2.90
CA LYS B 18 -11.04 -0.18 -2.55
C LYS B 18 -11.81 1.12 -2.22
N ASN B 19 -11.12 2.07 -1.60
CA ASN B 19 -11.65 3.41 -1.26
C ASN B 19 -11.34 4.45 -2.36
N LYS B 20 -10.75 4.03 -3.48
CA LYS B 20 -10.69 4.75 -4.76
C LYS B 20 -10.08 6.15 -4.63
N PHE B 21 -8.84 6.21 -4.14
CA PHE B 21 -8.12 7.47 -3.89
C PHE B 21 -8.04 8.37 -5.13
N PHE B 22 -7.87 7.77 -6.33
CA PHE B 22 -8.03 8.45 -7.64
C PHE B 22 -8.98 7.70 -8.60
N ASP B 23 -9.53 6.57 -8.17
CA ASP B 23 -10.16 5.56 -9.03
C ASP B 23 -11.70 5.63 -9.06
N ASP B 24 -12.26 6.77 -8.66
CA ASP B 24 -13.71 7.00 -8.49
C ASP B 24 -14.46 7.22 -9.82
N SER B 25 -13.71 7.46 -10.90
CA SER B 25 -14.22 7.75 -12.26
C SER B 25 -14.98 6.58 -12.90
#